data_9G7A
#
_entry.id   9G7A
#
_cell.length_a   1.00
_cell.length_b   1.00
_cell.length_c   1.00
_cell.angle_alpha   90.00
_cell.angle_beta   90.00
_cell.angle_gamma   90.00
#
_symmetry.space_group_name_H-M   'P 1'
#
loop_
_entity.id
_entity.type
_entity.pdbx_description
1 polymer 'Gamma-aminobutyric acid receptor subunit rho-1'
2 non-polymer 2-acetamido-2-deoxy-beta-D-glucopyranose
3 non-polymer HEXANE
4 non-polymer N-OCTANE
5 non-polymer 1-[(~{Z})-2-chloranyl-2-(2,4-dichlorophenyl)ethenyl]-1,2,4-triazole
6 non-polymer 'CHLORIDE ION'
7 water water
#
_entity_poly.entity_id   1
_entity_poly.type   'polypeptide(L)'
_entity_poly.pdbx_seq_one_letter_code
;MLAVPNMRFGIFLLWWGWVLATESRMHWPGREVHEMSKKGRPQRQRREVHEDAHKQVSPILRRSPDITKSPLTKSEQLLR
IDDHDFSMRPGFGGPAIPVGVDVQVESLDSISEVDMDFTMTLYLRHYWKDERLSFPSTNNLSMTFDGRLVKKIWVPDMFF
VHSKRSFIHDTTTDNVMLRVQPDGKVLYSLRVTVTAMCNMDFSRFPLDTQTCSLEIESYAYTEDDLMLYWKKGNDSLKTD
ERISLSQFLIQEFHTTTKLAFYSSTGWYNRLYINFTLRRHIFFFLLQTYFPATLMVMLSWVSFWIDRRAVPARVPLGITT
VLTMSTIITGVNASMPRVSYIKAVDIYLWVSFVFVFLSVLEYAAVNYLTTVQERKEQKLREKLPCTSGLPPPRTAMLDGN
YSDGEVNDLDNYMPENGEKPDRMMVQLTLASERSSPQRKSQRSSYVSMRIDTHAIDKYSRIIFPAAYILFNLIYWSIFS
;
_entity_poly.pdbx_strand_id   A,B,C,D,E
#
# COMPACT_ATOMS: atom_id res chain seq x y z
N LYS A 74 -48.77 -17.84 11.83
CA LYS A 74 -47.50 -17.17 12.07
C LYS A 74 -46.71 -17.91 13.15
N SER A 75 -45.47 -18.27 12.82
CA SER A 75 -44.63 -18.99 13.78
C SER A 75 -44.23 -18.12 14.96
N GLU A 76 -44.23 -16.79 14.78
CA GLU A 76 -43.82 -15.92 15.89
C GLU A 76 -44.92 -15.72 16.91
N GLN A 77 -46.14 -16.19 16.62
CA GLN A 77 -47.23 -16.27 17.57
C GLN A 77 -47.21 -17.54 18.40
N LEU A 78 -46.45 -18.57 18.01
CA LEU A 78 -46.28 -19.72 18.90
C LEU A 78 -45.44 -19.36 20.11
N LEU A 79 -44.47 -18.46 19.94
CA LEU A 79 -43.77 -17.86 21.05
C LEU A 79 -44.49 -16.58 21.45
N ARG A 80 -44.86 -16.47 22.72
CA ARG A 80 -45.61 -15.31 23.21
C ARG A 80 -44.65 -14.13 23.33
N ILE A 81 -44.33 -13.54 22.17
CA ILE A 81 -43.32 -12.50 22.12
C ILE A 81 -43.78 -11.25 22.86
N ASP A 82 -45.05 -10.86 22.69
CA ASP A 82 -45.53 -9.63 23.33
C ASP A 82 -45.98 -9.85 24.77
N ASP A 83 -45.87 -11.07 25.30
CA ASP A 83 -46.25 -11.34 26.68
C ASP A 83 -45.07 -11.32 27.62
N HIS A 84 -43.87 -11.01 27.13
CA HIS A 84 -42.73 -10.95 28.04
C HIS A 84 -41.85 -9.74 27.76
N ASP A 85 -41.11 -9.32 28.78
CA ASP A 85 -40.14 -8.23 28.67
C ASP A 85 -38.80 -8.86 28.36
N PHE A 86 -38.38 -8.74 27.09
CA PHE A 86 -37.11 -9.30 26.65
C PHE A 86 -35.97 -8.31 26.74
N SER A 87 -36.09 -7.30 27.60
CA SER A 87 -34.97 -6.44 27.94
C SER A 87 -34.25 -6.88 29.21
N MET A 88 -34.78 -7.87 29.92
CA MET A 88 -34.16 -8.46 31.09
C MET A 88 -33.75 -9.90 30.79
N ARG A 89 -32.71 -10.35 31.47
CA ARG A 89 -32.18 -11.69 31.25
C ARG A 89 -33.11 -12.78 31.80
N PRO A 90 -32.97 -14.01 31.31
CA PRO A 90 -33.66 -15.13 31.97
C PRO A 90 -33.16 -15.33 33.40
N GLY A 91 -34.09 -15.63 34.30
CA GLY A 91 -33.74 -15.83 35.70
C GLY A 91 -33.40 -14.55 36.44
N PHE A 92 -33.87 -13.40 35.94
CA PHE A 92 -33.60 -12.12 36.57
C PHE A 92 -34.00 -12.14 38.04
N GLY A 93 -33.15 -11.59 38.89
CA GLY A 93 -33.43 -11.57 40.30
C GLY A 93 -32.76 -12.66 41.09
N GLY A 94 -32.27 -13.71 40.42
CA GLY A 94 -31.78 -14.89 41.09
C GLY A 94 -30.38 -15.26 40.65
N PRO A 95 -30.00 -16.54 40.83
CA PRO A 95 -28.69 -17.00 40.37
C PRO A 95 -28.43 -16.69 38.89
N ALA A 96 -27.14 -16.55 38.59
CA ALA A 96 -26.67 -16.26 37.24
C ALA A 96 -26.99 -17.39 36.28
N ILE A 97 -27.22 -17.03 35.02
CA ILE A 97 -27.57 -17.98 33.96
C ILE A 97 -26.30 -18.46 33.28
N PRO A 98 -26.05 -19.76 33.22
CA PRO A 98 -24.86 -20.25 32.53
C PRO A 98 -25.01 -20.25 31.01
N VAL A 99 -23.92 -19.88 30.33
CA VAL A 99 -23.88 -19.79 28.88
C VAL A 99 -22.64 -20.52 28.38
N GLY A 100 -22.83 -21.55 27.56
CA GLY A 100 -21.72 -22.34 27.03
C GLY A 100 -21.36 -21.93 25.61
N VAL A 101 -20.08 -22.09 25.27
CA VAL A 101 -19.52 -21.57 24.03
C VAL A 101 -18.70 -22.66 23.34
N ASP A 102 -18.83 -22.74 22.01
CA ASP A 102 -17.97 -23.54 21.13
C ASP A 102 -17.46 -22.67 20.01
N VAL A 103 -16.27 -23.00 19.48
CA VAL A 103 -15.62 -22.22 18.42
C VAL A 103 -15.06 -23.16 17.37
N GLN A 104 -15.26 -22.80 16.09
CA GLN A 104 -14.67 -23.49 14.96
C GLN A 104 -13.91 -22.47 14.12
N VAL A 105 -12.60 -22.66 13.98
CA VAL A 105 -11.73 -21.73 13.26
C VAL A 105 -11.65 -22.15 11.81
N GLU A 106 -12.00 -21.24 10.89
CA GLU A 106 -12.01 -21.55 9.46
C GLU A 106 -10.68 -21.26 8.78
N SER A 107 -10.06 -20.11 9.05
CA SER A 107 -8.80 -19.78 8.39
C SER A 107 -8.07 -18.68 9.15
N LEU A 108 -6.77 -18.57 8.85
CA LEU A 108 -5.95 -17.45 9.28
C LEU A 108 -5.61 -16.63 8.05
N ASP A 109 -6.02 -15.37 8.05
CA ASP A 109 -6.06 -14.61 6.80
C ASP A 109 -4.78 -13.84 6.51
N SER A 110 -4.17 -13.23 7.52
CA SER A 110 -2.96 -12.44 7.31
C SER A 110 -2.31 -12.15 8.65
N ILE A 111 -1.07 -11.67 8.59
CA ILE A 111 -0.34 -11.25 9.79
C ILE A 111 0.55 -10.07 9.40
N SER A 112 0.63 -9.08 10.29
CA SER A 112 1.41 -7.86 10.06
C SER A 112 2.46 -7.75 11.16
N GLU A 113 3.73 -7.81 10.79
CA GLU A 113 4.82 -7.76 11.76
C GLU A 113 5.10 -6.34 12.23
N VAL A 114 4.92 -5.35 11.36
CA VAL A 114 5.21 -3.97 11.76
C VAL A 114 4.14 -3.46 12.73
N ASP A 115 2.87 -3.73 12.43
CA ASP A 115 1.76 -3.27 13.25
C ASP A 115 1.42 -4.25 14.37
N MET A 116 1.95 -5.47 14.33
CA MET A 116 1.81 -6.46 15.39
C MET A 116 0.33 -6.83 15.62
N ASP A 117 -0.24 -7.50 14.62
CA ASP A 117 -1.61 -8.01 14.71
C ASP A 117 -1.79 -9.16 13.72
N PHE A 118 -2.92 -9.86 13.87
CA PHE A 118 -3.30 -10.97 13.00
C PHE A 118 -4.81 -10.98 12.79
N THR A 119 -5.26 -11.67 11.73
CA THR A 119 -6.66 -11.70 11.33
C THR A 119 -7.14 -13.15 11.16
N MET A 120 -8.37 -13.43 11.62
CA MET A 120 -8.92 -14.78 11.66
C MET A 120 -10.42 -14.75 11.38
N THR A 121 -10.92 -15.83 10.78
CA THR A 121 -12.35 -16.02 10.46
C THR A 121 -12.85 -17.26 11.16
N LEU A 122 -14.01 -17.19 11.83
CA LEU A 122 -14.42 -18.32 12.66
C LEU A 122 -15.94 -18.40 12.78
N TYR A 123 -16.44 -19.51 13.34
CA TYR A 123 -17.85 -19.67 13.71
C TYR A 123 -17.96 -19.63 15.22
N LEU A 124 -18.93 -18.86 15.74
CA LEU A 124 -19.17 -18.73 17.17
C LEU A 124 -20.56 -19.24 17.50
N ARG A 125 -20.66 -20.15 18.47
CA ARG A 125 -21.91 -20.80 18.85
C ARG A 125 -22.18 -20.61 20.34
N HIS A 126 -23.44 -20.32 20.70
CA HIS A 126 -23.87 -20.16 22.09
C HIS A 126 -24.99 -21.14 22.44
N TYR A 127 -25.05 -21.49 23.72
CA TYR A 127 -26.05 -22.45 24.21
C TYR A 127 -26.60 -22.03 25.58
N TRP A 128 -27.92 -21.85 25.72
CA TRP A 128 -28.55 -21.49 26.99
C TRP A 128 -30.03 -21.87 26.93
N LYS A 129 -30.71 -21.72 28.07
CA LYS A 129 -32.10 -22.15 28.18
C LYS A 129 -32.95 -20.99 28.66
N ASP A 130 -34.13 -20.84 28.07
CA ASP A 130 -35.05 -19.76 28.43
C ASP A 130 -36.47 -20.33 28.41
N GLU A 131 -37.09 -20.43 29.59
CA GLU A 131 -38.43 -21.00 29.69
C GLU A 131 -39.49 -20.14 29.01
N ARG A 132 -39.22 -18.86 28.79
CA ARG A 132 -40.20 -17.99 28.14
C ARG A 132 -40.41 -18.33 26.67
N LEU A 133 -39.48 -19.06 26.05
CA LEU A 133 -39.57 -19.41 24.64
C LEU A 133 -40.19 -20.79 24.41
N SER A 134 -40.66 -21.44 25.47
CA SER A 134 -41.21 -22.79 25.30
C SER A 134 -42.55 -22.72 24.56
N PHE A 135 -42.79 -23.72 23.70
CA PHE A 135 -44.03 -23.77 22.94
C PHE A 135 -44.58 -25.19 22.91
N PRO A 136 -45.90 -25.33 22.82
CA PRO A 136 -46.47 -26.68 22.71
C PRO A 136 -46.18 -27.31 21.36
N SER A 137 -46.10 -28.64 21.39
CA SER A 137 -45.84 -29.43 20.19
C SER A 137 -46.38 -30.84 20.40
N THR A 138 -46.91 -31.41 19.31
CA THR A 138 -47.34 -32.80 19.29
C THR A 138 -46.22 -33.74 18.85
N ASN A 139 -45.03 -33.21 18.64
CA ASN A 139 -43.86 -33.97 18.22
C ASN A 139 -42.64 -33.33 18.89
N ASN A 140 -41.45 -33.73 18.47
CA ASN A 140 -40.22 -33.19 19.04
C ASN A 140 -39.42 -32.40 18.01
N LEU A 141 -40.10 -31.67 17.14
CA LEU A 141 -39.44 -30.90 16.08
C LEU A 141 -39.17 -29.48 16.57
N SER A 142 -38.03 -28.94 16.17
CA SER A 142 -37.64 -27.59 16.55
C SER A 142 -37.93 -26.60 15.41
N MET A 143 -37.94 -25.32 15.77
CA MET A 143 -38.20 -24.24 14.83
C MET A 143 -36.94 -23.41 14.62
N THR A 144 -36.70 -23.01 13.36
CA THR A 144 -35.48 -22.32 12.97
C THR A 144 -35.80 -20.94 12.41
N PHE A 145 -34.99 -19.95 12.77
CA PHE A 145 -35.21 -18.57 12.40
C PHE A 145 -33.90 -17.95 11.94
N ASP A 146 -34.00 -16.85 11.18
CA ASP A 146 -32.81 -16.12 10.76
C ASP A 146 -32.61 -14.90 11.66
N GLY A 147 -31.76 -13.98 11.24
CA GLY A 147 -31.35 -12.91 12.16
C GLY A 147 -32.43 -11.90 12.49
N ARG A 148 -33.54 -11.91 11.74
CA ARG A 148 -34.57 -10.91 11.99
C ARG A 148 -35.24 -11.07 13.35
N LEU A 149 -35.23 -12.28 13.94
CA LEU A 149 -35.82 -12.54 15.25
C LEU A 149 -34.92 -12.08 16.39
N VAL A 150 -33.66 -11.76 16.11
CA VAL A 150 -32.72 -11.49 17.19
C VAL A 150 -33.11 -10.21 17.92
N LYS A 151 -33.67 -9.25 17.18
CA LYS A 151 -34.05 -7.97 17.76
C LYS A 151 -35.30 -8.04 18.63
N LYS A 152 -36.02 -9.17 18.62
CA LYS A 152 -37.22 -9.35 19.43
C LYS A 152 -37.02 -10.11 20.73
N ILE A 153 -35.87 -10.78 20.94
CA ILE A 153 -35.66 -11.56 22.16
C ILE A 153 -34.33 -11.16 22.79
N TRP A 154 -34.07 -11.73 23.95
CA TRP A 154 -32.81 -11.49 24.66
C TRP A 154 -31.73 -12.45 24.17
N VAL A 155 -30.53 -11.93 23.94
CA VAL A 155 -29.38 -12.76 23.56
C VAL A 155 -28.14 -12.23 24.25
N PRO A 156 -27.11 -13.07 24.41
CA PRO A 156 -25.91 -12.62 25.12
C PRO A 156 -25.07 -11.67 24.29
N ASP A 157 -24.36 -10.77 24.99
CA ASP A 157 -23.62 -9.70 24.33
C ASP A 157 -22.10 -9.93 24.39
N MET A 158 -21.62 -10.86 23.57
CA MET A 158 -20.19 -11.14 23.58
C MET A 158 -19.46 -10.14 22.68
N PHE A 159 -18.25 -9.76 23.13
CA PHE A 159 -17.31 -8.96 22.34
C PHE A 159 -15.88 -9.48 22.49
N PHE A 160 -15.00 -9.07 21.56
CA PHE A 160 -13.63 -9.54 21.51
C PHE A 160 -12.71 -8.49 22.14
N VAL A 161 -11.95 -8.90 23.17
CA VAL A 161 -11.09 -8.00 23.92
C VAL A 161 -9.79 -7.81 23.17
N HIS A 162 -9.28 -6.57 23.16
CA HIS A 162 -8.02 -6.19 22.52
C HIS A 162 -8.07 -6.35 21.00
N SER A 163 -9.22 -6.09 20.39
CA SER A 163 -9.33 -6.17 18.94
C SER A 163 -9.30 -4.77 18.33
N LYS A 164 -8.93 -4.71 17.06
CA LYS A 164 -8.82 -3.46 16.32
C LYS A 164 -9.97 -3.20 15.36
N ARG A 165 -10.47 -4.24 14.67
CA ARG A 165 -11.71 -4.15 13.90
C ARG A 165 -12.33 -5.53 13.73
N SER A 166 -13.62 -5.56 13.41
CA SER A 166 -14.34 -6.81 13.17
C SER A 166 -15.66 -6.53 12.46
N PHE A 167 -16.22 -7.58 11.84
CA PHE A 167 -17.51 -7.47 11.17
C PHE A 167 -18.15 -8.86 11.01
N ILE A 168 -19.47 -8.85 10.78
CA ILE A 168 -20.27 -10.06 10.56
C ILE A 168 -20.62 -10.15 9.08
N HIS A 169 -20.40 -11.33 8.49
CA HIS A 169 -20.63 -11.51 7.06
C HIS A 169 -22.11 -11.44 6.72
N ASP A 170 -22.43 -10.88 5.53
CA ASP A 170 -23.84 -10.61 5.20
C ASP A 170 -24.19 -10.90 3.74
N THR A 171 -23.53 -11.86 3.10
CA THR A 171 -23.86 -12.26 1.73
C THR A 171 -24.20 -13.73 1.72
N THR A 172 -25.34 -14.10 1.11
CA THR A 172 -26.26 -13.19 0.43
C THR A 172 -27.26 -12.52 1.38
N THR A 173 -27.29 -13.01 2.61
CA THR A 173 -28.00 -12.36 3.70
C THR A 173 -27.17 -12.54 4.96
N ASP A 174 -27.67 -12.00 6.07
CA ASP A 174 -26.93 -12.06 7.32
C ASP A 174 -26.68 -13.50 7.74
N ASN A 175 -25.42 -13.81 8.05
CA ASN A 175 -24.97 -15.17 8.36
C ASN A 175 -25.24 -15.50 9.83
N VAL A 176 -26.52 -15.51 10.19
CA VAL A 176 -26.99 -15.73 11.57
C VAL A 176 -28.12 -16.75 11.60
N MET A 177 -28.14 -17.60 12.64
CA MET A 177 -29.14 -18.65 12.78
C MET A 177 -29.57 -18.81 14.23
N LEU A 178 -30.85 -19.09 14.44
CA LEU A 178 -31.40 -19.42 15.76
C LEU A 178 -32.26 -20.67 15.65
N ARG A 179 -32.08 -21.59 16.59
CA ARG A 179 -32.84 -22.83 16.65
C ARG A 179 -33.40 -22.98 18.06
N VAL A 180 -34.71 -23.19 18.16
CA VAL A 180 -35.40 -23.22 19.44
C VAL A 180 -36.04 -24.58 19.66
N GLN A 181 -35.70 -25.23 20.79
CA GLN A 181 -36.31 -26.52 21.11
C GLN A 181 -37.69 -26.32 21.76
N PRO A 182 -38.54 -27.36 21.77
CA PRO A 182 -39.85 -27.20 22.43
C PRO A 182 -39.77 -26.83 23.91
N ASP A 183 -38.69 -27.20 24.59
CA ASP A 183 -38.58 -26.95 26.02
C ASP A 183 -37.85 -25.65 26.35
N GLY A 184 -37.43 -24.90 25.33
CA GLY A 184 -36.81 -23.61 25.52
C GLY A 184 -35.30 -23.57 25.40
N LYS A 185 -34.66 -24.64 24.95
CA LYS A 185 -33.22 -24.60 24.70
C LYS A 185 -32.92 -23.90 23.38
N VAL A 186 -31.86 -23.10 23.37
CA VAL A 186 -31.55 -22.22 22.24
C VAL A 186 -30.11 -22.43 21.77
N LEU A 187 -29.93 -22.47 20.45
CA LEU A 187 -28.61 -22.43 19.83
C LEU A 187 -28.52 -21.18 18.94
N TYR A 188 -27.42 -20.45 19.06
CA TYR A 188 -27.20 -19.15 18.44
C TYR A 188 -25.83 -19.18 17.76
N SER A 189 -25.83 -19.04 16.44
CA SER A 189 -24.65 -19.28 15.61
C SER A 189 -24.43 -18.13 14.64
N LEU A 190 -23.18 -17.65 14.53
CA LEU A 190 -22.87 -16.62 13.53
C LEU A 190 -21.42 -16.72 13.05
N ARG A 191 -21.16 -16.14 11.87
CA ARG A 191 -19.85 -16.19 11.22
C ARG A 191 -19.22 -14.80 11.19
N VAL A 192 -17.96 -14.70 11.67
CA VAL A 192 -17.33 -13.41 11.95
C VAL A 192 -15.84 -13.42 11.59
N THR A 193 -15.31 -12.23 11.27
CA THR A 193 -13.89 -12.01 10.98
C THR A 193 -13.37 -10.91 11.90
N VAL A 194 -12.20 -11.14 12.50
CA VAL A 194 -11.67 -10.26 13.55
C VAL A 194 -10.17 -10.05 13.37
N THR A 195 -9.71 -8.83 13.67
CA THR A 195 -8.29 -8.49 13.71
C THR A 195 -7.90 -8.15 15.15
N ALA A 196 -6.86 -8.80 15.68
CA ALA A 196 -6.50 -8.69 17.09
C ALA A 196 -5.01 -8.40 17.24
N MET A 197 -4.65 -7.69 18.33
CA MET A 197 -3.26 -7.31 18.58
C MET A 197 -2.45 -8.48 19.14
N CYS A 198 -1.14 -8.43 18.89
CA CYS A 198 -0.23 -9.44 19.39
C CYS A 198 1.15 -8.82 19.54
N ASN A 199 1.58 -8.58 20.78
CA ASN A 199 2.90 -8.03 21.03
C ASN A 199 3.97 -9.06 20.67
N MET A 200 4.97 -8.63 19.91
CA MET A 200 6.04 -9.50 19.42
C MET A 200 7.40 -8.96 19.85
N ASP A 201 8.37 -9.87 19.96
CA ASP A 201 9.73 -9.53 20.37
C ASP A 201 10.69 -10.12 19.34
N PHE A 202 11.46 -9.25 18.68
CA PHE A 202 12.32 -9.67 17.57
C PHE A 202 13.80 -9.71 17.97
N SER A 203 14.10 -9.86 19.26
CA SER A 203 15.49 -9.78 19.69
C SER A 203 16.32 -10.94 19.13
N ARG A 204 15.71 -12.12 19.02
CA ARG A 204 16.39 -13.35 18.63
C ARG A 204 16.20 -13.68 17.15
N PHE A 205 15.70 -12.73 16.36
CA PHE A 205 15.40 -12.99 14.96
C PHE A 205 16.68 -13.43 14.23
N PRO A 206 16.62 -14.44 13.34
CA PRO A 206 15.45 -15.21 12.89
C PRO A 206 15.12 -16.44 13.74
N LEU A 207 15.61 -16.53 14.98
CA LEU A 207 15.36 -17.74 15.76
C LEU A 207 14.33 -17.50 16.85
N ASP A 208 13.45 -16.54 16.64
CA ASP A 208 12.47 -16.14 17.64
C ASP A 208 11.23 -17.04 17.59
N THR A 209 10.50 -17.06 18.70
CA THR A 209 9.23 -17.76 18.83
C THR A 209 8.20 -16.80 19.41
N GLN A 210 6.98 -16.83 18.87
CA GLN A 210 5.93 -15.92 19.28
C GLN A 210 4.69 -16.70 19.74
N THR A 211 3.98 -16.13 20.70
CA THR A 211 2.73 -16.68 21.21
C THR A 211 1.62 -15.63 21.11
N CYS A 212 0.45 -16.06 20.63
CA CYS A 212 -0.67 -15.17 20.36
C CYS A 212 -1.94 -15.72 21.01
N SER A 213 -2.95 -14.86 21.18
CA SER A 213 -4.22 -15.28 21.77
C SER A 213 -5.36 -14.41 21.29
N LEU A 214 -6.57 -14.99 21.33
CA LEU A 214 -7.82 -14.28 21.08
C LEU A 214 -8.73 -14.46 22.30
N GLU A 215 -9.36 -13.37 22.73
CA GLU A 215 -10.06 -13.31 24.01
C GLU A 215 -11.52 -12.90 23.83
N ILE A 216 -12.40 -13.53 24.60
CA ILE A 216 -13.85 -13.36 24.49
C ILE A 216 -14.41 -13.03 25.87
N GLU A 217 -15.33 -12.06 25.93
CA GLU A 217 -15.82 -11.53 27.20
C GLU A 217 -17.18 -10.90 27.00
N SER A 218 -17.98 -10.85 28.08
CA SER A 218 -19.26 -10.16 28.08
C SER A 218 -19.09 -8.68 28.38
N TYR A 219 -19.82 -7.85 27.65
CA TYR A 219 -19.62 -6.41 27.74
C TYR A 219 -20.23 -5.83 29.01
N ALA A 220 -21.47 -6.25 29.35
CA ALA A 220 -22.24 -5.57 30.39
C ALA A 220 -22.66 -6.43 31.58
N TYR A 221 -22.40 -7.73 31.59
CA TYR A 221 -22.90 -8.59 32.66
C TYR A 221 -21.72 -9.13 33.47
N THR A 222 -21.74 -8.91 34.78
CA THR A 222 -20.73 -9.47 35.65
C THR A 222 -21.03 -10.95 35.95
N GLU A 223 -20.08 -11.61 36.60
CA GLU A 223 -20.23 -13.03 36.92
C GLU A 223 -21.39 -13.31 37.86
N ASP A 224 -21.95 -12.30 38.52
CA ASP A 224 -23.12 -12.52 39.36
C ASP A 224 -24.39 -12.68 38.54
N ASP A 225 -24.40 -12.21 37.30
CA ASP A 225 -25.57 -12.29 36.44
C ASP A 225 -25.43 -13.26 35.29
N LEU A 226 -24.21 -13.47 34.79
CA LEU A 226 -23.97 -14.34 33.64
C LEU A 226 -22.69 -15.13 33.87
N MET A 227 -22.76 -16.46 33.74
CA MET A 227 -21.64 -17.35 33.96
C MET A 227 -21.21 -17.95 32.62
N LEU A 228 -20.04 -17.55 32.14
CA LEU A 228 -19.56 -17.92 30.80
C LEU A 228 -18.47 -18.99 30.93
N TYR A 229 -18.60 -20.07 30.15
CA TYR A 229 -17.68 -21.21 30.26
C TYR A 229 -17.59 -21.95 28.94
N TRP A 230 -16.51 -22.73 28.79
CA TRP A 230 -16.36 -23.59 27.62
C TRP A 230 -17.28 -24.79 27.76
N LYS A 231 -18.09 -25.04 26.73
CA LYS A 231 -19.17 -26.03 26.86
C LYS A 231 -18.63 -27.44 27.08
N LYS A 232 -17.57 -27.83 26.37
CA LYS A 232 -17.03 -29.18 26.47
C LYS A 232 -15.54 -29.19 26.80
N GLY A 233 -15.08 -28.20 27.57
CA GLY A 233 -13.68 -28.19 27.94
C GLY A 233 -12.78 -27.97 26.74
N ASN A 234 -11.75 -28.79 26.63
CA ASN A 234 -10.79 -28.68 25.53
C ASN A 234 -11.35 -29.23 24.22
N ASP A 235 -12.45 -29.98 24.27
CA ASP A 235 -13.08 -30.45 23.04
C ASP A 235 -13.94 -29.40 22.37
N SER A 236 -13.99 -28.18 22.89
CA SER A 236 -14.86 -27.14 22.34
C SER A 236 -14.22 -26.37 21.20
N LEU A 237 -12.97 -26.66 20.88
CA LEU A 237 -12.21 -25.93 19.87
C LEU A 237 -11.84 -26.88 18.74
N LYS A 238 -12.23 -26.52 17.52
CA LYS A 238 -11.89 -27.27 16.33
C LYS A 238 -11.21 -26.34 15.33
N THR A 239 -10.25 -26.89 14.58
CA THR A 239 -9.51 -26.10 13.60
C THR A 239 -9.52 -26.82 12.26
N ASP A 240 -9.46 -26.02 11.20
CA ASP A 240 -9.51 -26.56 9.85
C ASP A 240 -8.23 -27.32 9.51
N GLU A 241 -8.39 -28.40 8.74
CA GLU A 241 -7.27 -29.29 8.42
C GLU A 241 -6.19 -28.64 7.56
N ARG A 242 -6.52 -27.58 6.81
CA ARG A 242 -5.57 -26.94 5.91
C ARG A 242 -5.29 -25.49 6.31
N ILE A 243 -5.25 -25.22 7.61
CA ILE A 243 -4.93 -23.88 8.07
C ILE A 243 -3.43 -23.66 7.92
N SER A 244 -3.05 -22.52 7.35
CA SER A 244 -1.64 -22.27 7.11
C SER A 244 -1.39 -20.78 6.92
N LEU A 245 -0.13 -20.38 7.16
CA LEU A 245 0.39 -19.06 6.84
C LEU A 245 1.60 -19.20 5.93
N SER A 246 1.86 -18.16 5.15
CA SER A 246 2.89 -18.27 4.13
C SER A 246 4.28 -18.35 4.74
N GLN A 247 4.55 -17.52 5.76
CA GLN A 247 5.90 -17.39 6.29
C GLN A 247 6.08 -17.98 7.68
N PHE A 248 5.06 -18.64 8.23
CA PHE A 248 5.14 -19.20 9.57
C PHE A 248 4.65 -20.63 9.61
N LEU A 249 5.11 -21.36 10.64
CA LEU A 249 4.54 -22.63 11.05
C LEU A 249 3.70 -22.44 12.29
N ILE A 250 2.56 -23.14 12.34
CA ILE A 250 1.57 -22.96 13.39
C ILE A 250 1.42 -24.25 14.18
N GLN A 251 1.47 -24.16 15.51
CA GLN A 251 1.34 -25.35 16.35
C GLN A 251 0.64 -25.00 17.66
N GLU A 252 0.14 -26.05 18.31
CA GLU A 252 -0.26 -26.06 19.72
C GLU A 252 -1.44 -25.13 20.01
N PHE A 253 -2.61 -25.46 19.46
CA PHE A 253 -3.86 -24.82 19.83
C PHE A 253 -4.40 -25.40 21.14
N HIS A 254 -4.84 -24.52 22.04
CA HIS A 254 -5.53 -24.94 23.27
C HIS A 254 -6.27 -23.76 23.86
N THR A 255 -7.14 -24.07 24.83
CA THR A 255 -7.98 -23.07 25.49
C THR A 255 -7.66 -22.94 26.99
N THR A 256 -7.93 -21.75 27.54
CA THR A 256 -7.84 -21.48 28.98
C THR A 256 -8.93 -20.49 29.38
N THR A 257 -9.07 -20.28 30.69
CA THR A 257 -10.01 -19.30 31.25
C THR A 257 -9.36 -18.56 32.43
N LYS A 258 -9.83 -17.34 32.68
CA LYS A 258 -9.31 -16.54 33.79
C LYS A 258 -10.29 -15.41 34.10
N LEU A 259 -10.32 -15.01 35.39
CA LEU A 259 -11.17 -13.94 35.86
C LEU A 259 -10.46 -12.59 35.77
N ALA A 260 -11.21 -11.56 35.34
CA ALA A 260 -10.69 -10.21 35.18
C ALA A 260 -11.49 -9.24 36.03
N PHE A 261 -10.82 -8.20 36.52
CA PHE A 261 -11.40 -7.21 37.42
C PHE A 261 -11.40 -5.83 36.76
N TYR A 262 -12.55 -5.15 36.82
CA TYR A 262 -12.70 -3.76 36.42
C TYR A 262 -13.14 -2.95 37.64
N SER A 263 -12.40 -1.89 37.98
CA SER A 263 -12.81 -1.06 39.11
C SER A 263 -14.15 -0.37 38.87
N SER A 264 -14.53 -0.17 37.61
CA SER A 264 -15.79 0.54 37.34
C SER A 264 -17.01 -0.32 37.65
N THR A 265 -16.93 -1.64 37.40
CA THR A 265 -18.13 -2.46 37.53
C THR A 265 -17.95 -3.80 38.23
N GLY A 266 -16.76 -4.42 38.26
CA GLY A 266 -16.62 -5.68 38.97
C GLY A 266 -15.89 -6.78 38.22
N TRP A 267 -16.18 -8.04 38.56
CA TRP A 267 -15.46 -9.20 38.05
C TRP A 267 -16.18 -9.82 36.86
N TYR A 268 -15.40 -10.25 35.87
CA TYR A 268 -15.90 -10.85 34.63
C TYR A 268 -15.06 -12.07 34.30
N ASN A 269 -15.68 -13.10 33.72
CA ASN A 269 -14.90 -14.26 33.27
C ASN A 269 -14.55 -14.12 31.79
N ARG A 270 -13.30 -14.49 31.47
CA ARG A 270 -12.71 -14.29 30.15
C ARG A 270 -12.18 -15.62 29.62
N LEU A 271 -12.38 -15.87 28.32
CA LEU A 271 -11.93 -17.09 27.66
C LEU A 271 -10.81 -16.79 26.65
N TYR A 272 -9.87 -17.72 26.51
CA TYR A 272 -8.70 -17.53 25.66
C TYR A 272 -8.54 -18.68 24.67
N ILE A 273 -7.99 -18.35 23.50
CA ILE A 273 -7.56 -19.32 22.49
C ILE A 273 -6.10 -19.02 22.18
N ASN A 274 -5.22 -20.01 22.38
CA ASN A 274 -3.77 -19.80 22.33
C ASN A 274 -3.12 -20.64 21.24
N PHE A 275 -2.06 -20.11 20.62
CA PHE A 275 -1.28 -20.83 19.62
C PHE A 275 0.10 -20.20 19.49
N THR A 276 1.00 -20.90 18.78
CA THR A 276 2.42 -20.57 18.69
C THR A 276 2.90 -20.57 17.24
N LEU A 277 3.85 -19.66 16.92
CA LEU A 277 4.41 -19.50 15.58
C LEU A 277 5.93 -19.69 15.53
N ARG A 278 6.42 -20.26 14.44
CA ARG A 278 7.85 -20.45 14.21
C ARG A 278 8.19 -20.21 12.74
N ARG A 279 9.46 -19.88 12.49
CA ARG A 279 9.97 -19.62 11.14
C ARG A 279 10.71 -20.85 10.59
N HIS A 280 11.08 -20.76 9.30
CA HIS A 280 11.90 -21.78 8.64
C HIS A 280 13.35 -21.32 8.72
N ILE A 281 14.11 -21.93 9.63
CA ILE A 281 15.45 -21.43 9.93
C ILE A 281 16.38 -21.61 8.73
N PHE A 282 16.32 -22.79 8.08
CA PHE A 282 17.31 -23.19 7.08
C PHE A 282 17.32 -22.22 5.89
N PHE A 283 16.15 -21.63 5.57
CA PHE A 283 16.08 -20.59 4.54
C PHE A 283 16.94 -19.39 4.93
N PHE A 284 16.75 -18.88 6.14
CA PHE A 284 17.52 -17.72 6.57
C PHE A 284 19.00 -18.04 6.68
N LEU A 285 19.35 -19.26 7.10
CA LEU A 285 20.75 -19.64 7.14
C LEU A 285 21.39 -19.51 5.76
N LEU A 286 20.79 -20.16 4.75
CA LEU A 286 21.34 -20.08 3.39
C LEU A 286 21.34 -18.64 2.89
N GLN A 287 20.31 -17.87 3.24
CA GLN A 287 20.09 -16.55 2.66
C GLN A 287 21.03 -15.49 3.24
N THR A 288 21.43 -15.64 4.50
CA THR A 288 22.20 -14.61 5.18
C THR A 288 23.55 -15.09 5.71
N TYR A 289 23.59 -16.19 6.47
CA TYR A 289 24.83 -16.52 7.18
C TYR A 289 25.88 -17.09 6.23
N PHE A 290 25.43 -17.81 5.19
CA PHE A 290 26.34 -18.41 4.22
C PHE A 290 27.23 -17.40 3.49
N PRO A 291 26.68 -16.36 2.82
CA PRO A 291 27.57 -15.46 2.05
C PRO A 291 28.56 -14.69 2.89
N ALA A 292 28.17 -14.28 4.10
CA ALA A 292 29.07 -13.52 4.95
C ALA A 292 30.27 -14.37 5.36
N THR A 293 30.02 -15.63 5.75
CA THR A 293 31.10 -16.54 6.07
C THR A 293 32.01 -16.76 4.87
N LEU A 294 31.41 -16.89 3.68
CA LEU A 294 32.22 -17.09 2.47
C LEU A 294 33.12 -15.87 2.20
N MET A 295 32.61 -14.65 2.41
CA MET A 295 33.45 -13.49 2.13
C MET A 295 34.54 -13.34 3.19
N VAL A 296 34.24 -13.71 4.43
CA VAL A 296 35.30 -13.69 5.45
C VAL A 296 36.40 -14.66 5.09
N MET A 297 36.03 -15.87 4.65
CA MET A 297 37.07 -16.81 4.25
C MET A 297 37.83 -16.33 3.02
N LEU A 298 37.15 -15.62 2.11
CA LEU A 298 37.81 -15.08 0.92
C LEU A 298 38.84 -14.03 1.29
N SER A 299 38.59 -13.26 2.35
CA SER A 299 39.57 -12.22 2.69
C SER A 299 40.90 -12.80 3.21
N TRP A 300 40.91 -14.07 3.62
CA TRP A 300 42.13 -14.67 4.13
C TRP A 300 43.09 -15.09 3.02
N VAL A 301 42.64 -15.09 1.76
CA VAL A 301 43.50 -15.54 0.66
C VAL A 301 44.71 -14.64 0.53
N SER A 302 44.58 -13.34 0.83
CA SER A 302 45.70 -12.43 0.61
C SER A 302 46.91 -12.75 1.48
N PHE A 303 46.72 -13.54 2.55
CA PHE A 303 47.84 -13.88 3.42
C PHE A 303 48.84 -14.81 2.75
N TRP A 304 48.42 -15.49 1.68
CA TRP A 304 49.29 -16.42 0.96
C TRP A 304 49.84 -15.85 -0.34
N ILE A 305 49.62 -14.55 -0.62
CA ILE A 305 50.04 -13.92 -1.87
C ILE A 305 51.36 -13.19 -1.65
N ASP A 306 52.22 -13.19 -2.68
CA ASP A 306 53.51 -12.49 -2.58
C ASP A 306 53.32 -11.04 -2.19
N ARG A 307 54.04 -10.63 -1.13
CA ARG A 307 53.97 -9.27 -0.57
C ARG A 307 54.54 -8.23 -1.51
N ARG A 308 55.29 -8.65 -2.53
CA ARG A 308 55.83 -7.72 -3.51
C ARG A 308 54.80 -7.30 -4.55
N ALA A 309 53.69 -8.03 -4.66
CA ALA A 309 52.65 -7.73 -5.65
C ALA A 309 51.61 -6.80 -5.03
N VAL A 310 52.03 -5.54 -4.87
CA VAL A 310 51.14 -4.51 -4.33
C VAL A 310 49.91 -4.30 -5.21
N PRO A 311 50.03 -4.13 -6.53
CA PRO A 311 48.83 -3.90 -7.35
C PRO A 311 47.86 -5.07 -7.39
N ALA A 312 48.22 -6.21 -6.80
CA ALA A 312 47.29 -7.32 -6.62
C ALA A 312 46.71 -7.37 -5.21
N ARG A 313 47.52 -6.97 -4.22
CA ARG A 313 47.09 -7.12 -2.83
C ARG A 313 46.08 -6.04 -2.47
N VAL A 314 46.27 -4.82 -2.95
CA VAL A 314 45.45 -3.70 -2.51
C VAL A 314 44.02 -3.77 -3.07
N PRO A 315 43.85 -3.89 -4.40
CA PRO A 315 42.49 -3.93 -4.96
C PRO A 315 41.66 -5.09 -4.42
N LEU A 316 42.30 -6.21 -4.08
CA LEU A 316 41.59 -7.36 -3.55
C LEU A 316 40.87 -7.00 -2.25
N GLY A 317 41.62 -6.40 -1.33
CA GLY A 317 41.02 -6.02 -0.05
C GLY A 317 39.91 -5.00 -0.21
N ILE A 318 40.16 -3.95 -1.01
CA ILE A 318 39.12 -2.92 -1.10
C ILE A 318 37.87 -3.47 -1.78
N THR A 319 38.04 -4.35 -2.76
CA THR A 319 36.88 -4.93 -3.43
C THR A 319 36.13 -5.89 -2.51
N THR A 320 36.84 -6.63 -1.66
CA THR A 320 36.14 -7.46 -0.67
C THR A 320 35.30 -6.60 0.27
N VAL A 321 35.83 -5.45 0.70
CA VAL A 321 35.03 -4.55 1.55
C VAL A 321 33.77 -4.09 0.84
N LEU A 322 33.91 -3.67 -0.43
CA LEU A 322 32.73 -3.25 -1.20
C LEU A 322 31.69 -4.36 -1.29
N THR A 323 32.15 -5.59 -1.51
CA THR A 323 31.21 -6.71 -1.69
C THR A 323 30.45 -6.98 -0.40
N MET A 324 31.17 -7.01 0.73
CA MET A 324 30.48 -7.19 2.01
C MET A 324 29.45 -6.08 2.26
N SER A 325 29.77 -4.84 1.85
CA SER A 325 28.81 -3.75 2.03
C SER A 325 27.56 -3.96 1.19
N THR A 326 27.71 -4.38 -0.08
CA THR A 326 26.50 -4.62 -0.89
C THR A 326 25.67 -5.78 -0.34
N ILE A 327 26.33 -6.77 0.25
CA ILE A 327 25.58 -7.86 0.88
C ILE A 327 24.75 -7.35 2.05
N ILE A 328 25.37 -6.55 2.93
CA ILE A 328 24.65 -6.10 4.11
C ILE A 328 23.48 -5.18 3.73
N THR A 329 23.70 -4.28 2.78
CA THR A 329 22.60 -3.42 2.33
C THR A 329 21.44 -4.25 1.76
N GLY A 330 21.77 -5.27 0.97
CA GLY A 330 20.73 -6.06 0.35
C GLY A 330 19.94 -6.87 1.38
N VAL A 331 20.63 -7.36 2.41
CA VAL A 331 19.99 -8.09 3.50
C VAL A 331 19.06 -7.18 4.30
N ASN A 332 19.49 -5.95 4.57
CA ASN A 332 18.59 -5.01 5.24
C ASN A 332 17.31 -4.79 4.45
N ALA A 333 17.45 -4.57 3.14
CA ALA A 333 16.28 -4.23 2.34
C ALA A 333 15.17 -5.28 2.40
N SER A 334 15.44 -6.48 2.90
CA SER A 334 14.49 -7.59 2.76
C SER A 334 13.89 -8.07 4.08
N MET A 335 14.25 -7.48 5.18
CA MET A 335 13.74 -7.83 6.50
C MET A 335 12.65 -6.85 6.90
N PRO A 336 11.75 -7.25 7.81
CA PRO A 336 10.74 -6.30 8.29
C PRO A 336 11.38 -5.10 8.97
N ARG A 337 10.80 -3.93 8.74
CA ARG A 337 11.37 -2.66 9.20
C ARG A 337 11.12 -2.52 10.70
N VAL A 338 12.00 -3.15 11.47
CA VAL A 338 11.98 -3.08 12.93
C VAL A 338 13.30 -2.46 13.38
N SER A 339 13.21 -1.30 14.00
CA SER A 339 14.37 -0.43 14.25
C SER A 339 14.94 -0.68 15.65
N TYR A 340 15.49 -1.88 15.84
CA TYR A 340 16.33 -2.16 17.00
C TYR A 340 17.16 -3.41 16.72
N ILE A 341 18.13 -3.66 17.59
CA ILE A 341 19.22 -4.56 17.25
C ILE A 341 18.77 -6.00 17.39
N LYS A 342 19.04 -6.80 16.36
CA LYS A 342 18.71 -8.21 16.33
C LYS A 342 19.96 -9.05 16.11
N ALA A 343 19.82 -10.38 16.29
CA ALA A 343 21.02 -11.21 16.40
C ALA A 343 21.80 -11.23 15.10
N VAL A 344 21.09 -11.11 13.99
CA VAL A 344 21.66 -11.34 12.66
C VAL A 344 22.45 -10.11 12.28
N ASP A 345 22.08 -8.97 12.85
CA ASP A 345 22.88 -7.76 12.71
C ASP A 345 24.23 -7.90 13.42
N ILE A 346 24.23 -8.53 14.59
CA ILE A 346 25.47 -8.70 15.33
C ILE A 346 26.45 -9.56 14.53
N TYR A 347 25.95 -10.65 13.93
CA TYR A 347 26.80 -11.52 13.12
C TYR A 347 27.36 -10.78 11.91
N LEU A 348 26.51 -10.03 11.22
CA LEU A 348 26.92 -9.33 10.01
C LEU A 348 27.97 -8.26 10.31
N TRP A 349 27.75 -7.47 11.36
CA TRP A 349 28.65 -6.37 11.67
C TRP A 349 30.02 -6.90 12.14
N VAL A 350 30.04 -8.00 12.90
CA VAL A 350 31.30 -8.60 13.33
C VAL A 350 32.10 -9.08 12.12
N SER A 351 31.42 -9.68 11.16
CA SER A 351 32.06 -10.15 9.94
C SER A 351 32.70 -9.00 9.16
N PHE A 352 32.05 -7.83 9.20
CA PHE A 352 32.53 -6.67 8.48
C PHE A 352 33.80 -6.13 9.14
N VAL A 353 33.85 -6.20 10.47
CA VAL A 353 35.03 -5.78 11.18
C VAL A 353 36.22 -6.68 10.84
N PHE A 354 35.97 -7.99 10.71
CA PHE A 354 37.03 -8.91 10.33
C PHE A 354 37.64 -8.54 8.98
N VAL A 355 36.78 -8.20 8.00
CA VAL A 355 37.24 -7.86 6.65
C VAL A 355 38.06 -6.58 6.68
N PHE A 356 37.67 -5.65 7.55
CA PHE A 356 38.35 -4.36 7.70
C PHE A 356 39.75 -4.55 8.26
N LEU A 357 39.89 -5.43 9.25
CA LEU A 357 41.19 -5.64 9.86
C LEU A 357 42.16 -6.33 8.90
N SER A 358 41.65 -7.12 7.96
CA SER A 358 42.54 -7.78 7.01
C SER A 358 43.20 -6.77 6.07
N VAL A 359 42.58 -5.61 5.88
CA VAL A 359 43.19 -4.62 5.01
C VAL A 359 44.25 -3.85 5.78
N LEU A 360 43.99 -3.55 7.06
CA LEU A 360 45.01 -2.88 7.88
C LEU A 360 46.27 -3.71 8.00
N GLU A 361 46.13 -5.03 7.91
CA GLU A 361 47.28 -5.92 8.11
C GLU A 361 48.31 -5.71 7.00
N TYR A 362 47.84 -5.65 5.75
CA TYR A 362 48.73 -5.49 4.62
C TYR A 362 49.30 -4.09 4.55
N ALA A 363 48.54 -3.09 5.01
CA ALA A 363 49.08 -1.73 5.06
C ALA A 363 50.32 -1.69 5.95
N ALA A 364 50.28 -2.35 7.10
CA ALA A 364 51.43 -2.39 7.99
C ALA A 364 52.59 -3.16 7.37
N VAL A 365 52.29 -4.27 6.68
CA VAL A 365 53.35 -5.05 6.06
C VAL A 365 54.08 -4.23 5.01
N ASN A 366 53.34 -3.45 4.22
CA ASN A 366 53.96 -2.78 3.09
C ASN A 366 54.82 -1.62 3.58
N TYR A 367 54.37 -0.93 4.62
CA TYR A 367 55.15 0.15 5.20
C TYR A 367 56.46 -0.36 5.79
N LEU A 368 56.40 -1.46 6.53
CA LEU A 368 57.63 -1.98 7.16
C LEU A 368 58.63 -2.45 6.13
N THR A 369 58.15 -3.08 5.05
CA THR A 369 59.06 -3.55 4.01
C THR A 369 59.77 -2.40 3.32
N THR A 370 59.02 -1.33 2.99
CA THR A 370 59.61 -0.15 2.37
C THR A 370 60.65 0.49 3.28
N VAL A 371 60.37 0.54 4.60
CA VAL A 371 61.34 1.12 5.53
C VAL A 371 62.64 0.33 5.52
N GLN A 372 62.53 -1.01 5.54
CA GLN A 372 63.72 -1.85 5.57
C GLN A 372 64.57 -1.66 4.32
N GLU A 373 63.93 -1.60 3.17
CA GLU A 373 64.63 -1.48 1.89
C GLU A 373 65.35 -0.15 1.82
N ARG A 374 64.72 0.92 2.32
CA ARG A 374 65.33 2.24 2.21
C ARG A 374 66.54 2.34 3.12
N LYS A 375 66.43 1.71 4.30
CA LYS A 375 67.48 1.68 5.31
C LYS A 375 68.68 0.94 4.78
N GLU A 376 68.43 -0.16 4.05
CA GLU A 376 69.52 -0.99 3.55
C GLU A 376 70.28 -0.27 2.46
N GLN A 377 69.56 0.37 1.54
CA GLN A 377 70.22 1.12 0.48
C GLN A 377 70.99 2.31 1.03
N LYS A 378 70.45 2.96 2.06
CA LYS A 378 71.11 4.11 2.67
C LYS A 378 72.41 3.68 3.34
N ASP A 451 61.40 -14.14 1.03
CA ASP A 451 60.93 -14.73 2.27
C ASP A 451 59.60 -14.15 2.72
N THR A 452 58.95 -14.83 3.66
CA THR A 452 57.65 -14.39 4.18
C THR A 452 57.85 -13.53 5.42
N HIS A 453 57.15 -12.40 5.48
CA HIS A 453 57.18 -11.53 6.64
C HIS A 453 56.48 -12.20 7.82
N ALA A 454 56.94 -11.86 9.03
CA ALA A 454 56.43 -12.53 10.23
C ALA A 454 54.95 -12.24 10.44
N ILE A 455 54.48 -11.07 10.03
CA ILE A 455 53.08 -10.70 10.27
C ILE A 455 52.15 -11.63 9.49
N ASP A 456 52.48 -11.91 8.22
CA ASP A 456 51.70 -12.85 7.43
C ASP A 456 51.68 -14.23 8.09
N LYS A 457 52.84 -14.69 8.55
CA LYS A 457 52.94 -16.01 9.18
C LYS A 457 52.05 -16.09 10.41
N TYR A 458 51.99 -15.02 11.20
CA TYR A 458 51.12 -15.14 12.38
C TYR A 458 49.66 -15.00 12.00
N SER A 459 49.35 -14.12 11.04
CA SER A 459 47.96 -13.86 10.68
C SER A 459 47.29 -15.13 10.14
N ARG A 460 48.05 -15.89 9.34
CA ARG A 460 47.56 -17.13 8.73
C ARG A 460 46.98 -18.08 9.77
N ILE A 461 47.47 -18.02 11.01
CA ILE A 461 46.96 -18.83 12.10
C ILE A 461 45.93 -18.08 12.93
N ILE A 462 46.19 -16.81 13.21
CA ILE A 462 45.43 -16.10 14.23
C ILE A 462 44.02 -15.77 13.74
N PHE A 463 43.87 -15.36 12.48
CA PHE A 463 42.54 -14.95 12.03
C PHE A 463 41.51 -16.08 12.08
N PRO A 464 41.73 -17.26 11.48
CA PRO A 464 40.71 -18.33 11.58
C PRO A 464 40.39 -18.78 12.99
N ALA A 465 41.38 -18.85 13.89
CA ALA A 465 41.09 -19.28 15.25
C ALA A 465 40.14 -18.31 15.94
N ALA A 466 40.41 -17.00 15.81
CA ALA A 466 39.52 -16.01 16.41
C ALA A 466 38.11 -16.12 15.83
N TYR A 467 37.99 -16.33 14.52
CA TYR A 467 36.64 -16.44 13.95
C TYR A 467 35.91 -17.67 14.47
N ILE A 468 36.63 -18.79 14.60
CA ILE A 468 36.02 -20.01 15.12
C ILE A 468 35.56 -19.80 16.57
N LEU A 469 36.38 -19.12 17.38
CA LEU A 469 35.99 -18.87 18.77
C LEU A 469 34.75 -17.98 18.84
N PHE A 470 34.69 -16.94 18.00
CA PHE A 470 33.50 -16.11 17.96
C PHE A 470 32.27 -16.93 17.60
N ASN A 471 32.40 -17.84 16.64
CA ASN A 471 31.25 -18.65 16.23
C ASN A 471 30.80 -19.55 17.38
N LEU A 472 31.76 -20.15 18.09
CA LEU A 472 31.39 -21.01 19.23
C LEU A 472 30.59 -20.22 20.27
N ILE A 473 31.08 -19.03 20.62
CA ILE A 473 30.39 -18.23 21.64
C ILE A 473 29.01 -17.81 21.15
N TYR A 474 28.93 -17.34 19.90
CA TYR A 474 27.66 -16.87 19.34
C TYR A 474 26.62 -17.98 19.35
N TRP A 475 26.98 -19.16 18.85
CA TRP A 475 25.99 -20.22 18.75
C TRP A 475 25.72 -20.91 20.07
N SER A 476 26.59 -20.76 21.06
CA SER A 476 26.23 -21.21 22.41
C SER A 476 25.25 -20.24 23.06
N ILE A 477 25.30 -18.95 22.68
CA ILE A 477 24.41 -17.98 23.30
C ILE A 477 23.02 -18.03 22.65
N PHE A 478 22.96 -18.03 21.33
CA PHE A 478 21.70 -17.92 20.60
C PHE A 478 21.13 -19.27 20.16
N SER A 479 21.71 -20.37 20.61
CA SER A 479 21.19 -21.72 20.34
C SER A 479 21.38 -22.09 18.86
N LYS B 74 -42.82 -3.93 31.52
CA LYS B 74 -41.81 -3.25 30.71
C LYS B 74 -40.95 -2.33 31.58
N SER B 75 -39.64 -2.51 31.51
CA SER B 75 -38.73 -1.70 32.31
C SER B 75 -38.72 -0.24 31.85
N GLU B 76 -39.07 0.02 30.59
CA GLU B 76 -39.03 1.39 30.10
C GLU B 76 -40.24 2.20 30.53
N GLN B 77 -41.24 1.55 31.14
CA GLN B 77 -42.36 2.19 31.80
C GLN B 77 -42.06 2.57 33.25
N LEU B 78 -41.02 2.02 33.86
CA LEU B 78 -40.61 2.52 35.18
C LEU B 78 -40.03 3.92 35.09
N LEU B 79 -39.34 4.22 34.00
CA LEU B 79 -38.95 5.58 33.69
C LEU B 79 -40.05 6.22 32.83
N ARG B 80 -40.56 7.36 33.28
CA ARG B 80 -41.65 8.05 32.57
C ARG B 80 -41.07 8.72 31.32
N ILE B 81 -40.83 7.89 30.30
CA ILE B 81 -40.14 8.36 29.10
C ILE B 81 -41.01 9.37 28.35
N ASP B 82 -42.32 9.09 28.23
CA ASP B 82 -43.19 9.97 27.45
C ASP B 82 -43.70 11.16 28.28
N ASP B 83 -43.31 11.29 29.55
CA ASP B 83 -43.73 12.40 30.37
C ASP B 83 -42.70 13.52 30.41
N HIS B 84 -41.59 13.39 29.68
CA HIS B 84 -40.61 14.47 29.69
C HIS B 84 -40.09 14.77 28.29
N ASP B 85 -39.60 15.99 28.11
CA ASP B 85 -38.98 16.41 26.86
C ASP B 85 -37.48 16.19 27.00
N PHE B 86 -36.99 15.13 26.36
CA PHE B 86 -35.58 14.78 26.41
C PHE B 86 -34.77 15.40 25.28
N SER B 87 -35.27 16.50 24.71
CA SER B 87 -34.48 17.30 23.79
C SER B 87 -33.79 18.47 24.47
N MET B 88 -34.09 18.72 25.74
CA MET B 88 -33.44 19.73 26.56
C MET B 88 -32.63 19.08 27.67
N ARG B 89 -31.56 19.77 28.07
CA ARG B 89 -30.67 19.23 29.09
C ARG B 89 -31.30 19.22 30.48
N PRO B 90 -30.77 18.41 31.39
CA PRO B 90 -31.17 18.53 32.80
C PRO B 90 -30.79 19.89 33.37
N GLY B 91 -31.68 20.45 34.18
CA GLY B 91 -31.43 21.74 34.78
C GLY B 91 -31.54 22.91 33.81
N PHE B 92 -32.27 22.73 32.71
CA PHE B 92 -32.43 23.77 31.71
C PHE B 92 -32.96 25.05 32.34
N GLY B 93 -32.38 26.19 31.94
CA GLY B 93 -32.81 27.45 32.50
C GLY B 93 -31.93 27.97 33.62
N GLY B 94 -31.10 27.11 34.21
CA GLY B 94 -30.37 27.44 35.41
C GLY B 94 -28.89 27.18 35.27
N PRO B 95 -28.18 27.01 36.40
CA PRO B 95 -26.76 26.68 36.35
C PRO B 95 -26.44 25.47 35.48
N ALA B 96 -25.23 25.47 34.95
CA ALA B 96 -24.72 24.41 34.10
C ALA B 96 -24.62 23.08 34.86
N ILE B 97 -24.81 21.99 34.12
CA ILE B 97 -24.77 20.64 34.70
C ILE B 97 -23.35 20.10 34.58
N PRO B 98 -22.74 19.68 35.69
CA PRO B 98 -21.39 19.11 35.61
C PRO B 98 -21.39 17.68 35.11
N VAL B 99 -20.38 17.37 34.28
CA VAL B 99 -20.22 16.05 33.66
C VAL B 99 -18.78 15.61 33.86
N GLY B 100 -18.58 14.47 34.55
CA GLY B 100 -17.27 13.94 34.82
C GLY B 100 -16.89 12.82 33.85
N VAL B 101 -15.59 12.70 33.59
CA VAL B 101 -15.07 11.82 32.54
C VAL B 101 -13.91 10.99 33.09
N ASP B 102 -13.88 9.70 32.72
CA ASP B 102 -12.75 8.80 32.94
C ASP B 102 -12.39 8.13 31.62
N VAL B 103 -11.11 7.77 31.46
CA VAL B 103 -10.60 7.15 30.23
C VAL B 103 -9.70 5.98 30.57
N GLN B 104 -9.87 4.88 29.84
CA GLN B 104 -8.99 3.71 29.92
C GLN B 104 -8.47 3.40 28.52
N VAL B 105 -7.15 3.47 28.35
CA VAL B 105 -6.52 3.27 27.05
C VAL B 105 -6.17 1.79 26.89
N GLU B 106 -6.67 1.17 25.82
CA GLU B 106 -6.45 -0.26 25.59
C GLU B 106 -5.19 -0.54 24.78
N SER B 107 -4.96 0.19 23.69
CA SER B 107 -3.78 -0.08 22.88
C SER B 107 -3.46 1.11 21.98
N LEU B 108 -2.24 1.12 21.48
CA LEU B 108 -1.80 2.04 20.43
C LEU B 108 -1.59 1.22 19.17
N ASP B 109 -2.33 1.53 18.11
CA ASP B 109 -2.47 0.61 17.00
C ASP B 109 -1.43 0.84 15.89
N SER B 110 -1.12 2.09 15.56
CA SER B 110 -0.16 2.37 14.49
C SER B 110 0.24 3.83 14.57
N ILE B 111 1.29 4.18 13.82
CA ILE B 111 1.76 5.55 13.70
C ILE B 111 2.30 5.74 12.29
N SER B 112 2.02 6.90 11.69
CA SER B 112 2.45 7.22 10.33
C SER B 112 3.29 8.49 10.38
N GLU B 113 4.57 8.35 10.01
CA GLU B 113 5.49 9.48 10.06
C GLU B 113 5.31 10.42 8.88
N VAL B 114 4.95 9.90 7.71
CA VAL B 114 4.79 10.76 6.55
C VAL B 114 3.54 11.62 6.67
N ASP B 115 2.43 11.01 7.10
CA ASP B 115 1.15 11.71 7.24
C ASP B 115 0.99 12.38 8.60
N MET B 116 1.85 12.06 9.57
CA MET B 116 1.88 12.70 10.88
C MET B 116 0.56 12.51 11.63
N ASP B 117 0.31 11.24 12.01
CA ASP B 117 -0.86 10.91 12.82
C ASP B 117 -0.62 9.59 13.55
N PHE B 118 -1.51 9.28 14.50
CA PHE B 118 -1.48 8.05 15.28
C PHE B 118 -2.90 7.57 15.55
N THR B 119 -3.02 6.28 15.91
CA THR B 119 -4.30 5.62 16.12
C THR B 119 -4.34 4.91 17.47
N MET B 120 -5.48 5.03 18.18
CA MET B 120 -5.62 4.52 19.54
C MET B 120 -7.03 3.99 19.75
N THR B 121 -7.16 2.98 20.63
CA THR B 121 -8.42 2.36 21.01
C THR B 121 -8.63 2.52 22.52
N LEU B 122 -9.83 2.95 22.95
CA LEU B 122 -9.97 3.27 24.38
C LEU B 122 -11.42 3.06 24.83
N TYR B 123 -11.64 3.13 26.15
CA TYR B 123 -12.98 3.16 26.75
C TYR B 123 -13.25 4.55 27.28
N LEU B 124 -14.44 5.09 27.00
CA LEU B 124 -14.85 6.42 27.43
C LEU B 124 -16.07 6.31 28.34
N ARG B 125 -16.00 6.90 29.53
CA ARG B 125 -17.05 6.79 30.54
C ARG B 125 -17.52 8.19 30.96
N HIS B 126 -18.83 8.37 31.12
CA HIS B 126 -19.43 9.63 31.57
C HIS B 126 -20.25 9.43 32.84
N TYR B 127 -20.33 10.50 33.63
CA TYR B 127 -21.07 10.46 34.90
C TYR B 127 -21.85 11.76 35.15
N TRP B 128 -23.18 11.68 35.33
CA TRP B 128 -24.01 12.86 35.60
C TRP B 128 -25.31 12.40 36.26
N LYS B 129 -26.11 13.37 36.69
CA LYS B 129 -27.32 13.08 37.43
C LYS B 129 -28.51 13.73 36.75
N ASP B 130 -29.62 13.01 36.68
CA ASP B 130 -30.84 13.51 36.04
C ASP B 130 -32.03 13.04 36.88
N GLU B 131 -32.72 13.98 37.53
CA GLU B 131 -33.85 13.63 38.40
C GLU B 131 -35.03 13.08 37.62
N ARG B 132 -35.11 13.33 36.31
CA ARG B 132 -36.23 12.82 35.52
C ARG B 132 -36.18 11.30 35.34
N LEU B 133 -35.03 10.67 35.58
CA LEU B 133 -34.87 9.23 35.42
C LEU B 133 -35.06 8.46 36.72
N SER B 134 -35.43 9.14 37.80
CA SER B 134 -35.55 8.46 39.07
C SER B 134 -36.77 7.53 39.06
N PHE B 135 -36.65 6.37 39.71
CA PHE B 135 -37.73 5.41 39.77
C PHE B 135 -37.85 4.82 41.17
N PRO B 136 -39.06 4.44 41.58
CA PRO B 136 -39.22 3.81 42.88
C PRO B 136 -38.63 2.40 42.91
N SER B 137 -38.18 2.02 44.10
CA SER B 137 -37.59 0.71 44.33
C SER B 137 -37.72 0.35 45.80
N THR B 138 -37.97 -0.94 46.06
CA THR B 138 -37.98 -1.48 47.41
C THR B 138 -36.60 -1.97 47.84
N ASN B 139 -35.59 -1.78 47.02
CA ASN B 139 -34.21 -2.17 47.28
C ASN B 139 -33.31 -1.11 46.67
N ASN B 140 -32.01 -1.41 46.60
CA ASN B 140 -31.05 -0.48 46.03
C ASN B 140 -30.40 -1.03 44.76
N LEU B 141 -31.17 -1.74 43.94
CA LEU B 141 -30.65 -2.35 42.73
C LEU B 141 -30.85 -1.39 41.55
N SER B 142 -29.87 -1.37 40.66
CA SER B 142 -29.92 -0.51 39.47
C SER B 142 -30.36 -1.31 38.25
N MET B 143 -30.76 -0.57 37.21
CA MET B 143 -31.22 -1.15 35.96
C MET B 143 -30.24 -0.84 34.84
N THR B 144 -29.99 -1.84 33.98
CA THR B 144 -28.98 -1.74 32.94
C THR B 144 -29.62 -1.89 31.56
N PHE B 145 -29.15 -1.08 30.61
CA PHE B 145 -29.72 -1.04 29.27
C PHE B 145 -28.59 -1.01 28.24
N ASP B 146 -28.92 -1.38 27.00
CA ASP B 146 -27.95 -1.32 25.92
C ASP B 146 -28.20 -0.05 25.09
N GLY B 147 -27.61 0.01 23.90
CA GLY B 147 -27.61 1.27 23.17
C GLY B 147 -28.95 1.70 22.62
N ARG B 148 -29.93 0.79 22.62
CA ARG B 148 -31.23 1.14 22.05
C ARG B 148 -31.97 2.24 22.83
N LEU B 149 -31.67 2.40 24.13
CA LEU B 149 -32.30 3.42 24.96
C LEU B 149 -31.68 4.79 24.76
N VAL B 150 -30.53 4.87 24.08
CA VAL B 150 -29.82 6.15 23.99
C VAL B 150 -30.62 7.15 23.20
N LYS B 151 -31.36 6.66 22.19
CA LYS B 151 -32.14 7.54 21.33
C LYS B 151 -33.39 8.08 21.99
N LYS B 152 -33.76 7.57 23.17
CA LYS B 152 -34.94 8.04 23.90
C LYS B 152 -34.66 9.04 25.02
N ILE B 153 -33.41 9.24 25.42
CA ILE B 153 -33.11 10.17 26.52
C ILE B 153 -32.01 11.14 26.07
N TRP B 154 -31.72 12.09 26.94
CA TRP B 154 -30.66 13.06 26.69
C TRP B 154 -29.31 12.51 27.14
N VAL B 155 -28.29 12.68 26.30
CA VAL B 155 -26.92 12.29 26.66
C VAL B 155 -25.95 13.35 26.14
N PRO B 156 -24.75 13.42 26.72
CA PRO B 156 -23.80 14.45 26.30
C PRO B 156 -23.18 14.15 24.94
N ASP B 157 -22.83 15.21 24.23
CA ASP B 157 -22.36 15.08 22.84
C ASP B 157 -20.85 15.36 22.73
N MET B 158 -20.05 14.39 23.16
CA MET B 158 -18.60 14.60 23.10
C MET B 158 -18.10 14.20 21.70
N PHE B 159 -17.10 14.98 21.24
CA PHE B 159 -16.34 14.68 20.01
C PHE B 159 -14.85 14.92 20.21
N PHE B 160 -14.04 14.37 19.30
CA PHE B 160 -12.58 14.45 19.40
C PHE B 160 -12.07 15.54 18.47
N VAL B 161 -11.34 16.50 19.03
CA VAL B 161 -10.84 17.65 18.27
C VAL B 161 -9.58 17.26 17.54
N HIS B 162 -9.44 17.75 16.29
CA HIS B 162 -8.28 17.51 15.45
C HIS B 162 -8.13 16.04 15.05
N SER B 163 -9.25 15.34 14.86
CA SER B 163 -9.18 13.94 14.44
C SER B 163 -9.49 13.83 12.95
N LYS B 164 -9.01 12.73 12.36
CA LYS B 164 -9.19 12.48 10.94
C LYS B 164 -10.28 11.43 10.62
N ARG B 165 -10.39 10.37 11.42
CA ARG B 165 -11.52 9.45 11.36
C ARG B 165 -11.69 8.73 12.69
N SER B 166 -12.89 8.18 12.90
CA SER B 166 -13.20 7.42 14.11
C SER B 166 -14.47 6.60 13.91
N PHE B 167 -14.64 5.58 14.76
CA PHE B 167 -15.84 4.75 14.72
C PHE B 167 -16.04 4.04 16.06
N ILE B 168 -17.28 3.57 16.28
CA ILE B 168 -17.68 2.83 17.48
C ILE B 168 -17.84 1.36 17.12
N HIS B 169 -17.24 0.48 17.91
CA HIS B 169 -17.26 -0.96 17.63
C HIS B 169 -18.67 -1.54 17.77
N ASP B 170 -19.01 -2.52 16.92
CA ASP B 170 -20.39 -3.01 16.88
C ASP B 170 -20.50 -4.52 16.71
N THR B 171 -19.54 -5.30 17.19
CA THR B 171 -19.60 -6.75 17.14
C THR B 171 -19.51 -7.31 18.56
N THR B 172 -20.43 -8.20 18.92
CA THR B 172 -21.50 -8.73 18.07
C THR B 172 -22.72 -7.83 18.03
N THR B 173 -22.75 -6.83 18.92
CA THR B 173 -23.72 -5.76 18.89
C THR B 173 -23.00 -4.48 19.30
N ASP B 174 -23.74 -3.38 19.34
CA ASP B 174 -23.14 -2.08 19.66
C ASP B 174 -22.53 -2.11 21.06
N ASN B 175 -21.28 -1.68 21.16
CA ASN B 175 -20.50 -1.74 22.40
C ASN B 175 -20.81 -0.53 23.29
N VAL B 176 -22.07 -0.44 23.72
CA VAL B 176 -22.59 0.67 24.51
C VAL B 176 -23.39 0.16 25.71
N MET B 177 -23.28 0.86 26.85
CA MET B 177 -23.95 0.46 28.08
C MET B 177 -24.45 1.67 28.85
N LEU B 178 -25.62 1.53 29.48
CA LEU B 178 -26.18 2.55 30.37
C LEU B 178 -26.64 1.88 31.66
N ARG B 179 -26.30 2.51 32.79
CA ARG B 179 -26.69 2.02 34.11
C ARG B 179 -27.32 3.16 34.87
N VAL B 180 -28.52 2.94 35.41
CA VAL B 180 -29.29 4.00 36.04
C VAL B 180 -29.55 3.64 37.50
N GLN B 181 -29.16 4.54 38.41
CA GLN B 181 -29.41 4.32 39.84
C GLN B 181 -30.84 4.72 40.20
N PRO B 182 -31.36 4.23 41.34
CA PRO B 182 -32.72 4.65 41.74
C PRO B 182 -32.90 6.16 41.91
N ASP B 183 -31.83 6.88 42.24
CA ASP B 183 -31.94 8.31 42.50
C ASP B 183 -31.65 9.16 41.28
N GLY B 184 -31.35 8.53 40.14
CA GLY B 184 -31.15 9.24 38.90
C GLY B 184 -29.71 9.44 38.47
N LYS B 185 -28.75 8.80 39.12
CA LYS B 185 -27.36 8.86 38.67
C LYS B 185 -27.14 7.90 37.49
N VAL B 186 -26.35 8.35 36.53
CA VAL B 186 -26.19 7.65 35.25
C VAL B 186 -24.72 7.42 34.95
N LEU B 187 -24.39 6.22 34.46
CA LEU B 187 -23.08 5.90 33.90
C LEU B 187 -23.26 5.49 32.44
N TYR B 188 -22.42 6.04 31.57
CA TYR B 188 -22.52 5.93 30.12
C TYR B 188 -21.15 5.55 29.60
N SER B 189 -21.04 4.36 28.99
CA SER B 189 -19.76 3.75 28.63
C SER B 189 -19.78 3.25 27.20
N LEU B 190 -18.73 3.54 26.44
CA LEU B 190 -18.61 3.01 25.08
C LEU B 190 -17.14 2.80 24.67
N ARG B 191 -16.95 1.94 23.66
CA ARG B 191 -15.62 1.56 23.17
C ARG B 191 -15.40 2.12 21.75
N VAL B 192 -14.28 2.83 21.55
CA VAL B 192 -14.06 3.62 20.33
C VAL B 192 -12.61 3.57 19.88
N THR B 193 -12.40 3.74 18.56
CA THR B 193 -11.09 3.82 17.92
C THR B 193 -10.99 5.13 17.15
N VAL B 194 -9.87 5.84 17.30
CA VAL B 194 -9.72 7.19 16.76
C VAL B 194 -8.32 7.37 16.16
N THR B 195 -8.25 8.13 15.06
CA THR B 195 -7.00 8.55 14.43
C THR B 195 -6.88 10.07 14.55
N ALA B 196 -5.75 10.55 15.09
CA ALA B 196 -5.58 11.96 15.40
C ALA B 196 -4.25 12.48 14.86
N MET B 197 -4.22 13.78 14.52
CA MET B 197 -3.03 14.41 13.96
C MET B 197 -1.99 14.72 15.03
N CYS B 198 -0.73 14.75 14.59
CA CYS B 198 0.39 15.06 15.48
C CYS B 198 1.51 15.67 14.65
N ASN B 199 1.72 16.98 14.77
CA ASN B 199 2.80 17.63 14.06
C ASN B 199 4.15 17.18 14.62
N MET B 200 5.06 16.79 13.73
CA MET B 200 6.38 16.28 14.10
C MET B 200 7.48 17.11 13.44
N ASP B 201 8.65 17.11 14.08
CA ASP B 201 9.82 17.85 13.62
C ASP B 201 10.99 16.89 13.56
N PHE B 202 11.56 16.71 12.37
CA PHE B 202 12.61 15.71 12.14
C PHE B 202 13.99 16.35 11.98
N SER B 203 14.19 17.56 12.52
CA SER B 203 15.45 18.25 12.28
C SER B 203 16.62 17.53 12.94
N ARG B 204 16.38 16.93 14.11
CA ARG B 204 17.42 16.30 14.91
C ARG B 204 17.48 14.79 14.74
N PHE B 205 16.82 14.26 13.71
CA PHE B 205 16.75 12.82 13.51
C PHE B 205 18.16 12.25 13.36
N PRO B 206 18.47 11.09 13.97
CA PRO B 206 17.62 10.20 14.77
C PRO B 206 17.57 10.54 16.26
N LEU B 207 17.95 11.75 16.67
CA LEU B 207 17.96 12.04 18.09
C LEU B 207 16.81 12.94 18.52
N ASP B 208 15.70 12.88 17.78
CA ASP B 208 14.55 13.75 17.99
C ASP B 208 13.64 13.18 19.08
N THR B 209 12.83 14.07 19.66
CA THR B 209 11.81 13.71 20.63
C THR B 209 10.50 14.36 20.20
N GLN B 210 9.40 13.61 20.32
CA GLN B 210 8.09 14.09 19.89
C GLN B 210 7.09 14.02 21.03
N THR B 211 6.15 14.97 21.03
CA THR B 211 5.06 15.03 22.00
C THR B 211 3.72 15.04 21.27
N CYS B 212 2.78 14.25 21.75
CA CYS B 212 1.48 14.06 21.11
C CYS B 212 0.36 14.26 22.13
N SER B 213 -0.87 14.49 21.64
CA SER B 213 -2.02 14.66 22.52
C SER B 213 -3.31 14.27 21.83
N LEU B 214 -4.31 13.89 22.64
CA LEU B 214 -5.67 13.64 22.20
C LEU B 214 -6.60 14.55 23.00
N GLU B 215 -7.56 15.17 22.32
CA GLU B 215 -8.37 16.25 22.88
C GLU B 215 -9.86 15.93 22.78
N ILE B 216 -10.61 16.27 23.83
CA ILE B 216 -12.02 15.95 23.97
C ILE B 216 -12.80 17.22 24.30
N GLU B 217 -13.95 17.41 23.65
CA GLU B 217 -14.69 18.66 23.74
C GLU B 217 -16.15 18.42 23.40
N SER B 218 -17.02 19.28 23.93
CA SER B 218 -18.44 19.26 23.60
C SER B 218 -18.73 20.04 22.33
N TYR B 219 -19.59 19.48 21.48
CA TYR B 219 -19.81 20.07 20.15
C TYR B 219 -20.69 21.31 20.23
N ALA B 220 -21.78 21.26 21.02
CA ALA B 220 -22.82 22.29 20.95
C ALA B 220 -23.10 23.04 22.25
N TYR B 221 -22.49 22.69 23.37
CA TYR B 221 -22.82 23.32 24.65
C TYR B 221 -21.63 24.12 25.17
N THR B 222 -21.85 25.40 25.43
CA THR B 222 -20.80 26.23 26.02
C THR B 222 -20.71 25.98 27.53
N GLU B 223 -19.68 26.56 28.14
CA GLU B 223 -19.45 26.37 29.57
C GLU B 223 -20.57 26.93 30.44
N ASP B 224 -21.45 27.75 29.88
CA ASP B 224 -22.60 28.24 30.65
C ASP B 224 -23.69 27.19 30.80
N ASP B 225 -23.70 26.18 29.92
CA ASP B 225 -24.71 25.14 29.96
C ASP B 225 -24.18 23.78 30.40
N LEU B 226 -22.91 23.48 30.13
CA LEU B 226 -22.33 22.18 30.46
C LEU B 226 -20.90 22.39 30.95
N MET B 227 -20.59 21.84 32.13
CA MET B 227 -19.28 21.97 32.75
C MET B 227 -18.57 20.62 32.73
N LEU B 228 -17.52 20.52 31.92
CA LEU B 228 -16.82 19.27 31.68
C LEU B 228 -15.48 19.25 32.43
N TYR B 229 -15.22 18.16 33.16
CA TYR B 229 -14.04 18.08 34.02
C TYR B 229 -13.62 16.62 34.19
N TRP B 230 -12.36 16.45 34.60
CA TRP B 230 -11.85 15.12 34.92
C TRP B 230 -12.41 14.69 36.27
N LYS B 231 -13.00 13.49 36.33
CA LYS B 231 -13.76 13.10 37.51
C LYS B 231 -12.87 12.95 38.74
N LYS B 232 -11.67 12.37 38.59
CA LYS B 232 -10.79 12.15 39.73
C LYS B 232 -9.41 12.73 39.52
N GLY B 233 -9.32 13.84 38.79
CA GLY B 233 -8.03 14.47 38.58
C GLY B 233 -7.12 13.59 37.75
N ASN B 234 -5.88 13.43 38.23
CA ASN B 234 -4.90 12.62 37.51
C ASN B 234 -5.14 11.13 37.66
N ASP B 235 -5.98 10.72 38.61
CA ASP B 235 -6.32 9.31 38.76
C ASP B 235 -7.37 8.85 37.75
N SER B 236 -7.82 9.73 36.84
CA SER B 236 -8.89 9.37 35.92
C SER B 236 -8.38 8.69 34.66
N LEU B 237 -7.07 8.53 34.53
CA LEU B 237 -6.44 7.98 33.33
C LEU B 237 -5.72 6.69 33.70
N LYS B 238 -6.07 5.60 33.03
CA LYS B 238 -5.41 4.32 33.20
C LYS B 238 -4.92 3.83 31.84
N THR B 239 -3.78 3.12 31.84
CA THR B 239 -3.19 2.61 30.62
C THR B 239 -2.88 1.14 30.79
N ASP B 240 -2.92 0.42 29.68
CA ASP B 240 -2.70 -1.02 29.69
C ASP B 240 -1.22 -1.32 29.97
N GLU B 241 -0.98 -2.42 30.70
CA GLU B 241 0.36 -2.78 31.14
C GLU B 241 1.29 -3.16 29.99
N ARG B 242 0.75 -3.58 28.84
CA ARG B 242 1.58 -4.04 27.72
C ARG B 242 1.39 -3.15 26.49
N ILE B 243 1.21 -1.85 26.71
CA ILE B 243 1.11 -0.94 25.57
C ILE B 243 2.49 -0.72 24.98
N SER B 244 2.59 -0.81 23.65
CA SER B 244 3.88 -0.69 23.02
C SER B 244 3.73 -0.35 21.54
N LEU B 245 4.78 0.25 20.98
CA LEU B 245 4.94 0.48 19.55
C LEU B 245 6.24 -0.18 19.08
N SER B 246 6.26 -0.53 17.79
CA SER B 246 7.38 -1.31 17.29
C SER B 246 8.67 -0.49 17.27
N GLN B 247 8.59 0.75 16.81
CA GLN B 247 9.78 1.55 16.57
C GLN B 247 9.98 2.69 17.57
N PHE B 248 9.14 2.80 18.60
CA PHE B 248 9.24 3.89 19.56
C PHE B 248 9.17 3.37 20.99
N LEU B 249 9.72 4.17 21.91
CA LEU B 249 9.49 4.04 23.34
C LEU B 249 8.50 5.09 23.81
N ILE B 250 7.61 4.70 24.71
CA ILE B 250 6.50 5.55 25.15
C ILE B 250 6.66 5.83 26.64
N GLN B 251 6.55 7.11 27.01
CA GLN B 251 6.67 7.49 28.42
C GLN B 251 5.76 8.68 28.74
N GLU B 252 5.52 8.86 30.05
CA GLU B 252 5.00 10.09 30.64
C GLU B 252 3.58 10.42 30.18
N PHE B 253 2.62 9.59 30.55
CA PHE B 253 1.21 9.89 30.38
C PHE B 253 0.73 10.82 31.50
N HIS B 254 -0.03 11.85 31.13
CA HIS B 254 -0.69 12.72 32.11
C HIS B 254 -1.81 13.50 31.42
N THR B 255 -2.63 14.15 32.23
CA THR B 255 -3.79 14.92 31.77
C THR B 255 -3.67 16.40 32.11
N THR B 256 -4.31 17.24 31.29
CA THR B 256 -4.45 18.68 31.54
C THR B 256 -5.81 19.16 31.04
N THR B 257 -6.14 20.43 31.35
CA THR B 257 -7.36 21.07 30.89
C THR B 257 -7.08 22.52 30.49
N LYS B 258 -7.89 23.06 29.58
CA LYS B 258 -7.73 24.43 29.12
C LYS B 258 -9.01 24.90 28.45
N LEU B 259 -9.29 26.21 28.55
CA LEU B 259 -10.45 26.83 27.94
C LEU B 259 -10.14 27.31 26.52
N ALA B 260 -11.10 27.10 25.62
CA ALA B 260 -10.97 27.48 24.22
C ALA B 260 -12.10 28.42 23.82
N PHE B 261 -11.79 29.34 22.90
CA PHE B 261 -12.71 30.38 22.45
C PHE B 261 -13.05 30.21 20.98
N TYR B 262 -14.34 30.25 20.65
CA TYR B 262 -14.82 30.30 19.28
C TYR B 262 -15.61 31.60 19.08
N SER B 263 -15.22 32.39 18.08
CA SER B 263 -15.96 33.63 17.82
C SER B 263 -17.41 33.37 17.42
N SER B 264 -17.71 32.18 16.87
CA SER B 264 -19.08 31.93 16.43
C SER B 264 -20.03 31.70 17.60
N THR B 265 -19.57 31.06 18.68
CA THR B 265 -20.48 30.70 19.75
C THR B 265 -20.01 30.96 21.18
N GLY B 266 -18.71 31.02 21.47
CA GLY B 266 -18.29 31.30 22.83
C GLY B 266 -17.20 30.40 23.39
N TRP B 267 -17.17 30.25 24.72
CA TRP B 267 -16.09 29.55 25.42
C TRP B 267 -16.48 28.11 25.72
N TYR B 268 -15.52 27.20 25.58
CA TYR B 268 -15.70 25.77 25.79
C TYR B 268 -14.52 25.23 26.59
N ASN B 269 -14.77 24.24 27.45
CA ASN B 269 -13.65 23.61 28.16
C ASN B 269 -13.20 22.35 27.43
N ARG B 270 -11.89 22.17 27.37
CA ARG B 270 -11.23 21.13 26.57
C ARG B 270 -10.31 20.31 27.47
N LEU B 271 -10.29 18.98 27.27
CA LEU B 271 -9.45 18.07 28.04
C LEU B 271 -8.38 17.44 27.15
N TYR B 272 -7.19 17.21 27.72
CA TYR B 272 -6.05 16.69 26.97
C TYR B 272 -5.48 15.44 27.64
N ILE B 273 -4.92 14.55 26.79
CA ILE B 273 -4.14 13.40 27.21
C ILE B 273 -2.80 13.49 26.49
N ASN B 274 -1.71 13.53 27.26
CA ASN B 274 -0.37 13.82 26.72
C ASN B 274 0.60 12.67 26.93
N PHE B 275 1.52 12.47 25.99
CA PHE B 275 2.56 11.45 26.10
C PHE B 275 3.72 11.80 25.16
N THR B 276 4.85 11.09 25.34
CA THR B 276 6.12 11.38 24.69
C THR B 276 6.73 10.13 24.06
N LEU B 277 7.40 10.31 22.91
CA LEU B 277 8.02 9.21 22.15
C LEU B 277 9.53 9.42 21.96
N ARG B 278 10.27 8.30 21.96
CA ARG B 278 11.72 8.31 21.74
C ARG B 278 12.12 7.08 20.92
N ARG B 279 13.26 7.20 20.23
CA ARG B 279 13.81 6.13 19.40
C ARG B 279 14.92 5.37 20.14
N HIS B 280 15.38 4.27 19.52
CA HIS B 280 16.51 3.49 20.01
C HIS B 280 17.76 3.98 19.30
N ILE B 281 18.57 4.79 19.99
CA ILE B 281 19.68 5.48 19.34
C ILE B 281 20.74 4.48 18.86
N PHE B 282 21.07 3.50 19.72
CA PHE B 282 22.23 2.63 19.49
C PHE B 282 22.08 1.83 18.18
N PHE B 283 20.85 1.50 17.81
CA PHE B 283 20.57 0.86 16.52
C PHE B 283 21.02 1.76 15.37
N PHE B 284 20.58 3.02 15.38
CA PHE B 284 20.94 3.93 14.31
C PHE B 284 22.43 4.21 14.29
N LEU B 285 23.07 4.28 15.46
CA LEU B 285 24.51 4.48 15.51
C LEU B 285 25.22 3.35 14.76
N LEU B 286 24.93 2.10 15.12
CA LEU B 286 25.56 0.97 14.43
C LEU B 286 25.21 0.95 12.95
N GLN B 287 23.97 1.34 12.61
CA GLN B 287 23.46 1.17 11.25
C GLN B 287 24.00 2.22 10.30
N THR B 288 24.29 3.43 10.79
CA THR B 288 24.67 4.53 9.92
C THR B 288 26.04 5.12 10.23
N TYR B 289 26.31 5.49 11.50
CA TYR B 289 27.50 6.28 11.76
C TYR B 289 28.77 5.42 11.70
N PHE B 290 28.65 4.15 12.08
CA PHE B 290 29.79 3.22 12.07
C PHE B 290 30.42 3.05 10.68
N PRO B 291 29.68 2.63 9.64
CA PRO B 291 30.34 2.37 8.34
C PRO B 291 30.99 3.60 7.71
N ALA B 292 30.38 4.77 7.86
CA ALA B 292 30.94 5.98 7.27
C ALA B 292 32.28 6.32 7.93
N THR B 293 32.36 6.23 9.25
CA THR B 293 33.62 6.45 9.94
C THR B 293 34.67 5.44 9.50
N LEU B 294 34.25 4.17 9.33
CA LEU B 294 35.20 3.15 8.89
C LEU B 294 35.75 3.46 7.49
N MET B 295 34.90 3.94 6.58
CA MET B 295 35.39 4.20 5.23
C MET B 295 36.28 5.45 5.22
N VAL B 296 35.98 6.43 6.07
CA VAL B 296 36.87 7.58 6.17
C VAL B 296 38.24 7.16 6.68
N MET B 297 38.27 6.29 7.69
CA MET B 297 39.58 5.81 8.17
C MET B 297 40.29 4.97 7.11
N LEU B 298 39.53 4.22 6.30
CA LEU B 298 40.13 3.41 5.24
C LEU B 298 40.78 4.28 4.18
N SER B 299 40.21 5.47 3.93
CA SER B 299 40.82 6.30 2.88
C SER B 299 42.19 6.86 3.28
N TRP B 300 42.52 6.83 4.57
CA TRP B 300 43.81 7.35 5.02
C TRP B 300 44.95 6.37 4.79
N VAL B 301 44.65 5.12 4.44
CA VAL B 301 45.70 4.12 4.25
C VAL B 301 46.63 4.51 3.12
N SER B 302 46.10 5.18 2.08
CA SER B 302 46.94 5.49 0.91
C SER B 302 48.09 6.43 1.24
N PHE B 303 48.03 7.13 2.38
CA PHE B 303 49.11 8.05 2.73
C PHE B 303 50.39 7.31 3.11
N TRP B 304 50.29 6.03 3.45
CA TRP B 304 51.45 5.23 3.82
C TRP B 304 51.94 4.31 2.72
N ILE B 305 51.40 4.42 1.50
CA ILE B 305 51.74 3.54 0.38
C ILE B 305 52.78 4.23 -0.51
N ASP B 306 53.71 3.44 -1.07
CA ASP B 306 54.73 3.99 -1.96
C ASP B 306 54.10 4.79 -3.10
N ARG B 307 54.56 6.04 -3.25
CA ARG B 307 54.06 6.97 -4.26
C ARG B 307 54.40 6.54 -5.68
N ARG B 308 55.34 5.61 -5.84
CA ARG B 308 55.68 5.10 -7.15
C ARG B 308 54.70 4.07 -7.66
N ALA B 309 53.85 3.52 -6.78
CA ALA B 309 52.87 2.50 -7.17
C ALA B 309 51.56 3.17 -7.56
N VAL B 310 51.58 3.81 -8.73
CA VAL B 310 50.39 4.46 -9.26
C VAL B 310 49.24 3.48 -9.49
N PRO B 311 49.45 2.32 -10.14
CA PRO B 311 48.31 1.40 -10.37
C PRO B 311 47.73 0.80 -9.10
N ALA B 312 48.33 1.07 -7.94
CA ALA B 312 47.75 0.71 -6.66
C ALA B 312 47.07 1.88 -5.98
N ARG B 313 47.61 3.09 -6.16
CA ARG B 313 47.12 4.25 -5.44
C ARG B 313 45.81 4.73 -6.05
N VAL B 314 45.70 4.71 -7.37
CA VAL B 314 44.54 5.32 -8.05
C VAL B 314 43.27 4.50 -7.85
N PRO B 315 43.27 3.20 -8.18
CA PRO B 315 42.03 2.41 -8.03
C PRO B 315 41.52 2.36 -6.60
N LEU B 316 42.41 2.46 -5.61
CA LEU B 316 42.00 2.45 -4.21
C LEU B 316 41.09 3.63 -3.92
N GLY B 317 41.53 4.83 -4.30
CA GLY B 317 40.73 6.01 -4.05
C GLY B 317 39.40 5.98 -4.77
N ILE B 318 39.42 5.61 -6.06
CA ILE B 318 38.15 5.66 -6.79
C ILE B 318 37.18 4.62 -6.25
N THR B 319 37.68 3.46 -5.84
CA THR B 319 36.81 2.43 -5.30
C THR B 319 36.27 2.82 -3.92
N THR B 320 37.07 3.52 -3.11
CA THR B 320 36.55 4.05 -1.85
C THR B 320 35.41 5.04 -2.09
N VAL B 321 35.54 5.89 -3.11
CA VAL B 321 34.45 6.82 -3.43
C VAL B 321 33.18 6.06 -3.82
N LEU B 322 33.32 5.04 -4.68
CA LEU B 322 32.16 4.23 -5.06
C LEU B 322 31.49 3.59 -3.85
N THR B 323 32.29 3.08 -2.92
CA THR B 323 31.73 2.40 -1.76
C THR B 323 30.96 3.35 -0.88
N MET B 324 31.53 4.53 -0.61
CA MET B 324 30.80 5.54 0.16
C MET B 324 29.49 5.92 -0.52
N SER B 325 29.48 5.99 -1.85
CA SER B 325 28.24 6.33 -2.56
C SER B 325 27.18 5.23 -2.38
N THR B 326 27.57 3.95 -2.48
CA THR B 326 26.56 2.89 -2.29
C THR B 326 26.05 2.88 -0.85
N ILE B 327 26.89 3.24 0.12
CA ILE B 327 26.44 3.33 1.50
C ILE B 327 25.38 4.42 1.64
N ILE B 328 25.65 5.61 1.10
CA ILE B 328 24.71 6.72 1.27
C ILE B 328 23.38 6.42 0.58
N THR B 329 23.44 5.87 -0.63
CA THR B 329 22.19 5.52 -1.32
C THR B 329 21.37 4.51 -0.50
N GLY B 330 22.05 3.51 0.06
CA GLY B 330 21.34 2.48 0.80
C GLY B 330 20.71 3.02 2.07
N VAL B 331 21.41 3.97 2.72
CA VAL B 331 20.89 4.62 3.93
C VAL B 331 19.67 5.48 3.61
N ASN B 332 19.70 6.20 2.49
CA ASN B 332 18.51 6.94 2.08
C ASN B 332 17.31 6.03 1.89
N ALA B 333 17.51 4.91 1.20
CA ALA B 333 16.38 4.06 0.86
C ALA B 333 15.61 3.56 2.09
N SER B 334 16.16 3.70 3.30
CA SER B 334 15.58 3.04 4.46
C SER B 334 15.00 3.99 5.51
N MET B 335 15.08 5.28 5.29
CA MET B 335 14.55 6.29 6.20
C MET B 335 13.19 6.76 5.71
N PRO B 336 12.36 7.31 6.60
CA PRO B 336 11.07 7.85 6.14
C PRO B 336 11.28 8.99 5.16
N ARG B 337 10.42 9.05 4.14
CA ARG B 337 10.56 9.98 3.03
C ARG B 337 10.14 11.38 3.49
N VAL B 338 11.08 12.06 4.14
CA VAL B 338 10.90 13.43 4.60
C VAL B 338 11.92 14.30 3.90
N SER B 339 11.45 15.23 3.08
CA SER B 339 12.29 15.96 2.13
C SER B 339 12.77 17.29 2.72
N TYR B 340 13.62 17.19 3.75
CA TYR B 340 14.37 18.34 4.23
C TYR B 340 15.54 17.84 5.06
N ILE B 341 16.45 18.76 5.38
CA ILE B 341 17.78 18.36 5.81
C ILE B 341 17.75 17.94 7.27
N LYS B 342 18.32 16.78 7.57
CA LYS B 342 18.41 16.24 8.92
C LYS B 342 19.86 16.01 9.30
N ALA B 343 20.09 15.74 10.61
CA ALA B 343 21.46 15.80 11.13
C ALA B 343 22.34 14.74 10.50
N VAL B 344 21.74 13.60 10.16
CA VAL B 344 22.48 12.41 9.76
C VAL B 344 22.93 12.60 8.33
N ASP B 345 22.20 13.42 7.58
CA ASP B 345 22.63 13.84 6.25
C ASP B 345 23.88 14.71 6.33
N ILE B 346 23.94 15.59 7.31
CA ILE B 346 25.11 16.46 7.45
C ILE B 346 26.36 15.63 7.71
N TYR B 347 26.26 14.63 8.59
CA TYR B 347 27.39 13.77 8.91
C TYR B 347 27.85 12.98 7.68
N LEU B 348 26.88 12.42 6.94
CA LEU B 348 27.20 11.59 5.78
C LEU B 348 27.87 12.41 4.69
N TRP B 349 27.33 13.59 4.40
CA TRP B 349 27.86 14.41 3.31
C TRP B 349 29.25 14.93 3.63
N VAL B 350 29.50 15.30 4.90
CA VAL B 350 30.83 15.75 5.30
C VAL B 350 31.86 14.63 5.12
N SER B 351 31.47 13.42 5.48
CA SER B 351 32.34 12.26 5.31
C SER B 351 32.70 12.02 3.86
N PHE B 352 31.75 12.31 2.96
CA PHE B 352 31.96 12.09 1.53
C PHE B 352 32.95 13.11 0.99
N VAL B 353 32.88 14.35 1.51
CA VAL B 353 33.83 15.37 1.12
C VAL B 353 35.23 14.99 1.54
N PHE B 354 35.39 14.40 2.73
CA PHE B 354 36.70 13.97 3.19
C PHE B 354 37.30 12.94 2.23
N VAL B 355 36.50 11.98 1.77
CA VAL B 355 36.97 10.92 0.88
C VAL B 355 37.39 11.52 -0.46
N PHE B 356 36.67 12.55 -0.90
CA PHE B 356 36.94 13.22 -2.17
C PHE B 356 38.27 13.94 -2.12
N LEU B 357 38.55 14.62 -1.00
CA LEU B 357 39.80 15.36 -0.89
C LEU B 357 41.01 14.44 -0.85
N SER B 358 40.84 13.22 -0.33
CA SER B 358 41.98 12.30 -0.29
C SER B 358 42.41 11.86 -1.68
N VAL B 359 41.51 11.94 -2.66
CA VAL B 359 41.91 11.57 -4.02
C VAL B 359 42.62 12.74 -4.67
N LEU B 360 42.16 13.97 -4.42
CA LEU B 360 42.85 15.13 -4.98
C LEU B 360 44.28 15.23 -4.46
N GLU B 361 44.54 14.69 -3.27
CA GLU B 361 45.86 14.82 -2.67
C GLU B 361 46.89 14.06 -3.48
N TYR B 362 46.55 12.83 -3.87
CA TYR B 362 47.47 12.00 -4.63
C TYR B 362 47.62 12.48 -6.05
N ALA B 363 46.57 13.08 -6.62
CA ALA B 363 46.70 13.67 -7.95
C ALA B 363 47.79 14.74 -7.97
N ALA B 364 47.81 15.58 -6.94
CA ALA B 364 48.84 16.63 -6.84
C ALA B 364 50.22 16.02 -6.65
N VAL B 365 50.32 14.98 -5.82
CA VAL B 365 51.62 14.35 -5.57
C VAL B 365 52.19 13.78 -6.87
N ASN B 366 51.33 13.16 -7.67
CA ASN B 366 51.84 12.44 -8.84
C ASN B 366 52.29 13.43 -9.89
N TYR B 367 51.57 14.52 -10.05
CA TYR B 367 51.95 15.55 -11.01
C TYR B 367 53.28 16.19 -10.64
N LEU B 368 53.47 16.53 -9.36
CA LEU B 368 54.71 17.17 -8.95
C LEU B 368 55.90 16.25 -9.12
N THR B 369 55.74 14.97 -8.83
CA THR B 369 56.84 14.02 -8.97
C THR B 369 57.26 13.88 -10.43
N THR B 370 56.28 13.78 -11.34
CA THR B 370 56.57 13.69 -12.77
C THR B 370 57.30 14.94 -13.26
N VAL B 371 56.88 16.11 -12.77
CA VAL B 371 57.54 17.35 -13.19
C VAL B 371 59.01 17.34 -12.76
N GLN B 372 59.29 16.92 -11.53
CA GLN B 372 60.66 16.92 -11.02
C GLN B 372 61.54 15.97 -11.84
N GLU B 373 61.02 14.79 -12.16
CA GLU B 373 61.78 13.79 -12.89
C GLU B 373 62.11 14.28 -14.29
N ARG B 374 61.15 14.96 -14.93
CA ARG B 374 61.38 15.40 -16.30
C ARG B 374 62.40 16.51 -16.34
N LYS B 375 62.36 17.38 -15.33
CA LYS B 375 63.26 18.51 -15.19
C LYS B 375 64.67 18.01 -14.97
N GLU B 376 64.82 16.94 -14.17
CA GLU B 376 66.15 16.42 -13.86
C GLU B 376 66.78 15.78 -15.08
N GLN B 377 66.00 14.99 -15.83
CA GLN B 377 66.53 14.37 -17.03
C GLN B 377 66.87 15.41 -18.09
N LYS B 378 66.08 16.47 -18.18
CA LYS B 378 66.32 17.52 -19.16
C LYS B 378 67.61 18.25 -18.83
N ASP B 451 62.36 8.34 -0.99
CA ASP B 451 61.95 9.22 0.10
C ASP B 451 60.47 9.56 0.04
N THR B 452 59.94 10.09 1.14
CA THR B 452 58.54 10.47 1.23
C THR B 452 58.36 11.94 0.84
N HIS B 453 57.37 12.21 -0.01
CA HIS B 453 57.03 13.56 -0.38
C HIS B 453 56.44 14.32 0.81
N ALA B 454 56.66 15.63 0.83
CA ALA B 454 56.23 16.44 1.97
C ALA B 454 54.72 16.44 2.14
N ILE B 455 53.98 16.36 1.03
CA ILE B 455 52.53 16.41 1.11
C ILE B 455 51.97 15.21 1.88
N ASP B 456 52.50 14.01 1.60
CA ASP B 456 52.09 12.83 2.36
C ASP B 456 52.39 13.00 3.84
N LYS B 457 53.60 13.51 4.16
CA LYS B 457 53.99 13.69 5.55
C LYS B 457 53.04 14.64 6.27
N TYR B 458 52.61 15.71 5.60
CA TYR B 458 51.70 16.58 6.34
C TYR B 458 50.29 16.01 6.41
N SER B 459 49.84 15.34 5.33
CA SER B 459 48.48 14.81 5.30
C SER B 459 48.26 13.78 6.40
N ARG B 460 49.28 12.94 6.64
CA ARG B 460 49.22 11.89 7.64
C ARG B 460 48.83 12.44 9.00
N ILE B 461 49.16 13.70 9.28
CA ILE B 461 48.79 14.35 10.52
C ILE B 461 47.51 15.16 10.38
N ILE B 462 47.38 15.88 9.27
CA ILE B 462 46.35 16.91 9.17
C ILE B 462 44.96 16.29 9.02
N PHE B 463 44.83 15.22 8.23
CA PHE B 463 43.48 14.67 8.01
C PHE B 463 42.81 14.18 9.28
N PRO B 464 43.42 13.29 10.08
CA PRO B 464 42.73 12.84 11.32
C PRO B 464 42.41 13.94 12.30
N ALA B 465 43.29 14.95 12.46
CA ALA B 465 43.00 16.02 13.41
C ALA B 465 41.76 16.79 12.99
N ALA B 466 41.65 17.12 11.70
CA ALA B 466 40.46 17.83 11.23
C ALA B 466 39.20 17.00 11.44
N TYR B 467 39.28 15.68 11.18
CA TYR B 467 38.08 14.86 11.39
C TYR B 467 37.68 14.80 12.87
N ILE B 468 38.67 14.72 13.76
CA ILE B 468 38.37 14.70 15.19
C ILE B 468 37.73 16.01 15.62
N LEU B 469 38.24 17.14 15.11
CA LEU B 469 37.67 18.43 15.46
C LEU B 469 36.22 18.55 14.98
N PHE B 470 35.95 18.09 13.74
CA PHE B 470 34.58 18.09 13.24
C PHE B 470 33.68 17.25 14.15
N ASN B 471 34.16 16.09 14.59
CA ASN B 471 33.34 15.25 15.46
C ASN B 471 33.04 15.93 16.78
N LEU B 472 34.05 16.59 17.36
CA LEU B 472 33.83 17.30 18.62
C LEU B 472 32.74 18.37 18.46
N ILE B 473 32.83 19.16 17.40
CA ILE B 473 31.85 20.23 17.20
C ILE B 473 30.46 19.65 16.96
N TYR B 474 30.38 18.62 16.10
CA TYR B 474 29.09 18.01 15.77
C TYR B 474 28.41 17.46 17.01
N TRP B 475 29.13 16.69 17.82
CA TRP B 475 28.50 16.07 18.98
C TRP B 475 28.29 17.02 20.13
N SER B 476 29.00 18.16 20.17
CA SER B 476 28.64 19.19 21.13
C SER B 476 27.37 19.93 20.70
N ILE B 477 27.09 19.99 19.39
CA ILE B 477 25.91 20.70 18.94
C ILE B 477 24.66 19.83 19.07
N PHE B 478 24.73 18.58 18.61
CA PHE B 478 23.57 17.71 18.54
C PHE B 478 23.46 16.75 19.73
N SER B 479 24.27 16.94 20.77
CA SER B 479 24.19 16.15 22.00
C SER B 479 24.62 14.70 21.77
N LYS C 74 -42.96 19.97 24.53
CA LYS C 74 -42.12 19.61 23.39
C LYS C 74 -41.65 20.86 22.66
N SER C 75 -40.34 21.00 22.49
CA SER C 75 -39.80 22.17 21.81
C SER C 75 -40.15 22.18 20.32
N GLU C 76 -40.42 21.00 19.74
CA GLU C 76 -40.72 20.96 18.31
C GLU C 76 -42.15 21.37 18.01
N GLN C 77 -42.98 21.55 19.03
CA GLN C 77 -44.30 22.14 18.93
C GLN C 77 -44.28 23.67 19.01
N LEU C 78 -43.20 24.28 19.48
CA LEU C 78 -43.10 25.74 19.39
C LEU C 78 -42.93 26.19 17.94
N LEU C 79 -42.25 25.39 17.13
CA LEU C 79 -42.23 25.58 15.69
C LEU C 79 -43.35 24.76 15.07
N ARG C 80 -44.22 25.42 14.31
CA ARG C 80 -45.38 24.76 13.70
C ARG C 80 -44.88 23.91 12.53
N ILE C 81 -44.30 22.75 12.88
CA ILE C 81 -43.65 21.91 11.88
C ILE C 81 -44.68 21.33 10.92
N ASP C 82 -45.84 20.88 11.42
CA ASP C 82 -46.84 20.25 10.56
C ASP C 82 -47.74 21.27 9.88
N ASP C 83 -47.54 22.57 10.11
CA ASP C 83 -48.35 23.58 9.47
C ASP C 83 -47.70 24.15 8.22
N HIS C 84 -46.51 23.66 7.84
CA HIS C 84 -45.90 24.18 6.62
C HIS C 84 -45.33 23.06 5.76
N ASP C 85 -45.19 23.36 4.46
CA ASP C 85 -44.58 22.43 3.51
C ASP C 85 -43.11 22.79 3.42
N PHE C 86 -42.27 21.98 4.05
CA PHE C 86 -40.83 22.19 4.05
C PHE C 86 -40.12 21.48 2.91
N SER C 87 -40.83 21.17 1.84
CA SER C 87 -40.21 20.71 0.62
C SER C 87 -39.96 21.84 -0.39
N MET C 88 -40.47 23.04 -0.12
CA MET C 88 -40.22 24.23 -0.91
C MET C 88 -39.38 25.23 -0.12
N ARG C 89 -38.60 26.03 -0.86
CA ARG C 89 -37.71 26.99 -0.23
C ARG C 89 -38.47 28.16 0.39
N PRO C 90 -37.82 28.87 1.32
CA PRO C 90 -38.40 30.14 1.78
C PRO C 90 -38.47 31.15 0.66
N GLY C 91 -39.57 31.91 0.63
CA GLY C 91 -39.76 32.90 -0.42
C GLY C 91 -40.10 32.33 -1.77
N PHE C 92 -40.62 31.10 -1.81
CA PHE C 92 -40.97 30.44 -3.06
C PHE C 92 -41.90 31.31 -3.90
N GLY C 93 -41.63 31.39 -5.20
CA GLY C 93 -42.45 32.21 -6.06
C GLY C 93 -41.88 33.58 -6.35
N GLY C 94 -40.92 34.03 -5.56
CA GLY C 94 -40.44 35.40 -5.63
C GLY C 94 -38.94 35.48 -5.79
N PRO C 95 -38.35 36.62 -5.42
CA PRO C 95 -36.88 36.76 -5.47
C PRO C 95 -36.16 35.65 -4.72
N ALA C 96 -34.94 35.39 -5.20
CA ALA C 96 -34.06 34.37 -4.64
C ALA C 96 -33.67 34.71 -3.19
N ILE C 97 -33.46 33.66 -2.40
CA ILE C 97 -33.10 33.80 -1.00
C ILE C 97 -31.58 33.81 -0.86
N PRO C 98 -31.00 34.83 -0.24
CA PRO C 98 -29.55 34.86 -0.07
C PRO C 98 -29.08 33.96 1.06
N VAL C 99 -27.95 33.28 0.83
CA VAL C 99 -27.35 32.36 1.78
C VAL C 99 -25.87 32.69 1.92
N GLY C 100 -25.45 33.03 3.14
CA GLY C 100 -24.06 33.37 3.42
C GLY C 100 -23.29 32.22 4.02
N VAL C 101 -21.97 32.19 3.74
CA VAL C 101 -21.13 31.06 4.07
C VAL C 101 -19.83 31.54 4.73
N ASP C 102 -19.41 30.82 5.77
CA ASP C 102 -18.09 30.97 6.40
C ASP C 102 -17.42 29.62 6.49
N VAL C 103 -16.08 29.61 6.46
CA VAL C 103 -15.30 28.38 6.48
C VAL C 103 -14.13 28.52 7.46
N GLN C 104 -13.90 27.47 8.26
CA GLN C 104 -12.75 27.37 9.13
C GLN C 104 -12.00 26.07 8.83
N VAL C 105 -10.75 26.20 8.40
CA VAL C 105 -9.94 25.04 7.99
C VAL C 105 -9.17 24.51 9.20
N GLU C 106 -9.37 23.24 9.52
CA GLU C 106 -8.72 22.64 10.69
C GLU C 106 -7.36 22.04 10.38
N SER C 107 -7.22 21.29 9.29
CA SER C 107 -5.93 20.68 8.99
C SER C 107 -5.87 20.26 7.52
N LEU C 108 -4.65 20.03 7.05
CA LEU C 108 -4.39 19.41 5.76
C LEU C 108 -3.81 18.03 6.02
N ASP C 109 -4.50 17.00 5.56
CA ASP C 109 -4.24 15.65 6.04
C ASP C 109 -3.20 14.89 5.23
N SER C 110 -3.21 15.01 3.90
CA SER C 110 -2.27 14.29 3.05
C SER C 110 -2.31 14.87 1.65
N ILE C 111 -1.33 14.48 0.84
CA ILE C 111 -1.27 14.87 -0.56
C ILE C 111 -0.64 13.72 -1.34
N SER C 112 -1.18 13.45 -2.53
CA SER C 112 -0.72 12.36 -3.39
C SER C 112 -0.27 12.94 -4.71
N GLU C 113 1.02 12.82 -5.02
CA GLU C 113 1.57 13.37 -6.25
C GLU C 113 1.26 12.52 -7.47
N VAL C 114 1.19 11.20 -7.30
CA VAL C 114 0.93 10.34 -8.45
C VAL C 114 -0.52 10.47 -8.89
N ASP C 115 -1.45 10.47 -7.94
CA ASP C 115 -2.88 10.57 -8.23
C ASP C 115 -3.38 11.99 -8.33
N MET C 116 -2.57 12.97 -7.90
CA MET C 116 -2.86 14.39 -8.06
C MET C 116 -4.15 14.77 -7.31
N ASP C 117 -4.08 14.71 -5.98
CA ASP C 117 -5.18 15.14 -5.13
C ASP C 117 -4.65 15.48 -3.73
N PHE C 118 -5.53 16.09 -2.92
CA PHE C 118 -5.22 16.46 -1.54
C PHE C 118 -6.47 16.29 -0.68
N THR C 119 -6.26 16.22 0.65
CA THR C 119 -7.32 15.97 1.61
C THR C 119 -7.30 17.01 2.73
N MET C 120 -8.48 17.49 3.13
CA MET C 120 -8.64 18.57 4.09
C MET C 120 -9.85 18.33 4.98
N THR C 121 -9.78 18.84 6.21
CA THR C 121 -10.85 18.75 7.21
C THR C 121 -11.26 20.17 7.62
N LEU C 122 -12.56 20.47 7.66
CA LEU C 122 -12.95 21.86 7.88
C LEU C 122 -14.32 21.94 8.56
N TYR C 123 -14.69 23.16 9.00
CA TYR C 123 -16.03 23.46 9.49
C TYR C 123 -16.75 24.33 8.46
N LEU C 124 -18.00 23.98 8.15
CA LEU C 124 -18.81 24.72 7.19
C LEU C 124 -20.05 25.28 7.88
N ARG C 125 -20.28 26.58 7.74
CA ARG C 125 -21.36 27.29 8.42
C ARG C 125 -22.25 28.01 7.40
N HIS C 126 -23.57 27.95 7.59
CA HIS C 126 -24.54 28.63 6.74
C HIS C 126 -25.41 29.60 7.55
N TYR C 127 -25.89 30.64 6.86
CA TYR C 127 -26.72 31.67 7.50
C TYR C 127 -27.86 32.14 6.58
N TRP C 128 -29.11 32.03 7.01
CA TRP C 128 -30.26 32.48 6.23
C TRP C 128 -31.44 32.70 7.18
N LYS C 129 -32.53 33.23 6.62
CA LYS C 129 -33.68 33.60 7.43
C LYS C 129 -34.93 32.92 6.88
N ASP C 130 -35.78 32.42 7.78
CA ASP C 130 -37.00 31.74 7.39
C ASP C 130 -38.10 32.14 8.37
N GLU C 131 -39.09 32.90 7.90
CA GLU C 131 -40.15 33.38 8.77
C GLU C 131 -41.05 32.26 9.30
N ARG C 132 -41.05 31.10 8.63
CA ARG C 132 -41.89 29.99 9.09
C ARG C 132 -41.39 29.38 10.40
N LEU C 133 -40.14 29.64 10.78
CA LEU C 133 -39.56 29.09 12.00
C LEU C 133 -39.66 30.04 13.19
N SER C 134 -40.32 31.18 13.03
CA SER C 134 -40.40 32.14 14.12
C SER C 134 -41.29 31.61 15.24
N PHE C 135 -40.91 31.90 16.48
CA PHE C 135 -41.67 31.46 17.63
C PHE C 135 -41.78 32.56 18.67
N PRO C 136 -42.87 32.59 19.44
CA PRO C 136 -42.97 33.59 20.50
C PRO C 136 -42.02 33.31 21.65
N SER C 137 -41.60 34.41 22.29
CA SER C 137 -40.70 34.34 23.43
C SER C 137 -40.89 35.58 24.29
N THR C 138 -40.77 35.39 25.61
CA THR C 138 -40.78 36.48 26.56
C THR C 138 -39.38 37.01 26.85
N ASN C 139 -38.38 36.50 26.14
CA ASN C 139 -36.98 36.90 26.28
C ASN C 139 -36.35 36.81 24.89
N ASN C 140 -35.03 36.92 24.83
CA ASN C 140 -34.31 36.84 23.57
C ASN C 140 -33.40 35.63 23.49
N LEU C 141 -33.84 34.51 24.04
CA LEU C 141 -33.05 33.29 24.05
C LEU C 141 -33.38 32.43 22.83
N SER C 142 -32.35 31.79 22.28
CA SER C 142 -32.52 30.94 21.11
C SER C 142 -32.58 29.47 21.52
N MET C 143 -33.06 28.64 20.59
CA MET C 143 -33.19 27.21 20.80
C MET C 143 -32.22 26.45 19.92
N THR C 144 -31.61 25.40 20.46
CA THR C 144 -30.55 24.65 19.79
C THR C 144 -30.98 23.19 19.61
N PHE C 145 -30.67 22.63 18.44
CA PHE C 145 -31.07 21.29 18.08
C PHE C 145 -29.89 20.56 17.44
N ASP C 146 -29.96 19.22 17.43
CA ASP C 146 -28.94 18.42 16.77
C ASP C 146 -29.44 17.97 15.40
N GLY C 147 -28.78 17.01 14.80
CA GLY C 147 -29.05 16.70 13.41
C GLY C 147 -30.40 16.05 13.15
N ARG C 148 -31.07 15.58 14.19
CA ARG C 148 -32.35 14.89 13.98
C ARG C 148 -33.44 15.81 13.43
N LEU C 149 -33.34 17.14 13.65
CA LEU C 149 -34.32 18.09 13.15
C LEU C 149 -34.09 18.44 11.68
N VAL C 150 -32.95 18.04 11.11
CA VAL C 150 -32.63 18.48 9.76
C VAL C 150 -33.60 17.88 8.76
N LYS C 151 -34.05 16.66 9.03
CA LYS C 151 -34.95 15.96 8.12
C LYS C 151 -36.37 16.50 8.15
N LYS C 152 -36.70 17.37 9.10
CA LYS C 152 -38.03 17.96 9.19
C LYS C 152 -38.17 19.36 8.60
N ILE C 153 -37.09 20.04 8.26
CA ILE C 153 -37.19 21.40 7.72
C ILE C 153 -36.36 21.49 6.43
N TRP C 154 -36.45 22.65 5.79
CA TRP C 154 -35.69 22.91 4.57
C TRP C 154 -34.30 23.42 4.91
N VAL C 155 -33.28 22.89 4.23
CA VAL C 155 -31.91 23.38 4.39
C VAL C 155 -31.22 23.40 3.03
N PRO C 156 -30.17 24.20 2.89
CA PRO C 156 -29.51 24.30 1.57
C PRO C 156 -28.69 23.06 1.24
N ASP C 157 -28.58 22.77 -0.06
CA ASP C 157 -27.94 21.54 -0.51
C ASP C 157 -26.57 21.81 -1.16
N MET C 158 -25.59 22.08 -0.32
CA MET C 158 -24.25 22.37 -0.86
C MET C 158 -23.51 21.04 -1.10
N PHE C 159 -22.73 21.04 -2.19
CA PHE C 159 -21.78 19.95 -2.51
C PHE C 159 -20.46 20.50 -3.01
N PHE C 160 -19.43 19.64 -3.00
CA PHE C 160 -18.07 20.04 -3.38
C PHE C 160 -17.79 19.59 -4.81
N VAL C 161 -17.43 20.56 -5.67
CA VAL C 161 -17.20 20.29 -7.09
C VAL C 161 -15.80 19.72 -7.28
N HIS C 162 -15.68 18.75 -8.17
CA HIS C 162 -14.41 18.10 -8.53
C HIS C 162 -13.82 17.33 -7.35
N SER C 163 -14.65 16.71 -6.52
CA SER C 163 -14.16 15.92 -5.41
C SER C 163 -14.25 14.43 -5.74
N LYS C 164 -13.42 13.65 -5.05
CA LYS C 164 -13.36 12.21 -5.25
C LYS C 164 -14.06 11.40 -4.17
N ARG C 165 -13.95 11.81 -2.89
CA ARG C 165 -14.75 11.25 -1.81
C ARG C 165 -14.86 12.24 -0.66
N SER C 166 -15.88 12.04 0.18
CA SER C 166 -16.09 12.89 1.36
C SER C 166 -17.04 12.20 2.35
N PHE C 167 -17.00 12.66 3.59
CA PHE C 167 -17.91 12.14 4.63
C PHE C 167 -18.04 13.14 5.77
N ILE C 168 -19.12 12.97 6.56
CA ILE C 168 -19.42 13.78 7.74
C ILE C 168 -19.12 12.98 8.98
N HIS C 169 -18.39 13.58 9.93
CA HIS C 169 -17.96 12.88 11.14
C HIS C 169 -19.15 12.56 12.04
N ASP C 170 -19.10 11.41 12.73
CA ASP C 170 -20.27 10.96 13.48
C ASP C 170 -19.93 10.31 14.83
N THR C 171 -18.84 10.72 15.47
CA THR C 171 -18.48 10.23 16.80
C THR C 171 -18.40 11.41 17.76
N THR C 172 -19.06 11.30 18.92
CA THR C 172 -19.83 10.14 19.36
C THR C 172 -21.26 10.13 18.80
N THR C 173 -21.65 11.26 18.21
CA THR C 173 -22.89 11.35 17.44
C THR C 173 -22.60 12.27 16.26
N ASP C 174 -23.63 12.48 15.43
CA ASP C 174 -23.46 13.29 14.23
C ASP C 174 -23.03 14.70 14.58
N ASN C 175 -21.96 15.18 13.93
CA ASN C 175 -21.34 16.47 14.24
C ASN C 175 -22.07 17.59 13.50
N VAL C 176 -23.35 17.78 13.86
CA VAL C 176 -24.25 18.75 13.24
C VAL C 176 -24.98 19.56 14.29
N MET C 177 -25.20 20.85 14.03
CA MET C 177 -25.86 21.75 14.96
C MET C 177 -26.77 22.74 14.23
N LEU C 178 -27.92 23.05 14.84
CA LEU C 178 -28.84 24.08 14.36
C LEU C 178 -29.23 24.99 15.50
N ARG C 179 -29.20 26.29 15.24
CA ARG C 179 -29.58 27.32 16.23
C ARG C 179 -30.59 28.25 15.58
N VAL C 180 -31.72 28.44 16.25
CA VAL C 180 -32.83 29.20 15.69
C VAL C 180 -33.13 30.41 16.57
N GLN C 181 -33.11 31.61 15.97
CA GLN C 181 -33.44 32.82 16.71
C GLN C 181 -34.96 33.01 16.81
N PRO C 182 -35.45 33.81 17.76
CA PRO C 182 -36.90 34.04 17.83
C PRO C 182 -37.50 34.61 16.56
N ASP C 183 -36.74 35.36 15.76
CA ASP C 183 -37.28 36.00 14.58
C ASP C 183 -37.11 35.17 13.32
N GLY C 184 -36.53 33.98 13.43
CA GLY C 184 -36.40 33.07 12.31
C GLY C 184 -35.03 33.00 11.65
N LYS C 185 -34.00 33.62 12.23
CA LYS C 185 -32.66 33.49 11.71
C LYS C 185 -32.05 32.15 12.12
N VAL C 186 -31.31 31.53 11.20
CA VAL C 186 -30.83 30.16 11.37
C VAL C 186 -29.32 30.10 11.14
N LEU C 187 -28.61 29.35 11.99
CA LEU C 187 -27.22 28.98 11.78
C LEU C 187 -27.12 27.46 11.70
N TYR C 188 -26.38 26.99 10.70
CA TYR C 188 -26.29 25.57 10.33
C TYR C 188 -24.81 25.23 10.18
N SER C 189 -24.30 24.34 11.04
CA SER C 189 -22.88 24.07 11.17
C SER C 189 -22.59 22.58 11.15
N LEU C 190 -21.59 22.17 10.38
CA LEU C 190 -21.17 20.76 10.38
C LEU C 190 -19.68 20.60 10.07
N ARG C 191 -19.14 19.44 10.48
CA ARG C 191 -17.72 19.12 10.34
C ARG C 191 -17.50 18.01 9.31
N VAL C 192 -16.62 18.25 8.33
CA VAL C 192 -16.51 17.39 7.14
C VAL C 192 -15.05 17.24 6.70
N THR C 193 -14.77 16.10 6.04
CA THR C 193 -13.46 15.79 5.45
C THR C 193 -13.66 15.47 3.97
N VAL C 194 -12.81 16.04 3.11
CA VAL C 194 -12.99 15.98 1.66
C VAL C 194 -11.65 15.74 0.96
N THR C 195 -11.68 14.96 -0.12
CA THR C 195 -10.55 14.73 -1.00
C THR C 195 -10.86 15.32 -2.37
N ALA C 196 -9.99 16.19 -2.89
CA ALA C 196 -10.26 16.94 -4.11
C ALA C 196 -9.08 16.85 -5.08
N MET C 197 -9.39 16.92 -6.39
CA MET C 197 -8.36 16.82 -7.43
C MET C 197 -7.57 18.11 -7.59
N CYS C 198 -6.34 17.96 -8.06
CA CYS C 198 -5.46 19.10 -8.30
C CYS C 198 -4.47 18.72 -9.40
N ASN C 199 -4.66 19.29 -10.59
CA ASN C 199 -3.73 19.02 -11.69
C ASN C 199 -2.39 19.67 -11.40
N MET C 200 -1.31 18.91 -11.56
CA MET C 200 0.05 19.35 -11.28
C MET C 200 0.93 19.21 -12.50
N ASP C 201 1.97 20.03 -12.56
CA ASP C 201 2.93 20.04 -13.67
C ASP C 201 4.33 19.93 -13.09
N PHE C 202 5.05 18.87 -13.45
CA PHE C 202 6.36 18.57 -12.88
C PHE C 202 7.51 18.89 -13.83
N SER C 203 7.30 19.78 -14.79
CA SER C 203 8.33 20.02 -15.80
C SER C 203 9.58 20.65 -15.19
N ARG C 204 9.39 21.51 -14.20
CA ARG C 204 10.47 22.28 -13.60
C ARG C 204 10.98 21.68 -12.28
N PHE C 205 10.61 20.43 -11.99
CA PHE C 205 10.97 19.80 -10.73
C PHE C 205 12.49 19.76 -10.60
N PRO C 206 13.05 20.04 -9.41
CA PRO C 206 12.41 20.36 -8.13
C PRO C 206 12.11 21.85 -7.92
N LEU C 207 12.07 22.67 -8.97
CA LEU C 207 11.85 24.09 -8.74
C LEU C 207 10.45 24.52 -9.15
N ASP C 208 9.49 23.60 -9.09
CA ASP C 208 8.14 23.83 -9.54
C ASP C 208 7.31 24.49 -8.45
N THR C 209 6.23 25.15 -8.87
CA THR C 209 5.24 25.75 -7.98
C THR C 209 3.85 25.29 -8.41
N GLN C 210 3.01 24.96 -7.43
CA GLN C 210 1.68 24.44 -7.71
C GLN C 210 0.61 25.30 -7.02
N THR C 211 -0.56 25.38 -7.67
CA THR C 211 -1.71 26.10 -7.13
C THR C 211 -2.92 25.16 -7.09
N CYS C 212 -3.64 25.19 -5.98
CA CYS C 212 -4.76 24.27 -5.73
C CYS C 212 -5.98 25.08 -5.29
N SER C 213 -7.16 24.45 -5.40
CA SER C 213 -8.41 25.10 -4.97
C SER C 213 -9.44 24.08 -4.55
N LEU C 214 -10.38 24.52 -3.71
CA LEU C 214 -11.56 23.78 -3.31
C LEU C 214 -12.78 24.61 -3.64
N GLU C 215 -13.81 23.97 -4.22
CA GLU C 215 -14.95 24.66 -4.82
C GLU C 215 -16.27 24.18 -4.22
N ILE C 216 -17.19 25.11 -4.00
CA ILE C 216 -18.46 24.87 -3.32
C ILE C 216 -19.59 25.42 -4.19
N GLU C 217 -20.67 24.63 -4.32
CA GLU C 217 -21.74 24.95 -5.26
C GLU C 217 -23.04 24.27 -4.81
N SER C 218 -24.17 24.85 -5.21
CA SER C 218 -25.48 24.26 -4.97
C SER C 218 -25.84 23.25 -6.05
N TYR C 219 -26.40 22.12 -5.63
CA TYR C 219 -26.63 21.02 -6.55
C TYR C 219 -27.83 21.29 -7.46
N ALA C 220 -28.95 21.79 -6.90
CA ALA C 220 -30.22 21.84 -7.62
C ALA C 220 -30.84 23.21 -7.79
N TYR C 221 -30.28 24.28 -7.23
CA TYR C 221 -30.92 25.60 -7.30
C TYR C 221 -30.07 26.55 -8.12
N THR C 222 -30.66 27.14 -9.16
CA THR C 222 -29.97 28.14 -9.95
C THR C 222 -29.97 29.49 -9.23
N GLU C 223 -29.22 30.44 -9.79
CA GLU C 223 -29.11 31.76 -9.19
C GLU C 223 -30.43 32.52 -9.14
N ASP C 224 -31.45 32.07 -9.88
CA ASP C 224 -32.75 32.71 -9.80
C ASP C 224 -33.51 32.32 -8.53
N ASP C 225 -33.14 31.21 -7.91
CA ASP C 225 -33.81 30.73 -6.71
C ASP C 225 -32.97 30.84 -5.45
N LEU C 226 -31.64 30.74 -5.55
CA LEU C 226 -30.75 30.78 -4.40
C LEU C 226 -29.51 31.58 -4.76
N MET C 227 -29.18 32.57 -3.92
CA MET C 227 -28.04 33.46 -4.15
C MET C 227 -26.98 33.16 -3.08
N LEU C 228 -25.86 32.59 -3.51
CA LEU C 228 -24.80 32.12 -2.62
C LEU C 228 -23.62 33.08 -2.65
N TYR C 229 -23.14 33.48 -1.47
CA TYR C 229 -22.09 34.49 -1.38
C TYR C 229 -21.29 34.31 -0.09
N TRP C 230 -20.08 34.88 -0.09
CA TRP C 230 -19.25 34.89 1.11
C TRP C 230 -19.81 35.91 2.09
N LYS C 231 -20.04 35.50 3.33
CA LYS C 231 -20.78 36.34 4.29
C LYS C 231 -20.03 37.62 4.63
N LYS C 232 -18.71 37.53 4.82
CA LYS C 232 -17.93 38.70 5.21
C LYS C 232 -16.74 38.94 4.28
N GLY C 233 -16.90 38.62 3.00
CA GLY C 233 -15.82 38.86 2.06
C GLY C 233 -14.61 38.01 2.37
N ASN C 234 -13.44 38.63 2.38
CA ASN C 234 -12.20 37.92 2.65
C ASN C 234 -12.01 37.58 4.11
N ASP C 235 -12.81 38.17 5.01
CA ASP C 235 -12.76 37.81 6.42
C ASP C 235 -13.52 36.53 6.75
N SER C 236 -14.08 35.86 5.74
CA SER C 236 -14.90 34.68 5.99
C SER C 236 -14.09 33.41 6.08
N LEU C 237 -12.77 33.48 5.86
CA LEU C 237 -11.90 32.33 5.82
C LEU C 237 -10.89 32.44 6.94
N LYS C 238 -10.84 31.40 7.79
CA LYS C 238 -9.87 31.32 8.86
C LYS C 238 -9.11 30.00 8.75
N THR C 239 -7.82 30.01 9.11
CA THR C 239 -6.98 28.83 9.02
C THR C 239 -6.28 28.61 10.35
N ASP C 240 -6.00 27.34 10.64
CA ASP C 240 -5.38 26.98 11.90
C ASP C 240 -3.92 27.43 11.93
N GLU C 241 -3.46 27.84 13.12
CA GLU C 241 -2.12 28.40 13.29
C GLU C 241 -1.00 27.39 13.03
N ARG C 242 -1.27 26.09 13.15
CA ARG C 242 -0.24 25.07 12.99
C ARG C 242 -0.52 24.15 11.81
N ILE C 243 -1.08 24.70 10.74
CA ILE C 243 -1.33 23.90 9.55
C ILE C 243 -0.01 23.68 8.82
N SER C 244 0.25 22.44 8.44
CA SER C 244 1.52 22.13 7.80
C SER C 244 1.43 20.82 7.02
N LEU C 245 2.34 20.68 6.05
CA LEU C 245 2.58 19.44 5.31
C LEU C 245 4.05 19.05 5.46
N SER C 246 4.31 17.76 5.33
CA SER C 246 5.66 17.27 5.62
C SER C 246 6.65 17.75 4.55
N GLN C 247 6.27 17.68 3.28
CA GLN C 247 7.22 17.93 2.19
C GLN C 247 6.96 19.24 1.45
N PHE C 248 6.02 20.07 1.90
CA PHE C 248 5.70 21.30 1.21
C PHE C 248 5.63 22.48 2.19
N LEU C 249 5.82 23.69 1.64
CA LEU C 249 5.50 24.93 2.30
C LEU C 249 4.19 25.49 1.73
N ILE C 250 3.36 26.06 2.60
CA ILE C 250 2.01 26.49 2.24
C ILE C 250 1.91 28.00 2.45
N GLN C 251 1.41 28.71 1.44
CA GLN C 251 1.26 30.16 1.54
C GLN C 251 0.03 30.64 0.77
N GLU C 252 -0.40 31.86 1.12
CA GLU C 252 -1.30 32.68 0.32
C GLU C 252 -2.69 32.08 0.18
N PHE C 253 -3.42 31.98 1.30
CA PHE C 253 -4.84 31.64 1.29
C PHE C 253 -5.67 32.87 0.93
N HIS C 254 -6.65 32.68 0.05
CA HIS C 254 -7.63 33.73 -0.26
C HIS C 254 -8.84 33.10 -0.95
N THR C 255 -9.90 33.90 -1.07
CA THR C 255 -11.17 33.45 -1.65
C THR C 255 -11.52 34.25 -2.92
N THR C 256 -12.28 33.62 -3.82
CA THR C 256 -12.85 34.24 -5.01
C THR C 256 -14.22 33.65 -5.30
N THR C 257 -14.93 34.26 -6.27
CA THR C 257 -16.23 33.77 -6.73
C THR C 257 -16.32 33.89 -8.25
N LYS C 258 -17.15 33.04 -8.87
CA LYS C 258 -17.34 33.06 -10.31
C LYS C 258 -18.63 32.32 -10.67
N LEU C 259 -19.26 32.75 -11.76
CA LEU C 259 -20.49 32.14 -12.26
C LEU C 259 -20.18 31.02 -13.25
N ALA C 260 -20.93 29.91 -13.14
CA ALA C 260 -20.76 28.75 -13.99
C ALA C 260 -22.06 28.44 -14.73
N PHE C 261 -21.93 27.91 -15.94
CA PHE C 261 -23.06 27.63 -16.83
C PHE C 261 -23.16 26.14 -17.10
N TYR C 262 -24.37 25.59 -16.95
CA TYR C 262 -24.70 24.23 -17.34
C TYR C 262 -25.79 24.28 -18.42
N SER C 263 -25.54 23.65 -19.57
CA SER C 263 -26.58 23.64 -20.61
C SER C 263 -27.83 22.90 -20.17
N SER C 264 -27.72 21.98 -19.21
CA SER C 264 -28.90 21.22 -18.81
C SER C 264 -29.87 22.06 -17.98
N THR C 265 -29.37 22.97 -17.14
CA THR C 265 -30.25 23.68 -16.23
C THR C 265 -30.03 25.18 -16.10
N GLY C 266 -28.84 25.73 -16.36
CA GLY C 266 -28.66 27.16 -16.24
C GLY C 266 -27.44 27.64 -15.48
N TRP C 267 -27.51 28.84 -14.91
CA TRP C 267 -26.36 29.49 -14.29
C TRP C 267 -26.36 29.27 -12.77
N TYR C 268 -25.17 29.05 -12.22
CA TYR C 268 -24.96 28.79 -10.80
C TYR C 268 -23.77 29.60 -10.31
N ASN C 269 -23.81 30.06 -9.06
CA ASN C 269 -22.65 30.75 -8.50
C ASN C 269 -21.78 29.79 -7.71
N ARG C 270 -20.47 29.92 -7.87
CA ARG C 270 -19.46 29.01 -7.34
C ARG C 270 -18.45 29.78 -6.52
N LEU C 271 -18.04 29.20 -5.38
CA LEU C 271 -17.06 29.82 -4.48
C LEU C 271 -15.76 29.00 -4.46
N TYR C 272 -14.62 29.70 -4.32
CA TYR C 272 -13.30 29.08 -4.38
C TYR C 272 -12.48 29.43 -3.14
N ILE C 273 -11.61 28.48 -2.76
CA ILE C 273 -10.58 28.68 -1.74
C ILE C 273 -9.24 28.30 -2.37
N ASN C 274 -8.30 29.24 -2.41
CA ASN C 274 -7.06 29.09 -3.17
C ASN C 274 -5.84 29.13 -2.26
N PHE C 275 -4.79 28.36 -2.63
CA PHE C 275 -3.52 28.38 -1.91
C PHE C 275 -2.41 27.83 -2.81
N THR C 276 -1.16 28.01 -2.36
CA THR C 276 0.04 27.73 -3.15
C THR C 276 1.04 26.88 -2.37
N LEU C 277 1.76 26.00 -3.07
CA LEU C 277 2.75 25.08 -2.49
C LEU C 277 4.14 25.25 -3.08
N ARG C 278 5.17 25.08 -2.24
CA ARG C 278 6.57 25.14 -2.65
C ARG C 278 7.39 24.10 -1.91
N ARG C 279 8.51 23.71 -2.52
CA ARG C 279 9.44 22.73 -1.95
C ARG C 279 10.63 23.40 -1.27
N HIS C 280 11.44 22.59 -0.58
CA HIS C 280 12.70 23.03 0.04
C HIS C 280 13.82 22.76 -0.95
N ILE C 281 14.29 23.81 -1.64
CA ILE C 281 15.22 23.62 -2.74
C ILE C 281 16.56 23.08 -2.25
N PHE C 282 17.07 23.66 -1.14
CA PHE C 282 18.44 23.41 -0.69
C PHE C 282 18.68 21.94 -0.38
N PHE C 283 17.62 21.23 0.09
CA PHE C 283 17.69 19.79 0.29
C PHE C 283 17.98 19.06 -1.02
N PHE C 284 17.20 19.36 -2.06
CA PHE C 284 17.40 18.71 -3.35
C PHE C 284 18.75 19.07 -3.96
N LEU C 285 19.20 20.31 -3.77
CA LEU C 285 20.52 20.69 -4.26
C LEU C 285 21.59 19.78 -3.66
N LEU C 286 21.64 19.70 -2.33
CA LEU C 286 22.63 18.84 -1.68
C LEU C 286 22.47 17.38 -2.09
N GLN C 287 21.21 16.94 -2.26
CA GLN C 287 20.92 15.53 -2.45
C GLN C 287 21.24 15.05 -3.86
N THR C 288 21.12 15.93 -4.86
CA THR C 288 21.26 15.51 -6.25
C THR C 288 22.36 16.26 -7.00
N TYR C 289 22.38 17.60 -6.97
CA TYR C 289 23.27 18.32 -7.87
C TYR C 289 24.72 18.25 -7.41
N PHE C 290 24.93 18.20 -6.09
CA PHE C 290 26.28 18.14 -5.52
C PHE C 290 27.08 16.92 -5.97
N PRO C 291 26.60 15.67 -5.79
CA PRO C 291 27.45 14.51 -6.15
C PRO C 291 27.79 14.42 -7.62
N ALA C 292 26.85 14.78 -8.49
CA ALA C 292 27.12 14.71 -9.94
C ALA C 292 28.22 15.67 -10.34
N THR C 293 28.18 16.91 -9.81
CA THR C 293 29.24 17.86 -10.09
C THR C 293 30.58 17.34 -9.54
N LEU C 294 30.55 16.73 -8.35
CA LEU C 294 31.80 16.21 -7.80
C LEU C 294 32.39 15.09 -8.68
N MET C 295 31.54 14.22 -9.23
CA MET C 295 32.09 13.15 -10.05
C MET C 295 32.57 13.68 -11.39
N VAL C 296 31.92 14.71 -11.92
CA VAL C 296 32.43 15.32 -13.15
C VAL C 296 33.80 15.94 -12.91
N MET C 297 33.96 16.63 -11.78
CA MET C 297 35.29 17.17 -11.48
C MET C 297 36.32 16.08 -11.25
N LEU C 298 35.90 14.96 -10.66
CA LEU C 298 36.81 13.85 -10.43
C LEU C 298 37.30 13.24 -11.73
N SER C 299 36.46 13.23 -12.77
CA SER C 299 36.91 12.63 -14.02
C SER C 299 38.02 13.44 -14.71
N TRP C 300 38.20 14.70 -14.33
CA TRP C 300 39.23 15.53 -14.94
C TRP C 300 40.63 15.25 -14.40
N VAL C 301 40.73 14.49 -13.30
CA VAL C 301 42.04 14.22 -12.70
C VAL C 301 42.93 13.45 -13.67
N SER C 302 42.35 12.58 -14.50
CA SER C 302 43.19 11.75 -15.37
C SER C 302 43.99 12.56 -16.39
N PHE C 303 43.61 13.82 -16.62
CA PHE C 303 44.33 14.64 -17.59
C PHE C 303 45.71 15.02 -17.09
N TRP C 304 45.95 14.92 -15.78
CA TRP C 304 47.24 15.27 -15.20
C TRP C 304 48.10 14.05 -14.85
N ILE C 305 47.68 12.84 -15.23
CA ILE C 305 48.37 11.60 -14.90
C ILE C 305 49.27 11.19 -16.07
N ASP C 306 50.43 10.61 -15.76
CA ASP C 306 51.34 10.14 -16.80
C ASP C 306 50.64 9.20 -17.77
N ARG C 307 50.74 9.51 -19.07
CA ARG C 307 50.10 8.75 -20.14
C ARG C 307 50.71 7.37 -20.31
N ARG C 308 51.89 7.13 -19.73
CA ARG C 308 52.51 5.80 -19.80
C ARG C 308 51.91 4.83 -18.80
N ALA C 309 51.16 5.32 -17.81
CA ALA C 309 50.57 4.46 -16.78
C ALA C 309 49.16 4.04 -17.22
N VAL C 310 49.14 3.14 -18.20
CA VAL C 310 47.87 2.61 -18.70
C VAL C 310 47.08 1.89 -17.62
N PRO C 311 47.68 0.97 -16.83
CA PRO C 311 46.89 0.26 -15.80
C PRO C 311 46.36 1.15 -14.70
N ALA C 312 46.73 2.43 -14.68
CA ALA C 312 46.14 3.40 -13.77
C ALA C 312 45.08 4.26 -14.46
N ARG C 313 45.28 4.54 -15.75
CA ARG C 313 44.40 5.48 -16.45
C ARG C 313 43.08 4.80 -16.79
N VAL C 314 43.13 3.53 -17.19
CA VAL C 314 41.94 2.86 -17.71
C VAL C 314 40.92 2.55 -16.59
N PRO C 315 41.33 1.86 -15.52
CA PRO C 315 40.36 1.51 -14.46
C PRO C 315 39.73 2.74 -13.82
N LEU C 316 40.45 3.86 -13.77
CA LEU C 316 39.90 5.09 -13.20
C LEU C 316 38.67 5.54 -13.96
N GLY C 317 38.79 5.62 -15.28
CA GLY C 317 37.67 6.06 -16.10
C GLY C 317 36.49 5.11 -16.00
N ILE C 318 36.74 3.80 -16.11
CA ILE C 318 35.60 2.88 -16.11
C ILE C 318 34.91 2.89 -14.74
N THR C 319 35.69 3.03 -13.66
CA THR C 319 35.08 3.05 -12.34
C THR C 319 34.31 4.35 -12.10
N THR C 320 34.78 5.47 -12.65
CA THR C 320 33.99 6.70 -12.57
C THR C 320 32.65 6.55 -13.29
N VAL C 321 32.65 5.88 -14.45
CA VAL C 321 31.38 5.65 -15.15
C VAL C 321 30.43 4.81 -14.29
N LEU C 322 30.95 3.73 -13.69
CA LEU C 322 30.11 2.89 -12.81
C LEU C 322 29.52 3.71 -11.67
N THR C 323 30.34 4.59 -11.07
CA THR C 323 29.87 5.35 -9.92
C THR C 323 28.75 6.31 -10.32
N MET C 324 28.94 7.02 -11.43
CA MET C 324 27.88 7.91 -11.91
C MET C 324 26.59 7.13 -12.17
N SER C 325 26.71 5.90 -12.71
CA SER C 325 25.51 5.09 -12.96
C SER C 325 24.79 4.73 -11.66
N THR C 326 25.54 4.32 -10.62
CA THR C 326 24.86 4.00 -9.35
C THR C 326 24.22 5.23 -8.73
N ILE C 327 24.82 6.40 -8.92
CA ILE C 327 24.20 7.64 -8.43
C ILE C 327 22.87 7.89 -9.13
N ILE C 328 22.85 7.79 -10.46
CA ILE C 328 21.62 8.10 -11.19
C ILE C 328 20.51 7.10 -10.85
N THR C 329 20.85 5.81 -10.76
CA THR C 329 19.85 4.83 -10.39
C THR C 329 19.26 5.13 -9.00
N GLY C 330 20.13 5.49 -8.06
CA GLY C 330 19.66 5.74 -6.70
C GLY C 330 18.78 6.96 -6.63
N VAL C 331 19.10 7.99 -7.42
CA VAL C 331 18.29 9.21 -7.48
C VAL C 331 16.92 8.92 -8.09
N ASN C 332 16.86 8.10 -9.14
CA ASN C 332 15.57 7.71 -9.68
C ASN C 332 14.71 7.03 -8.63
N ALA C 333 15.29 6.08 -7.90
CA ALA C 333 14.49 5.29 -6.97
C ALA C 333 13.76 6.14 -5.92
N SER C 334 14.11 7.42 -5.77
CA SER C 334 13.62 8.20 -4.63
C SER C 334 12.70 9.35 -5.01
N MET C 335 12.41 9.54 -6.27
CA MET C 335 11.53 10.59 -6.77
C MET C 335 10.15 10.01 -7.05
N PRO C 336 9.11 10.83 -7.04
CA PRO C 336 7.78 10.32 -7.39
C PRO C 336 7.76 9.79 -8.82
N ARG C 337 7.03 8.68 -9.01
CA ARG C 337 7.02 7.94 -10.27
C ARG C 337 6.17 8.71 -11.28
N VAL C 338 6.80 9.70 -11.91
CA VAL C 338 6.19 10.51 -12.96
C VAL C 338 7.01 10.31 -14.23
N SER C 339 6.37 9.74 -15.25
CA SER C 339 7.07 9.23 -16.43
C SER C 339 7.09 10.28 -17.55
N TYR C 340 7.81 11.37 -17.30
CA TYR C 340 8.14 12.31 -18.37
C TYR C 340 9.32 13.16 -17.91
N ILE C 341 9.89 13.91 -18.84
CA ILE C 341 11.22 14.47 -18.64
C ILE C 341 11.14 15.70 -17.75
N LYS C 342 12.00 15.74 -16.74
CA LYS C 342 12.08 16.86 -15.80
C LYS C 342 13.50 17.44 -15.79
N ALA C 343 13.64 18.61 -15.17
CA ALA C 343 14.87 19.38 -15.36
C ALA C 343 16.08 18.66 -14.81
N VAL C 344 15.88 17.87 -13.75
CA VAL C 344 16.96 17.29 -12.98
C VAL C 344 17.49 16.10 -13.74
N ASP C 345 16.63 15.49 -14.57
CA ASP C 345 17.08 14.47 -15.50
C ASP C 345 18.01 15.05 -16.56
N ILE C 346 17.71 16.25 -17.03
CA ILE C 346 18.56 16.85 -18.06
C ILE C 346 19.97 17.10 -17.51
N TYR C 347 20.05 17.61 -16.28
CA TYR C 347 21.34 17.86 -15.65
C TYR C 347 22.13 16.56 -15.46
N LEU C 348 21.46 15.52 -14.97
CA LEU C 348 22.11 14.26 -14.68
C LEU C 348 22.65 13.60 -15.95
N TRP C 349 21.82 13.58 -17.00
CA TRP C 349 22.20 12.92 -18.24
C TRP C 349 23.36 13.65 -18.94
N VAL C 350 23.36 14.99 -18.89
CA VAL C 350 24.46 15.76 -19.48
C VAL C 350 25.76 15.46 -18.76
N SER C 351 25.70 15.35 -17.44
CA SER C 351 26.87 15.03 -16.64
C SER C 351 27.45 13.66 -17.00
N PHE C 352 26.56 12.73 -17.35
CA PHE C 352 26.97 11.37 -17.69
C PHE C 352 27.68 11.36 -19.04
N VAL C 353 27.21 12.20 -19.96
CA VAL C 353 27.86 12.33 -21.25
C VAL C 353 29.27 12.89 -21.09
N PHE C 354 29.44 13.85 -20.19
CA PHE C 354 30.78 14.41 -19.94
C PHE C 354 31.75 13.32 -19.47
N VAL C 355 31.29 12.46 -18.56
CA VAL C 355 32.15 11.39 -18.02
C VAL C 355 32.52 10.40 -19.11
N PHE C 356 31.59 10.16 -20.03
CA PHE C 356 31.79 9.22 -21.13
C PHE C 356 32.86 9.74 -22.09
N LEU C 357 32.80 11.04 -22.39
CA LEU C 357 33.77 11.62 -23.32
C LEU C 357 35.17 11.62 -22.74
N SER C 358 35.32 11.71 -21.42
CA SER C 358 36.66 11.69 -20.84
C SER C 358 37.34 10.35 -21.00
N VAL C 359 36.57 9.28 -21.20
CA VAL C 359 37.19 7.98 -21.42
C VAL C 359 37.62 7.85 -22.87
N LEU C 360 36.80 8.36 -23.80
CA LEU C 360 37.20 8.32 -25.21
C LEU C 360 38.47 9.11 -25.45
N GLU C 361 38.74 10.11 -24.62
CA GLU C 361 39.90 10.98 -24.84
C GLU C 361 41.18 10.20 -24.67
N TYR C 362 41.25 9.40 -23.60
CA TYR C 362 42.44 8.62 -23.30
C TYR C 362 42.61 7.46 -24.28
N ALA C 363 41.50 6.91 -24.77
CA ALA C 363 41.60 5.86 -25.78
C ALA C 363 42.33 6.38 -27.02
N ALA C 364 42.00 7.60 -27.44
CA ALA C 364 42.67 8.19 -28.60
C ALA C 364 44.14 8.47 -28.31
N VAL C 365 44.44 8.95 -27.10
CA VAL C 365 45.83 9.25 -26.75
C VAL C 365 46.67 7.98 -26.80
N ASN C 366 46.12 6.88 -26.30
CA ASN C 366 46.95 5.68 -26.17
C ASN C 366 47.20 5.07 -27.53
N TYR C 367 46.21 5.11 -28.41
CA TYR C 367 46.40 4.60 -29.76
C TYR C 367 47.44 5.39 -30.53
N LEU C 368 47.38 6.73 -30.44
CA LEU C 368 48.34 7.55 -31.19
C LEU C 368 49.76 7.35 -30.68
N THR C 369 49.94 7.20 -29.37
CA THR C 369 51.27 7.00 -28.82
C THR C 369 51.86 5.67 -29.29
N THR C 370 51.06 4.61 -29.27
CA THR C 370 51.52 3.31 -29.74
C THR C 370 51.91 3.36 -31.22
N VAL C 371 51.13 4.08 -32.02
CA VAL C 371 51.45 4.21 -33.45
C VAL C 371 52.80 4.87 -33.64
N GLN C 372 53.05 5.95 -32.90
CA GLN C 372 54.31 6.69 -33.03
C GLN C 372 55.50 5.82 -32.66
N GLU C 373 55.38 5.07 -31.58
CA GLU C 373 56.47 4.24 -31.08
C GLU C 373 56.79 3.14 -32.09
N ARG C 374 55.76 2.57 -32.70
CA ARG C 374 55.99 1.45 -33.62
C ARG C 374 56.66 1.95 -34.89
N LYS C 375 56.27 3.14 -35.31
CA LYS C 375 56.79 3.79 -36.52
C LYS C 375 58.25 4.12 -36.31
N GLU C 376 58.60 4.56 -35.11
CA GLU C 376 59.99 4.96 -34.83
C GLU C 376 60.90 3.76 -34.80
N GLN C 377 60.47 2.68 -34.16
CA GLN C 377 61.28 1.47 -34.13
C GLN C 377 61.42 0.86 -35.52
N LYS C 378 60.37 0.94 -36.33
CA LYS C 378 60.41 0.37 -37.68
C LYS C 378 61.41 1.16 -38.54
N ASP C 451 57.27 13.83 -22.20
CA ASP C 451 56.51 15.04 -22.55
C ASP C 451 55.01 14.79 -22.53
N THR C 452 54.25 15.88 -22.52
CA THR C 452 52.79 15.79 -22.51
C THR C 452 52.25 15.84 -23.93
N HIS C 453 51.31 14.94 -24.23
CA HIS C 453 50.64 14.92 -25.52
C HIS C 453 49.73 16.14 -25.67
N ALA C 454 49.57 16.60 -26.91
CA ALA C 454 48.81 17.83 -27.15
C ALA C 454 47.36 17.69 -26.74
N ILE C 455 46.80 16.48 -26.87
CA ILE C 455 45.38 16.28 -26.56
C ILE C 455 45.11 16.53 -25.08
N ASP C 456 45.99 16.02 -24.20
CA ASP C 456 45.85 16.30 -22.77
C ASP C 456 45.93 17.79 -22.49
N LYS C 457 46.89 18.47 -23.13
CA LYS C 457 47.06 19.90 -22.91
C LYS C 457 45.82 20.68 -23.31
N TYR C 458 45.17 20.29 -24.41
CA TYR C 458 43.97 21.05 -24.75
C TYR C 458 42.80 20.67 -23.87
N SER C 459 42.67 19.38 -23.53
CA SER C 459 41.52 18.93 -22.73
C SER C 459 41.50 19.60 -21.36
N ARG C 460 42.68 19.77 -20.76
CA ARG C 460 42.81 20.39 -19.45
C ARG C 460 42.13 21.75 -19.39
N ILE C 461 42.06 22.45 -20.52
CA ILE C 461 41.38 23.73 -20.61
C ILE C 461 39.95 23.59 -21.10
N ILE C 462 39.74 22.74 -22.11
CA ILE C 462 38.47 22.76 -22.84
C ILE C 462 37.35 22.17 -22.00
N PHE C 463 37.61 21.08 -21.26
CA PHE C 463 36.51 20.44 -20.52
C PHE C 463 35.87 21.35 -19.48
N PRO C 464 36.62 21.95 -18.54
CA PRO C 464 35.96 22.84 -17.55
C PRO C 464 35.23 24.03 -18.16
N ALA C 465 35.77 24.65 -19.21
CA ALA C 465 35.08 25.79 -19.80
C ALA C 465 33.73 25.39 -20.35
N ALA C 466 33.66 24.26 -21.07
CA ALA C 466 32.39 23.80 -21.60
C ALA C 466 31.40 23.50 -20.48
N TYR C 467 31.87 22.89 -19.38
CA TYR C 467 30.95 22.60 -18.28
C TYR C 467 30.42 23.88 -17.64
N ILE C 468 31.29 24.89 -17.49
CA ILE C 468 30.85 26.16 -16.91
C ILE C 468 29.83 26.84 -17.82
N LEU C 469 30.05 26.78 -19.14
CA LEU C 469 29.10 27.39 -20.06
C LEU C 469 27.74 26.68 -19.99
N PHE C 470 27.75 25.34 -19.93
CA PHE C 470 26.49 24.61 -19.79
C PHE C 470 25.78 25.03 -18.50
N ASN C 471 26.52 25.20 -17.40
CA ASN C 471 25.88 25.58 -16.15
C ASN C 471 25.26 26.97 -16.25
N LEU C 472 25.97 27.91 -16.89
CA LEU C 472 25.41 29.25 -17.06
C LEU C 472 24.10 29.21 -17.83
N ILE C 473 24.07 28.47 -18.95
CA ILE C 473 22.86 28.41 -19.75
C ILE C 473 21.72 27.74 -18.98
N TYR C 474 22.02 26.62 -18.31
CA TYR C 474 21.01 25.88 -17.57
C TYR C 474 20.38 26.73 -16.49
N TRP C 475 21.21 27.40 -15.67
CA TRP C 475 20.65 28.17 -14.57
C TRP C 475 20.06 29.50 -15.01
N SER C 476 20.41 30.01 -16.20
CA SER C 476 19.66 31.15 -16.72
C SER C 476 18.29 30.71 -17.24
N ILE C 477 18.16 29.45 -17.68
CA ILE C 477 16.86 29.01 -18.20
C ILE C 477 15.92 28.63 -17.07
N PHE C 478 16.39 27.84 -16.11
CA PHE C 478 15.54 27.29 -15.06
C PHE C 478 15.57 28.09 -13.76
N SER C 479 16.18 29.27 -13.77
CA SER C 479 16.19 30.19 -12.61
C SER C 479 17.03 29.61 -11.46
N LYS D 74 -49.11 20.52 0.64
CA LYS D 74 -48.08 19.53 0.37
C LYS D 74 -47.92 19.34 -1.14
N SER D 75 -46.68 19.49 -1.62
CA SER D 75 -46.43 19.34 -3.04
C SER D 75 -46.61 17.90 -3.51
N GLU D 76 -46.48 16.92 -2.61
CA GLU D 76 -46.61 15.52 -3.02
C GLU D 76 -48.06 15.10 -3.18
N GLN D 77 -49.00 15.95 -2.77
CA GLN D 77 -50.42 15.79 -3.04
C GLN D 77 -50.84 16.36 -4.39
N LEU D 78 -50.03 17.20 -5.02
CA LEU D 78 -50.34 17.60 -6.40
C LEU D 78 -50.15 16.44 -7.37
N LEU D 79 -49.19 15.57 -7.09
CA LEU D 79 -49.07 14.30 -7.80
C LEU D 79 -49.86 13.25 -7.03
N ARG D 80 -50.79 12.57 -7.70
CA ARG D 80 -51.64 11.57 -7.05
C ARG D 80 -50.81 10.31 -6.82
N ILE D 81 -49.96 10.38 -5.78
CA ILE D 81 -49.01 9.30 -5.53
C ILE D 81 -49.73 8.02 -5.12
N ASP D 82 -50.75 8.12 -4.27
CA ASP D 82 -51.43 6.93 -3.80
C ASP D 82 -52.52 6.45 -4.75
N ASP D 83 -52.72 7.11 -5.88
CA ASP D 83 -53.72 6.69 -6.85
C ASP D 83 -53.12 5.86 -7.97
N HIS D 84 -51.82 5.56 -7.93
CA HIS D 84 -51.25 4.73 -8.98
C HIS D 84 -50.30 3.68 -8.42
N ASP D 85 -50.12 2.61 -9.18
CA ASP D 85 -49.18 1.55 -8.83
C ASP D 85 -47.87 1.87 -9.53
N PHE D 86 -46.90 2.35 -8.75
CA PHE D 86 -45.59 2.70 -9.28
C PHE D 86 -44.60 1.56 -9.21
N SER D 87 -45.08 0.32 -9.16
CA SER D 87 -44.23 -0.84 -9.33
C SER D 87 -44.21 -1.36 -10.77
N MET D 88 -45.05 -0.82 -11.64
CA MET D 88 -45.07 -1.12 -13.06
C MET D 88 -44.63 0.10 -13.87
N ARG D 89 -44.04 -0.18 -15.04
CA ARG D 89 -43.54 0.88 -15.88
C ARG D 89 -44.63 1.70 -16.53
N PRO D 90 -44.33 2.91 -16.98
CA PRO D 90 -45.28 3.64 -17.83
C PRO D 90 -45.53 2.90 -19.14
N GLY D 91 -46.78 2.91 -19.59
CA GLY D 91 -47.14 2.22 -20.82
C GLY D 91 -47.16 0.71 -20.71
N PHE D 92 -47.30 0.18 -19.50
CA PHE D 92 -47.32 -1.26 -19.28
C PHE D 92 -48.37 -1.93 -20.16
N GLY D 93 -48.00 -3.06 -20.76
CA GLY D 93 -48.92 -3.75 -21.63
C GLY D 93 -48.74 -3.47 -23.09
N GLY D 94 -48.03 -2.40 -23.45
CA GLY D 94 -47.96 -1.94 -24.81
C GLY D 94 -46.53 -1.77 -25.29
N PRO D 95 -46.32 -0.93 -26.32
CA PRO D 95 -44.97 -0.65 -26.80
C PRO D 95 -44.03 -0.18 -25.68
N ALA D 96 -42.74 -0.46 -25.90
CA ALA D 96 -41.67 -0.09 -24.98
C ALA D 96 -41.55 1.43 -24.86
N ILE D 97 -41.14 1.86 -23.66
CA ILE D 97 -40.97 3.28 -23.36
C ILE D 97 -39.54 3.71 -23.67
N PRO D 98 -39.34 4.72 -24.50
CA PRO D 98 -37.99 5.18 -24.80
C PRO D 98 -37.40 6.02 -23.67
N VAL D 99 -36.10 5.81 -23.41
CA VAL D 99 -35.37 6.51 -22.36
C VAL D 99 -34.07 7.04 -22.95
N GLY D 100 -33.87 8.35 -22.91
CA GLY D 100 -32.69 8.99 -23.43
C GLY D 100 -31.68 9.33 -22.35
N VAL D 101 -30.40 9.31 -22.73
CA VAL D 101 -29.29 9.42 -21.78
C VAL D 101 -28.28 10.44 -22.27
N ASP D 102 -27.77 11.26 -21.34
CA ASP D 102 -26.63 12.15 -21.55
C ASP D 102 -25.60 11.92 -20.45
N VAL D 103 -24.33 12.16 -20.75
CA VAL D 103 -23.23 11.94 -19.81
C VAL D 103 -22.26 13.11 -19.86
N GLN D 104 -21.83 13.56 -18.67
CA GLN D 104 -20.79 14.57 -18.52
C GLN D 104 -19.68 14.01 -17.64
N VAL D 105 -18.47 13.89 -18.18
CA VAL D 105 -17.35 13.30 -17.47
C VAL D 105 -16.59 14.40 -16.73
N GLU D 106 -16.43 14.25 -15.42
CA GLU D 106 -15.78 15.28 -14.61
C GLU D 106 -14.27 15.05 -14.48
N SER D 107 -13.81 13.83 -14.24
CA SER D 107 -12.38 13.60 -14.09
C SER D 107 -12.07 12.13 -14.25
N LEU D 108 -10.78 11.85 -14.49
CA LEU D 108 -10.23 10.51 -14.47
C LEU D 108 -9.31 10.42 -13.25
N ASP D 109 -9.62 9.52 -12.33
CA ASP D 109 -9.05 9.58 -11.00
C ASP D 109 -7.76 8.79 -10.85
N SER D 110 -7.67 7.60 -11.44
CA SER D 110 -6.48 6.77 -11.31
C SER D 110 -6.54 5.65 -12.33
N ILE D 111 -5.41 4.96 -12.50
CA ILE D 111 -5.31 3.80 -13.37
C ILE D 111 -4.31 2.83 -12.76
N SER D 112 -4.62 1.54 -12.83
CA SER D 112 -3.79 0.48 -12.25
C SER D 112 -3.39 -0.47 -13.37
N GLU D 113 -2.09 -0.54 -13.66
CA GLU D 113 -1.60 -1.39 -14.74
C GLU D 113 -1.53 -2.86 -14.34
N VAL D 114 -1.23 -3.15 -13.06
CA VAL D 114 -1.13 -4.54 -12.64
C VAL D 114 -2.50 -5.19 -12.58
N ASP D 115 -3.49 -4.49 -12.03
CA ASP D 115 -4.85 -5.01 -11.89
C ASP D 115 -5.71 -4.73 -13.11
N MET D 116 -5.26 -3.87 -14.02
CA MET D 116 -5.92 -3.61 -15.29
C MET D 116 -7.34 -3.05 -15.08
N ASP D 117 -7.39 -1.82 -14.56
CA ASP D 117 -8.65 -1.11 -14.38
C ASP D 117 -8.38 0.39 -14.29
N PHE D 118 -9.48 1.17 -14.36
CA PHE D 118 -9.44 2.63 -14.27
C PHE D 118 -10.66 3.14 -13.51
N THR D 119 -10.58 4.37 -13.01
CA THR D 119 -11.61 4.98 -12.19
C THR D 119 -12.01 6.35 -12.73
N MET D 120 -13.32 6.65 -12.74
CA MET D 120 -13.86 7.86 -13.35
C MET D 120 -15.05 8.37 -12.53
N THR D 121 -15.25 9.69 -12.56
CA THR D 121 -16.35 10.37 -11.87
C THR D 121 -17.17 11.14 -12.91
N LEU D 122 -18.51 11.01 -12.87
CA LEU D 122 -19.30 11.59 -13.96
C LEU D 122 -20.70 11.98 -13.46
N TYR D 123 -21.44 12.70 -14.32
CA TYR D 123 -22.86 13.00 -14.11
C TYR D 123 -23.68 12.18 -15.10
N LEU D 124 -24.75 11.54 -14.62
CA LEU D 124 -25.63 10.72 -15.44
C LEU D 124 -27.03 11.31 -15.42
N ARG D 125 -27.61 11.55 -16.60
CA ARG D 125 -28.91 12.19 -16.75
C ARG D 125 -29.85 11.31 -17.56
N HIS D 126 -31.12 11.21 -17.14
CA HIS D 126 -32.15 10.45 -17.84
C HIS D 126 -33.34 11.34 -18.22
N TYR D 127 -34.01 10.95 -19.31
CA TYR D 127 -35.16 11.72 -19.80
C TYR D 127 -36.28 10.79 -20.31
N TRP D 128 -37.49 10.91 -19.77
CA TRP D 128 -38.64 10.09 -20.18
C TRP D 128 -39.93 10.81 -19.78
N LYS D 129 -41.06 10.26 -20.21
CA LYS D 129 -42.34 10.90 -19.99
C LYS D 129 -43.28 9.93 -19.29
N ASP D 130 -44.04 10.44 -18.32
CA ASP D 130 -44.98 9.62 -17.56
C ASP D 130 -46.24 10.44 -17.32
N GLU D 131 -47.35 10.05 -17.95
CA GLU D 131 -48.59 10.81 -17.82
C GLU D 131 -49.17 10.75 -16.42
N ARG D 132 -48.79 9.77 -15.61
CA ARG D 132 -49.32 9.68 -14.25
C ARG D 132 -48.81 10.79 -13.34
N LEU D 133 -47.72 11.47 -13.72
CA LEU D 133 -47.15 12.54 -12.91
C LEU D 133 -47.62 13.92 -13.31
N SER D 134 -48.57 14.01 -14.25
CA SER D 134 -49.02 15.32 -14.71
C SER D 134 -49.84 16.01 -13.63
N PHE D 135 -49.68 17.32 -13.52
CA PHE D 135 -50.41 18.10 -12.52
C PHE D 135 -50.92 19.40 -13.13
N PRO D 136 -52.05 19.91 -12.62
CA PRO D 136 -52.55 21.19 -13.12
C PRO D 136 -51.68 22.35 -12.67
N SER D 137 -51.66 23.38 -13.51
CA SER D 137 -50.89 24.59 -13.25
C SER D 137 -51.50 25.76 -14.02
N THR D 138 -51.48 26.93 -13.39
CA THR D 138 -51.90 28.17 -14.02
C THR D 138 -50.74 28.88 -14.73
N ASN D 139 -49.57 28.25 -14.74
CA ASN D 139 -48.37 28.78 -15.37
C ASN D 139 -47.59 27.60 -15.94
N ASN D 140 -46.36 27.83 -16.37
CA ASN D 140 -45.52 26.78 -16.92
C ASN D 140 -44.30 26.49 -16.06
N LEU D 141 -44.46 26.55 -14.74
CA LEU D 141 -43.36 26.32 -13.82
C LEU D 141 -43.31 24.85 -13.42
N SER D 142 -42.09 24.33 -13.28
CA SER D 142 -41.89 22.94 -12.89
C SER D 142 -41.57 22.84 -11.39
N MET D 143 -41.70 21.62 -10.88
CA MET D 143 -41.45 21.32 -9.47
C MET D 143 -40.21 20.44 -9.34
N THR D 144 -39.39 20.73 -8.33
CA THR D 144 -38.11 20.08 -8.13
C THR D 144 -38.08 19.35 -6.79
N PHE D 145 -37.50 18.15 -6.78
CA PHE D 145 -37.47 17.30 -5.60
C PHE D 145 -36.07 16.71 -5.44
N ASP D 146 -35.76 16.25 -4.23
CA ASP D 146 -34.50 15.59 -3.96
C ASP D 146 -34.71 14.08 -3.95
N GLY D 147 -33.73 13.34 -3.44
CA GLY D 147 -33.77 11.89 -3.62
C GLY D 147 -34.83 11.18 -2.81
N ARG D 148 -35.46 11.86 -1.86
CA ARG D 148 -36.46 11.20 -1.02
C ARG D 148 -37.70 10.77 -1.80
N LEU D 149 -38.00 11.42 -2.93
CA LEU D 149 -39.16 11.07 -3.77
C LEU D 149 -38.89 9.86 -4.65
N VAL D 150 -37.63 9.44 -4.76
CA VAL D 150 -37.31 8.39 -5.73
C VAL D 150 -37.96 7.08 -5.33
N LYS D 151 -38.08 6.85 -4.02
CA LYS D 151 -38.64 5.60 -3.52
C LYS D 151 -40.15 5.53 -3.66
N LYS D 152 -40.81 6.62 -4.04
CA LYS D 152 -42.26 6.64 -4.23
C LYS D 152 -42.72 6.51 -5.67
N ILE D 153 -41.84 6.63 -6.66
CA ILE D 153 -42.26 6.55 -8.06
C ILE D 153 -41.38 5.55 -8.80
N TRP D 154 -41.72 5.31 -10.06
CA TRP D 154 -40.94 4.41 -10.91
C TRP D 154 -39.79 5.16 -11.56
N VAL D 155 -38.61 4.56 -11.57
CA VAL D 155 -37.44 5.14 -12.27
C VAL D 155 -36.67 4.01 -12.93
N PRO D 156 -35.86 4.35 -13.94
CA PRO D 156 -35.13 3.30 -14.67
C PRO D 156 -33.96 2.75 -13.86
N ASP D 157 -33.64 1.48 -14.09
CA ASP D 157 -32.64 0.78 -13.29
C ASP D 157 -31.34 0.54 -14.09
N MET D 158 -30.56 1.60 -14.25
CA MET D 158 -29.32 1.44 -15.01
C MET D 158 -28.22 0.95 -14.07
N PHE D 159 -27.35 0.08 -14.64
CA PHE D 159 -26.11 -0.38 -13.99
C PHE D 159 -24.96 -0.41 -14.97
N PHE D 160 -23.73 -0.48 -14.43
CA PHE D 160 -22.50 -0.43 -15.23
C PHE D 160 -21.96 -1.85 -15.41
N VAL D 161 -21.81 -2.26 -16.67
CA VAL D 161 -21.37 -3.61 -17.00
C VAL D 161 -19.86 -3.70 -16.88
N HIS D 162 -19.37 -4.83 -16.34
CA HIS D 162 -17.94 -5.10 -16.18
C HIS D 162 -17.28 -4.14 -15.19
N SER D 163 -17.99 -3.74 -14.15
CA SER D 163 -17.40 -2.87 -13.14
C SER D 163 -17.04 -3.67 -11.90
N LYS D 164 -16.09 -3.12 -11.12
CA LYS D 164 -15.62 -3.76 -9.91
C LYS D 164 -16.16 -3.16 -8.62
N ARG D 165 -16.30 -1.83 -8.56
CA ARG D 165 -17.02 -1.17 -7.47
C ARG D 165 -17.53 0.20 -7.94
N SER D 166 -18.53 0.72 -7.21
CA SER D 166 -19.08 2.04 -7.50
C SER D 166 -19.90 2.54 -6.31
N PHE D 167 -20.13 3.86 -6.28
CA PHE D 167 -20.94 4.47 -5.22
C PHE D 167 -21.48 5.82 -5.68
N ILE D 168 -22.53 6.29 -4.98
CA ILE D 168 -23.17 7.59 -5.24
C ILE D 168 -22.78 8.55 -4.12
N HIS D 169 -22.35 9.75 -4.49
CA HIS D 169 -21.87 10.72 -3.51
C HIS D 169 -23.01 11.23 -2.64
N ASP D 170 -22.71 11.51 -1.35
CA ASP D 170 -23.78 11.82 -0.39
C ASP D 170 -23.41 12.94 0.60
N THR D 171 -22.55 13.87 0.20
CA THR D 171 -22.21 15.01 1.06
C THR D 171 -22.56 16.30 0.32
N THR D 172 -23.28 17.21 0.98
CA THR D 172 -23.74 17.09 2.38
C THR D 172 -25.03 16.30 2.50
N THR D 173 -25.67 16.03 1.36
CA THR D 173 -26.79 15.11 1.27
C THR D 173 -26.66 14.36 -0.04
N ASP D 174 -27.61 13.47 -0.30
CA ASP D 174 -27.55 12.64 -1.51
C ASP D 174 -27.58 13.51 -2.76
N ASN D 175 -26.63 13.27 -3.66
CA ASN D 175 -26.44 14.09 -4.86
C ASN D 175 -27.38 13.63 -5.98
N VAL D 176 -28.68 13.77 -5.73
CA VAL D 176 -29.74 13.34 -6.63
C VAL D 176 -30.79 14.43 -6.80
N MET D 177 -31.33 14.56 -8.02
CA MET D 177 -32.32 15.60 -8.34
C MET D 177 -33.39 15.05 -9.29
N LEU D 178 -34.63 15.50 -9.09
CA LEU D 178 -35.74 15.19 -9.98
C LEU D 178 -36.49 16.48 -10.30
N ARG D 179 -36.81 16.67 -11.58
CA ARG D 179 -37.55 17.83 -12.05
C ARG D 179 -38.71 17.34 -12.90
N VAL D 180 -39.92 17.79 -12.57
CA VAL D 180 -41.14 17.30 -13.22
C VAL D 180 -41.85 18.44 -13.92
N GLN D 181 -42.11 18.28 -15.23
CA GLN D 181 -42.84 19.29 -15.97
C GLN D 181 -44.35 19.15 -15.76
N PRO D 182 -45.15 20.19 -16.03
CA PRO D 182 -46.61 20.05 -15.88
C PRO D 182 -47.21 18.94 -16.72
N ASP D 183 -46.61 18.59 -17.85
CA ASP D 183 -47.19 17.59 -18.74
C ASP D 183 -46.66 16.19 -18.49
N GLY D 184 -45.77 16.02 -17.51
CA GLY D 184 -45.28 14.73 -17.12
C GLY D 184 -43.89 14.37 -17.61
N LYS D 185 -43.15 15.30 -18.19
CA LYS D 185 -41.77 15.03 -18.57
C LYS D 185 -40.86 15.10 -17.35
N VAL D 186 -39.88 14.20 -17.29
CA VAL D 186 -39.05 14.00 -16.11
C VAL D 186 -37.58 14.06 -16.49
N LEU D 187 -36.78 14.75 -15.66
CA LEU D 187 -35.33 14.71 -15.72
C LEU D 187 -34.79 14.17 -14.40
N TYR D 188 -33.85 13.23 -14.49
CA TYR D 188 -33.32 12.46 -13.37
C TYR D 188 -31.80 12.48 -13.46
N SER D 189 -31.15 13.09 -12.45
CA SER D 189 -29.72 13.41 -12.49
C SER D 189 -29.04 12.96 -11.22
N LEU D 190 -27.88 12.31 -11.35
CA LEU D 190 -27.09 11.93 -10.17
C LEU D 190 -25.59 11.90 -10.48
N ARG D 191 -24.79 12.00 -9.41
CA ARG D 191 -23.32 12.05 -9.51
C ARG D 191 -22.70 10.78 -8.92
N VAL D 192 -21.82 10.12 -9.69
CA VAL D 192 -21.36 8.77 -9.38
C VAL D 192 -19.87 8.59 -9.73
N THR D 193 -19.22 7.67 -9.00
CA THR D 193 -17.83 7.28 -9.24
C THR D 193 -17.77 5.77 -9.44
N VAL D 194 -17.03 5.32 -10.46
CA VAL D 194 -17.03 3.92 -10.88
C VAL D 194 -15.62 3.47 -11.23
N THR D 195 -15.32 2.20 -10.91
CA THR D 195 -14.07 1.53 -11.30
C THR D 195 -14.41 0.39 -12.24
N ALA D 196 -13.76 0.37 -13.42
CA ALA D 196 -14.11 -0.57 -14.48
C ALA D 196 -12.86 -1.27 -15.01
N MET D 197 -13.04 -2.52 -15.49
CA MET D 197 -11.93 -3.32 -16.00
C MET D 197 -11.53 -2.89 -17.40
N CYS D 198 -10.25 -3.15 -17.73
CA CYS D 198 -9.71 -2.82 -19.04
C CYS D 198 -8.55 -3.76 -19.33
N ASN D 199 -8.76 -4.73 -20.23
CA ASN D 199 -7.68 -5.64 -20.60
C ASN D 199 -6.62 -4.90 -21.39
N MET D 200 -5.36 -5.10 -21.00
CA MET D 200 -4.23 -4.42 -21.61
C MET D 200 -3.21 -5.43 -22.12
N ASP D 201 -2.44 -5.02 -23.13
CA ASP D 201 -1.42 -5.85 -23.76
C ASP D 201 -0.11 -5.08 -23.77
N PHE D 202 0.91 -5.61 -23.11
CA PHE D 202 2.17 -4.93 -22.93
C PHE D 202 3.28 -5.47 -23.82
N SER D 203 2.94 -6.13 -24.94
CA SER D 203 3.96 -6.78 -25.75
C SER D 203 4.91 -5.76 -26.37
N ARG D 204 4.38 -4.60 -26.75
CA ARG D 204 5.14 -3.59 -27.47
C ARG D 204 5.64 -2.47 -26.57
N PHE D 205 5.62 -2.68 -25.26
CA PHE D 205 6.01 -1.65 -24.31
C PHE D 205 7.46 -1.23 -24.58
N PRO D 206 7.80 0.07 -24.52
CA PRO D 206 6.96 1.23 -24.20
C PRO D 206 6.23 1.86 -25.40
N LEU D 207 6.07 1.13 -26.51
CA LEU D 207 5.44 1.75 -27.66
C LEU D 207 4.02 1.25 -27.89
N ASP D 208 3.37 0.81 -26.81
CA ASP D 208 2.05 0.21 -26.88
C ASP D 208 0.95 1.28 -26.88
N THR D 209 -0.22 0.88 -27.37
CA THR D 209 -1.41 1.71 -27.38
C THR D 209 -2.56 0.89 -26.80
N GLN D 210 -3.38 1.52 -25.96
CA GLN D 210 -4.47 0.84 -25.28
C GLN D 210 -5.80 1.54 -25.56
N THR D 211 -6.87 0.75 -25.61
CA THR D 211 -8.23 1.24 -25.80
C THR D 211 -9.11 0.75 -24.66
N CYS D 212 -9.93 1.65 -24.12
CA CYS D 212 -10.77 1.37 -22.95
C CYS D 212 -12.21 1.79 -23.23
N SER D 213 -13.15 1.26 -22.43
CA SER D 213 -14.56 1.62 -22.58
C SER D 213 -15.30 1.47 -21.27
N LEU D 214 -16.40 2.22 -21.16
CA LEU D 214 -17.36 2.12 -20.06
C LEU D 214 -18.73 1.84 -20.66
N GLU D 215 -19.47 0.90 -20.06
CA GLU D 215 -20.69 0.34 -20.64
C GLU D 215 -21.86 0.49 -19.68
N ILE D 216 -23.03 0.81 -20.24
CA ILE D 216 -24.26 1.11 -19.48
C ILE D 216 -25.40 0.26 -20.03
N GLU D 217 -26.20 -0.33 -19.12
CA GLU D 217 -27.21 -1.30 -19.50
C GLU D 217 -28.30 -1.36 -18.44
N SER D 218 -29.50 -1.77 -18.86
CA SER D 218 -30.61 -1.99 -17.93
C SER D 218 -30.55 -3.39 -17.32
N TYR D 219 -30.81 -3.47 -16.02
CA TYR D 219 -30.62 -4.73 -15.31
C TYR D 219 -31.75 -5.72 -15.61
N ALA D 220 -33.01 -5.25 -15.61
CA ALA D 220 -34.16 -6.15 -15.62
C ALA D 220 -35.13 -5.99 -16.79
N TYR D 221 -34.96 -5.01 -17.67
CA TYR D 221 -35.93 -4.77 -18.73
C TYR D 221 -35.30 -5.07 -20.09
N THR D 222 -35.92 -5.95 -20.87
CA THR D 222 -35.46 -6.23 -22.21
C THR D 222 -35.92 -5.13 -23.17
N GLU D 223 -35.42 -5.19 -24.40
CA GLU D 223 -35.75 -4.18 -25.40
C GLU D 223 -37.23 -4.15 -25.77
N ASP D 224 -38.00 -5.17 -25.40
CA ASP D 224 -39.43 -5.15 -25.66
C ASP D 224 -40.17 -4.27 -24.67
N ASP D 225 -39.57 -3.96 -23.52
CA ASP D 225 -40.20 -3.14 -22.50
C ASP D 225 -39.56 -1.77 -22.33
N LEU D 226 -38.25 -1.64 -22.59
CA LEU D 226 -37.53 -0.40 -22.40
C LEU D 226 -36.54 -0.22 -23.54
N MET D 227 -36.59 0.94 -24.21
CA MET D 227 -35.73 1.24 -25.35
C MET D 227 -34.74 2.34 -24.95
N LEU D 228 -33.47 1.98 -24.83
CA LEU D 228 -32.42 2.86 -24.33
C LEU D 228 -31.56 3.37 -25.49
N TYR D 229 -31.33 4.68 -25.53
CA TYR D 229 -30.63 5.31 -26.64
C TYR D 229 -29.95 6.59 -26.19
N TRP D 230 -28.96 7.01 -26.99
CA TRP D 230 -28.29 8.28 -26.75
C TRP D 230 -29.22 9.43 -27.19
N LYS D 231 -29.45 10.39 -26.30
CA LYS D 231 -30.49 11.39 -26.55
C LYS D 231 -30.16 12.27 -27.75
N LYS D 232 -28.90 12.68 -27.91
CA LYS D 232 -28.53 13.58 -29.00
C LYS D 232 -27.38 13.03 -29.83
N GLY D 233 -27.29 11.70 -29.96
CA GLY D 233 -26.24 11.12 -30.78
C GLY D 233 -24.88 11.36 -30.16
N ASN D 234 -23.94 11.82 -30.99
CA ASN D 234 -22.58 12.07 -30.53
C ASN D 234 -22.46 13.36 -29.74
N ASP D 235 -23.48 14.22 -29.76
CA ASP D 235 -23.48 15.42 -28.94
C ASP D 235 -23.86 15.15 -27.50
N SER D 236 -24.11 13.90 -27.12
CA SER D 236 -24.59 13.60 -25.78
C SER D 236 -23.46 13.42 -24.78
N LEU D 237 -22.21 13.50 -25.23
CA LEU D 237 -21.04 13.25 -24.40
C LEU D 237 -20.22 14.54 -24.32
N LYS D 238 -19.97 14.99 -23.10
CA LYS D 238 -19.12 16.15 -22.84
C LYS D 238 -18.02 15.76 -21.88
N THR D 239 -16.84 16.36 -22.05
CA THR D 239 -15.69 16.06 -21.20
C THR D 239 -15.10 17.36 -20.69
N ASP D 240 -14.50 17.28 -19.50
CA ASP D 240 -13.94 18.44 -18.85
C ASP D 240 -12.68 18.90 -19.59
N GLU D 241 -12.47 20.23 -19.62
CA GLU D 241 -11.37 20.83 -20.37
C GLU D 241 -10.00 20.48 -19.81
N ARG D 242 -9.90 20.12 -18.53
CA ARG D 242 -8.61 19.84 -17.90
C ARG D 242 -8.50 18.40 -17.44
N ILE D 243 -9.08 17.47 -18.19
CA ILE D 243 -8.96 16.06 -17.85
C ILE D 243 -7.57 15.57 -18.21
N SER D 244 -6.93 14.87 -17.29
CA SER D 244 -5.56 14.43 -17.53
C SER D 244 -5.20 13.27 -16.61
N LEU D 245 -4.19 12.50 -17.05
CA LEU D 245 -3.54 11.47 -16.25
C LEU D 245 -2.04 11.76 -16.19
N SER D 246 -1.42 11.28 -15.12
CA SER D 246 -0.03 11.65 -14.89
C SER D 246 0.90 11.01 -15.92
N GLN D 247 0.68 9.74 -16.24
CA GLN D 247 1.63 8.99 -17.07
C GLN D 247 1.10 8.67 -18.47
N PHE D 248 -0.08 9.18 -18.84
CA PHE D 248 -0.67 8.88 -20.14
C PHE D 248 -1.17 10.14 -20.83
N LEU D 249 -1.27 10.05 -22.15
CA LEU D 249 -2.01 11.02 -22.97
C LEU D 249 -3.34 10.41 -23.39
N ILE D 250 -4.39 11.24 -23.38
CA ILE D 250 -5.75 10.78 -23.60
C ILE D 250 -6.29 11.44 -24.87
N GLN D 251 -6.87 10.64 -25.77
CA GLN D 251 -7.43 11.16 -27.00
C GLN D 251 -8.66 10.38 -27.43
N GLU D 252 -9.45 11.01 -28.31
CA GLU D 252 -10.46 10.35 -29.14
C GLU D 252 -11.62 9.76 -28.32
N PHE D 253 -12.38 10.62 -27.67
CA PHE D 253 -13.65 10.22 -27.04
C PHE D 253 -14.75 10.14 -28.09
N HIS D 254 -15.54 9.06 -28.02
CA HIS D 254 -16.74 8.92 -28.84
C HIS D 254 -17.64 7.84 -28.25
N THR D 255 -18.88 7.79 -28.78
CA THR D 255 -19.90 6.85 -28.30
C THR D 255 -20.32 5.86 -29.39
N THR D 256 -20.78 4.68 -28.97
CA THR D 256 -21.37 3.66 -29.84
C THR D 256 -22.49 2.94 -29.10
N THR D 257 -23.24 2.10 -29.83
CA THR D 257 -24.29 1.25 -29.27
C THR D 257 -24.26 -0.13 -29.91
N LYS D 258 -24.74 -1.13 -29.18
CA LYS D 258 -24.77 -2.51 -29.67
C LYS D 258 -25.76 -3.33 -28.83
N LEU D 259 -26.38 -4.32 -29.48
CA LEU D 259 -27.31 -5.22 -28.82
C LEU D 259 -26.61 -6.44 -28.25
N ALA D 260 -27.02 -6.84 -27.05
CA ALA D 260 -26.44 -7.98 -26.34
C ALA D 260 -27.52 -9.01 -26.02
N PHE D 261 -27.12 -10.28 -26.02
CA PHE D 261 -28.03 -11.41 -25.83
C PHE D 261 -27.67 -12.16 -24.55
N TYR D 262 -28.68 -12.44 -23.73
CA TYR D 262 -28.58 -13.31 -22.56
C TYR D 262 -29.52 -14.50 -22.75
N SER D 263 -28.99 -15.72 -22.65
CA SER D 263 -29.86 -16.89 -22.79
C SER D 263 -30.90 -16.97 -21.67
N SER D 264 -30.63 -16.35 -20.52
CA SER D 264 -31.59 -16.46 -19.42
C SER D 264 -32.83 -15.61 -19.65
N THR D 265 -32.69 -14.44 -20.28
CA THR D 265 -33.83 -13.54 -20.39
C THR D 265 -34.06 -12.88 -21.75
N GLY D 266 -33.05 -12.72 -22.61
CA GLY D 266 -33.30 -12.11 -23.91
C GLY D 266 -32.33 -11.02 -24.34
N TRP D 267 -32.81 -10.11 -25.21
CA TRP D 267 -31.96 -9.10 -25.83
C TRP D 267 -32.06 -7.78 -25.08
N TYR D 268 -30.91 -7.10 -24.95
CA TYR D 268 -30.79 -5.82 -24.25
C TYR D 268 -29.92 -4.88 -25.08
N ASN D 269 -30.23 -3.58 -25.03
CA ASN D 269 -29.38 -2.61 -25.72
C ASN D 269 -28.35 -2.01 -24.75
N ARG D 270 -27.12 -1.87 -25.24
CA ARG D 270 -25.97 -1.48 -24.45
C ARG D 270 -25.29 -0.26 -25.08
N LEU D 271 -24.85 0.69 -24.24
CA LEU D 271 -24.19 1.91 -24.68
C LEU D 271 -22.72 1.91 -24.24
N TYR D 272 -21.85 2.49 -25.08
CA TYR D 272 -20.41 2.50 -24.84
C TYR D 272 -19.86 3.91 -24.90
N ILE D 273 -18.80 4.14 -24.10
CA ILE D 273 -17.97 5.35 -24.15
C ILE D 273 -16.53 4.89 -24.34
N ASN D 274 -15.89 5.35 -25.42
CA ASN D 274 -14.58 4.83 -25.84
C ASN D 274 -13.52 5.92 -25.83
N PHE D 275 -12.27 5.55 -25.51
CA PHE D 275 -11.13 6.47 -25.55
C PHE D 275 -9.83 5.68 -25.64
N THR D 276 -8.74 6.39 -25.92
CA THR D 276 -7.43 5.80 -26.23
C THR D 276 -6.32 6.46 -25.41
N LEU D 277 -5.31 5.65 -25.03
CA LEU D 277 -4.17 6.10 -24.22
C LEU D 277 -2.83 5.87 -24.91
N ARG D 278 -1.89 6.80 -24.67
CA ARG D 278 -0.53 6.71 -25.21
C ARG D 278 0.47 7.22 -24.18
N ARG D 279 1.72 6.75 -24.30
CA ARG D 279 2.82 7.14 -23.42
C ARG D 279 3.70 8.23 -24.05
N HIS D 280 4.64 8.75 -23.26
CA HIS D 280 5.64 9.72 -23.72
C HIS D 280 6.89 8.92 -24.09
N ILE D 281 7.11 8.73 -25.39
CA ILE D 281 8.16 7.83 -25.84
C ILE D 281 9.54 8.38 -25.48
N PHE D 282 9.75 9.69 -25.71
CA PHE D 282 11.08 10.29 -25.63
C PHE D 282 11.69 10.14 -24.24
N PHE D 283 10.83 10.14 -23.20
CA PHE D 283 11.29 9.88 -21.83
C PHE D 283 11.91 8.49 -21.73
N PHE D 284 11.19 7.47 -22.20
CA PHE D 284 11.69 6.11 -22.11
C PHE D 284 12.94 5.92 -22.96
N LEU D 285 13.00 6.59 -24.12
CA LEU D 285 14.20 6.51 -24.95
C LEU D 285 15.42 6.99 -24.16
N LEU D 286 15.36 8.20 -23.61
CA LEU D 286 16.48 8.72 -22.82
C LEU D 286 16.77 7.83 -21.62
N GLN D 287 15.72 7.29 -21.00
CA GLN D 287 15.86 6.60 -19.72
C GLN D 287 16.44 5.20 -19.87
N THR D 288 16.19 4.54 -21.00
CA THR D 288 16.58 3.15 -21.17
C THR D 288 17.50 2.91 -22.36
N TYR D 289 17.13 3.36 -23.56
CA TYR D 289 17.87 2.94 -24.74
C TYR D 289 19.23 3.63 -24.84
N PHE D 290 19.31 4.87 -24.37
CA PHE D 290 20.55 5.65 -24.42
C PHE D 290 21.70 4.98 -23.66
N PRO D 291 21.58 4.67 -22.35
CA PRO D 291 22.76 4.13 -21.63
C PRO D 291 23.25 2.79 -22.16
N ALA D 292 22.34 1.91 -22.60
CA ALA D 292 22.76 0.62 -23.11
C ALA D 292 23.59 0.77 -24.38
N THR D 293 23.15 1.64 -25.30
CA THR D 293 23.92 1.91 -26.49
C THR D 293 25.27 2.50 -26.15
N LEU D 294 25.31 3.40 -25.16
CA LEU D 294 26.59 3.99 -24.76
C LEU D 294 27.56 2.93 -24.20
N MET D 295 27.05 1.97 -23.42
CA MET D 295 27.96 0.98 -22.87
C MET D 295 28.42 0.00 -23.95
N VAL D 296 27.55 -0.29 -24.93
CA VAL D 296 28.00 -1.12 -26.04
C VAL D 296 29.10 -0.43 -26.82
N MET D 297 28.95 0.86 -27.08
CA MET D 297 30.02 1.57 -27.77
C MET D 297 31.30 1.64 -26.93
N LEU D 298 31.15 1.74 -25.60
CA LEU D 298 32.31 1.77 -24.72
C LEU D 298 33.08 0.47 -24.76
N SER D 299 32.39 -0.66 -24.95
CA SER D 299 33.12 -1.92 -24.95
C SER D 299 34.01 -2.09 -26.18
N TRP D 300 33.80 -1.29 -27.23
CA TRP D 300 34.60 -1.39 -28.44
C TRP D 300 35.96 -0.70 -28.30
N VAL D 301 36.16 0.09 -27.24
CA VAL D 301 37.42 0.81 -27.08
C VAL D 301 38.58 -0.15 -26.95
N SER D 302 38.37 -1.32 -26.33
CA SER D 302 39.49 -2.24 -26.09
C SER D 302 40.12 -2.75 -27.37
N PHE D 303 39.43 -2.64 -28.51
CA PHE D 303 39.99 -3.14 -29.75
C PHE D 303 41.16 -2.27 -30.24
N TRP D 304 41.28 -1.05 -29.73
CA TRP D 304 42.35 -0.15 -30.13
C TRP D 304 43.47 -0.05 -29.10
N ILE D 305 43.45 -0.88 -28.05
CA ILE D 305 44.43 -0.83 -26.96
C ILE D 305 45.52 -1.87 -27.22
N ASP D 306 46.76 -1.54 -26.85
CA ASP D 306 47.87 -2.48 -27.01
C ASP D 306 47.57 -3.82 -26.35
N ARG D 307 47.70 -4.90 -27.13
CA ARG D 307 47.43 -6.26 -26.68
C ARG D 307 48.41 -6.75 -25.63
N ARG D 308 49.55 -6.07 -25.47
CA ARG D 308 50.51 -6.43 -24.45
C ARG D 308 50.12 -5.93 -23.06
N ALA D 309 49.17 -5.01 -22.97
CA ALA D 309 48.73 -4.45 -21.69
C ALA D 309 47.55 -5.26 -21.15
N VAL D 310 47.89 -6.46 -20.70
CA VAL D 310 46.88 -7.35 -20.10
C VAL D 310 46.22 -6.73 -18.87
N PRO D 311 46.97 -6.18 -17.89
CA PRO D 311 46.31 -5.62 -16.70
C PRO D 311 45.44 -4.41 -16.99
N ALA D 312 45.43 -3.91 -18.22
CA ALA D 312 44.50 -2.87 -18.63
C ALA D 312 43.32 -3.44 -19.42
N ARG D 313 43.56 -4.49 -20.19
CA ARG D 313 42.53 -5.02 -21.08
C ARG D 313 41.50 -5.80 -20.29
N VAL D 314 41.95 -6.58 -19.31
CA VAL D 314 41.05 -7.51 -18.61
C VAL D 314 40.05 -6.78 -17.70
N PRO D 315 40.53 -5.92 -16.77
CA PRO D 315 39.60 -5.25 -15.86
C PRO D 315 38.58 -4.38 -16.59
N LEU D 316 38.94 -3.84 -17.75
CA LEU D 316 38.01 -3.01 -18.52
C LEU D 316 36.79 -3.82 -18.93
N GLY D 317 37.02 -4.99 -19.51
CA GLY D 317 35.90 -5.81 -19.94
C GLY D 317 35.04 -6.26 -18.77
N ILE D 318 35.67 -6.73 -17.69
CA ILE D 318 34.84 -7.25 -16.61
C ILE D 318 34.04 -6.13 -15.95
N THR D 319 34.63 -4.93 -15.87
CA THR D 319 33.90 -3.81 -15.27
C THR D 319 32.77 -3.33 -16.18
N THR D 320 32.96 -3.38 -17.50
CA THR D 320 31.86 -3.06 -18.40
C THR D 320 30.70 -4.04 -18.22
N VAL D 321 31.00 -5.34 -18.05
CA VAL D 321 29.94 -6.30 -17.79
C VAL D 321 29.17 -5.97 -16.51
N LEU D 322 29.91 -5.66 -15.43
CA LEU D 322 29.26 -5.28 -14.17
C LEU D 322 28.35 -4.07 -14.35
N THR D 323 28.82 -3.08 -15.11
CA THR D 323 28.03 -1.85 -15.27
C THR D 323 26.74 -2.13 -16.04
N MET D 324 26.83 -2.90 -17.13
CA MET D 324 25.62 -3.26 -17.85
C MET D 324 24.63 -4.01 -16.95
N SER D 325 25.15 -4.87 -16.07
CA SER D 325 24.27 -5.60 -15.16
C SER D 325 23.55 -4.65 -14.19
N THR D 326 24.27 -3.67 -13.62
CA THR D 326 23.59 -2.74 -12.71
C THR D 326 22.56 -1.89 -13.46
N ILE D 327 22.81 -1.58 -14.71
CA ILE D 327 21.83 -0.84 -15.51
C ILE D 327 20.56 -1.67 -15.69
N ILE D 328 20.71 -2.94 -16.08
CA ILE D 328 19.52 -3.76 -16.34
C ILE D 328 18.72 -3.98 -15.07
N THR D 329 19.39 -4.24 -13.94
CA THR D 329 18.67 -4.42 -12.69
C THR D 329 17.89 -3.15 -12.32
N GLY D 330 18.51 -1.99 -12.51
CA GLY D 330 17.87 -0.75 -12.13
C GLY D 330 16.66 -0.45 -13.01
N VAL D 331 16.76 -0.79 -14.30
CA VAL D 331 15.65 -0.62 -15.24
C VAL D 331 14.49 -1.54 -14.89
N ASN D 332 14.77 -2.78 -14.51
CA ASN D 332 13.70 -3.66 -14.05
C ASN D 332 12.96 -3.08 -12.86
N ALA D 333 13.71 -2.60 -11.88
CA ALA D 333 13.07 -2.15 -10.65
C ALA D 333 12.03 -1.04 -10.87
N SER D 334 11.99 -0.42 -12.04
CA SER D 334 11.19 0.79 -12.23
C SER D 334 10.01 0.62 -13.19
N MET D 335 9.83 -0.54 -13.75
CA MET D 335 8.74 -0.82 -14.68
C MET D 335 7.62 -1.55 -13.94
N PRO D 336 6.39 -1.47 -14.45
CA PRO D 336 5.30 -2.23 -13.80
C PRO D 336 5.58 -3.72 -13.84
N ARG D 337 5.22 -4.39 -12.74
CA ARG D 337 5.55 -5.80 -12.53
C ARG D 337 4.63 -6.67 -13.40
N VAL D 338 5.01 -6.80 -14.67
CA VAL D 338 4.31 -7.63 -15.63
C VAL D 338 5.27 -8.72 -16.10
N SER D 339 4.94 -9.97 -15.81
CA SER D 339 5.86 -11.09 -15.94
C SER D 339 5.70 -11.79 -17.29
N TYR D 340 6.05 -11.07 -18.35
CA TYR D 340 6.22 -11.68 -19.67
C TYR D 340 7.04 -10.74 -20.55
N ILE D 341 7.48 -11.26 -21.69
CA ILE D 341 8.57 -10.64 -22.42
C ILE D 341 8.06 -9.43 -23.20
N LYS D 342 8.75 -8.30 -23.05
CA LYS D 342 8.42 -7.06 -23.74
C LYS D 342 9.61 -6.60 -24.59
N ALA D 343 9.35 -5.60 -25.46
CA ALA D 343 10.32 -5.30 -26.51
C ALA D 343 11.64 -4.78 -25.93
N VAL D 344 11.54 -4.10 -24.79
CA VAL D 344 12.66 -3.36 -24.23
C VAL D 344 13.59 -4.34 -23.55
N ASP D 345 13.02 -5.47 -23.11
CA ASP D 345 13.84 -6.58 -22.63
C ASP D 345 14.67 -7.19 -23.74
N ILE D 346 14.10 -7.31 -24.94
CA ILE D 346 14.84 -7.88 -26.05
C ILE D 346 16.06 -7.02 -26.38
N TYR D 347 15.86 -5.70 -26.42
CA TYR D 347 16.96 -4.79 -26.71
C TYR D 347 18.06 -4.87 -25.65
N LEU D 348 17.66 -4.89 -24.38
CA LEU D 348 18.62 -4.91 -23.28
C LEU D 348 19.43 -6.19 -23.28
N TRP D 349 18.77 -7.33 -23.45
CA TRP D 349 19.45 -8.62 -23.38
C TRP D 349 20.41 -8.80 -24.56
N VAL D 350 20.02 -8.32 -25.75
CA VAL D 350 20.92 -8.41 -26.91
C VAL D 350 22.17 -7.58 -26.69
N SER D 351 22.01 -6.40 -26.10
CA SER D 351 23.14 -5.54 -25.78
C SER D 351 24.11 -6.21 -24.80
N PHE D 352 23.56 -7.00 -23.88
CA PHE D 352 24.37 -7.68 -22.88
C PHE D 352 25.19 -8.78 -23.53
N VAL D 353 24.59 -9.46 -24.51
CA VAL D 353 25.32 -10.50 -25.24
C VAL D 353 26.49 -9.89 -26.00
N PHE D 354 26.29 -8.70 -26.59
CA PHE D 354 27.37 -8.03 -27.30
C PHE D 354 28.55 -7.76 -26.38
N VAL D 355 28.28 -7.28 -25.16
CA VAL D 355 29.34 -6.95 -24.19
C VAL D 355 30.09 -8.22 -23.78
N PHE D 356 29.36 -9.32 -23.68
CA PHE D 356 29.93 -10.62 -23.28
C PHE D 356 30.89 -11.12 -24.34
N LEU D 357 30.51 -10.98 -25.61
CA LEU D 357 31.36 -11.48 -26.70
C LEU D 357 32.64 -10.66 -26.81
N SER D 358 32.62 -9.39 -26.44
CA SER D 358 33.83 -8.59 -26.52
C SER D 358 34.89 -9.05 -25.52
N VAL D 359 34.48 -9.73 -24.45
CA VAL D 359 35.47 -10.22 -23.50
C VAL D 359 36.06 -11.53 -24.00
N LEU D 360 35.23 -12.38 -24.62
CA LEU D 360 35.75 -13.63 -25.18
C LEU D 360 36.77 -13.35 -26.27
N GLU D 361 36.65 -12.19 -26.95
CA GLU D 361 37.54 -11.90 -28.07
C GLU D 361 38.97 -11.73 -27.59
N TYR D 362 39.15 -10.99 -26.50
CA TYR D 362 40.49 -10.74 -25.97
C TYR D 362 41.07 -11.97 -25.31
N ALA D 363 40.22 -12.82 -24.72
CA ALA D 363 40.71 -14.09 -24.18
C ALA D 363 41.39 -14.92 -25.26
N ALA D 364 40.77 -14.99 -26.44
CA ALA D 364 41.36 -15.73 -27.55
C ALA D 364 42.66 -15.09 -28.03
N VAL D 365 42.68 -13.75 -28.09
CA VAL D 365 43.88 -13.06 -28.56
C VAL D 365 45.06 -13.35 -27.62
N ASN D 366 44.79 -13.36 -26.31
CA ASN D 366 45.90 -13.45 -25.37
C ASN D 366 46.46 -14.86 -25.37
N TYR D 367 45.60 -15.86 -25.50
CA TYR D 367 46.06 -17.24 -25.57
C TYR D 367 46.90 -17.49 -26.81
N LEU D 368 46.47 -16.99 -27.97
CA LEU D 368 47.22 -17.23 -29.20
C LEU D 368 48.58 -16.55 -29.16
N THR D 369 48.65 -15.35 -28.59
CA THR D 369 49.92 -14.64 -28.51
C THR D 369 50.92 -15.38 -27.62
N THR D 370 50.45 -15.86 -26.47
CA THR D 370 51.31 -16.63 -25.58
C THR D 370 51.81 -17.91 -26.25
N VAL D 371 50.94 -18.57 -27.02
CA VAL D 371 51.37 -19.80 -27.71
C VAL D 371 52.49 -19.49 -28.70
N GLN D 372 52.34 -18.41 -29.46
CA GLN D 372 53.34 -18.06 -30.45
C GLN D 372 54.68 -17.76 -29.82
N GLU D 373 54.67 -17.01 -28.71
CA GLU D 373 55.90 -16.61 -28.03
C GLU D 373 56.62 -17.82 -27.48
N ARG D 374 55.86 -18.78 -26.94
CA ARG D 374 56.49 -19.94 -26.32
C ARG D 374 57.12 -20.83 -27.39
N LYS D 375 56.45 -20.93 -28.53
CA LYS D 375 56.89 -21.73 -29.66
C LYS D 375 58.17 -21.14 -30.23
N GLU D 376 58.26 -19.81 -30.27
CA GLU D 376 59.42 -19.16 -30.86
C GLU D 376 60.65 -19.34 -29.97
N GLN D 377 60.47 -19.19 -28.65
CA GLN D 377 61.57 -19.39 -27.73
C GLN D 377 62.03 -20.84 -27.72
N LYS D 378 61.09 -21.77 -27.84
CA LYS D 378 61.42 -23.19 -27.84
C LYS D 378 62.24 -23.54 -29.08
N ASP D 451 53.04 -5.14 -33.67
CA ASP D 451 52.02 -5.21 -34.70
C ASP D 451 50.65 -5.57 -34.13
N THR D 452 49.61 -5.36 -34.93
CA THR D 452 48.24 -5.67 -34.52
C THR D 452 47.85 -7.07 -34.95
N HIS D 453 47.25 -7.82 -34.03
CA HIS D 453 46.75 -9.15 -34.33
C HIS D 453 45.56 -9.07 -35.28
N ALA D 454 45.40 -10.10 -36.11
CA ALA D 454 44.35 -10.09 -37.13
C ALA D 454 42.96 -10.04 -36.52
N ILE D 455 42.78 -10.65 -35.36
CA ILE D 455 41.46 -10.70 -34.74
C ILE D 455 40.98 -9.31 -34.36
N ASP D 456 41.86 -8.48 -33.78
CA ASP D 456 41.51 -7.10 -33.49
C ASP D 456 41.14 -6.35 -34.75
N LYS D 457 41.92 -6.53 -35.82
CA LYS D 457 41.66 -5.83 -37.07
C LYS D 457 40.30 -6.19 -37.63
N TYR D 458 39.90 -7.46 -37.53
CA TYR D 458 38.58 -7.76 -38.06
C TYR D 458 37.47 -7.30 -37.13
N SER D 459 37.68 -7.42 -35.82
CA SER D 459 36.63 -7.06 -34.86
C SER D 459 36.28 -5.59 -34.97
N ARG D 460 37.29 -4.74 -35.17
CA ARG D 460 37.11 -3.29 -35.28
C ARG D 460 36.07 -2.94 -36.33
N ILE D 461 35.92 -3.77 -37.36
CA ILE D 461 34.93 -3.57 -38.40
C ILE D 461 33.65 -4.36 -38.12
N ILE D 462 33.79 -5.60 -37.66
CA ILE D 462 32.66 -6.52 -37.66
C ILE D 462 31.66 -6.16 -36.56
N PHE D 463 32.15 -5.77 -35.37
CA PHE D 463 31.20 -5.51 -34.28
C PHE D 463 30.23 -4.37 -34.58
N PRO D 464 30.68 -3.15 -34.95
CA PRO D 464 29.69 -2.09 -35.24
C PRO D 464 28.72 -2.40 -36.37
N ALA D 465 29.16 -3.08 -37.44
CA ALA D 465 28.25 -3.39 -38.53
C ALA D 465 27.12 -4.30 -38.05
N ALA D 466 27.47 -5.34 -37.28
CA ALA D 466 26.42 -6.23 -36.76
C ALA D 466 25.46 -5.47 -35.86
N TYR D 467 25.96 -4.57 -35.01
CA TYR D 467 25.05 -3.83 -34.14
C TYR D 467 24.12 -2.91 -34.95
N ILE D 468 24.64 -2.28 -36.00
CA ILE D 468 23.82 -1.42 -36.83
C ILE D 468 22.74 -2.24 -37.54
N LEU D 469 23.10 -3.44 -38.02
CA LEU D 469 22.11 -4.29 -38.69
C LEU D 469 21.01 -4.71 -37.72
N PHE D 470 21.39 -5.10 -36.49
CA PHE D 470 20.39 -5.44 -35.48
C PHE D 470 19.46 -4.25 -35.24
N ASN D 471 20.01 -3.04 -35.16
CA ASN D 471 19.16 -1.88 -34.91
C ASN D 471 18.18 -1.65 -36.06
N LEU D 472 18.66 -1.79 -37.30
CA LEU D 472 17.77 -1.63 -38.44
C LEU D 472 16.61 -2.61 -38.39
N ILE D 473 16.90 -3.88 -38.12
CA ILE D 473 15.84 -4.89 -38.08
C ILE D 473 14.87 -4.62 -36.94
N TYR D 474 15.41 -4.30 -35.75
CA TYR D 474 14.58 -4.05 -34.57
C TYR D 474 13.62 -2.89 -34.82
N TRP D 475 14.13 -1.77 -35.31
CA TRP D 475 13.28 -0.60 -35.48
C TRP D 475 12.38 -0.70 -36.71
N SER D 476 12.69 -1.57 -37.67
CA SER D 476 11.71 -1.83 -38.72
C SER D 476 10.58 -2.72 -38.20
N ILE D 477 10.85 -3.55 -37.19
CA ILE D 477 9.80 -4.43 -36.69
C ILE D 477 8.88 -3.69 -35.72
N PHE D 478 9.47 -2.96 -34.77
CA PHE D 478 8.70 -2.34 -33.70
C PHE D 478 8.37 -0.87 -33.96
N SER D 479 8.62 -0.37 -35.17
CA SER D 479 8.26 0.99 -35.57
C SER D 479 9.10 2.04 -34.83
N LYS E 74 -52.69 -2.51 -7.20
CA LYS E 74 -51.41 -2.88 -6.62
C LYS E 74 -51.04 -4.31 -7.03
N SER E 75 -49.84 -4.47 -7.61
CA SER E 75 -49.41 -5.79 -8.03
C SER E 75 -49.14 -6.71 -6.85
N GLU E 76 -48.83 -6.15 -5.67
CA GLU E 76 -48.52 -6.99 -4.52
C GLU E 76 -49.76 -7.55 -3.86
N GLN E 77 -50.95 -7.09 -4.27
CA GLN E 77 -52.23 -7.67 -3.90
C GLN E 77 -52.65 -8.83 -4.79
N LEU E 78 -52.04 -9.00 -5.97
CA LEU E 78 -52.31 -10.21 -6.75
C LEU E 78 -51.70 -11.44 -6.07
N LEU E 79 -50.57 -11.28 -5.40
CA LEU E 79 -50.03 -12.30 -4.53
C LEU E 79 -50.56 -12.06 -3.12
N ARG E 80 -51.20 -13.07 -2.54
CA ARG E 80 -51.78 -12.95 -1.20
C ARG E 80 -50.67 -12.96 -0.17
N ILE E 81 -49.99 -11.82 -0.05
CA ILE E 81 -48.80 -11.73 0.80
C ILE E 81 -49.17 -11.89 2.26
N ASP E 82 -50.26 -11.27 2.70
CA ASP E 82 -50.64 -11.32 4.11
C ASP E 82 -51.43 -12.57 4.46
N ASP E 83 -51.69 -13.46 3.50
CA ASP E 83 -52.42 -14.69 3.78
C ASP E 83 -51.50 -15.87 4.00
N HIS E 84 -50.18 -15.67 3.99
CA HIS E 84 -49.30 -16.80 4.24
C HIS E 84 -48.15 -16.42 5.17
N ASP E 85 -47.60 -17.43 5.85
CA ASP E 85 -46.45 -17.25 6.71
C ASP E 85 -45.21 -17.55 5.88
N PHE E 86 -44.50 -16.49 5.50
CA PHE E 86 -43.30 -16.61 4.69
C PHE E 86 -42.04 -16.70 5.52
N SER E 87 -42.16 -17.14 6.78
CA SER E 87 -41.00 -17.50 7.57
C SER E 87 -40.68 -18.99 7.54
N MET E 88 -41.55 -19.79 6.93
CA MET E 88 -41.33 -21.22 6.72
C MET E 88 -41.17 -21.51 5.22
N ARG E 89 -40.40 -22.56 4.93
CA ARG E 89 -40.13 -22.92 3.55
C ARG E 89 -41.34 -23.49 2.83
N PRO E 90 -41.33 -23.47 1.50
CA PRO E 90 -42.36 -24.22 0.76
C PRO E 90 -42.26 -25.72 1.03
N GLY E 91 -43.41 -26.37 1.15
CA GLY E 91 -43.43 -27.79 1.42
C GLY E 91 -43.04 -28.17 2.83
N PHE E 92 -43.14 -27.23 3.78
CA PHE E 92 -42.78 -27.48 5.17
C PHE E 92 -43.50 -28.71 5.71
N GLY E 93 -42.78 -29.56 6.43
CA GLY E 93 -43.37 -30.75 6.97
C GLY E 93 -43.12 -32.00 6.16
N GLY E 94 -42.71 -31.86 4.90
CA GLY E 94 -42.62 -32.97 3.98
C GLY E 94 -41.26 -33.07 3.32
N PRO E 95 -41.19 -33.73 2.17
CA PRO E 95 -39.93 -33.83 1.43
C PRO E 95 -39.28 -32.47 1.18
N ALA E 96 -37.95 -32.51 1.07
CA ALA E 96 -37.13 -31.33 0.82
C ALA E 96 -37.45 -30.71 -0.55
N ILE E 97 -37.31 -29.39 -0.62
CA ILE E 97 -37.58 -28.63 -1.84
C ILE E 97 -36.29 -28.51 -2.66
N PRO E 98 -36.31 -28.94 -3.92
CA PRO E 98 -35.11 -28.80 -4.74
C PRO E 98 -34.90 -27.38 -5.26
N VAL E 99 -33.63 -26.95 -5.27
CA VAL E 99 -33.24 -25.61 -5.70
C VAL E 99 -32.09 -25.74 -6.68
N GLY E 100 -32.28 -25.26 -7.91
CA GLY E 100 -31.27 -25.32 -8.95
C GLY E 100 -30.51 -24.02 -9.10
N VAL E 101 -29.25 -24.12 -9.51
CA VAL E 101 -28.33 -22.99 -9.53
C VAL E 101 -27.59 -22.93 -10.86
N ASP E 102 -27.43 -21.70 -11.39
CA ASP E 102 -26.57 -21.41 -12.54
C ASP E 102 -25.65 -20.26 -12.17
N VAL E 103 -24.46 -20.22 -12.79
CA VAL E 103 -23.45 -19.21 -12.50
C VAL E 103 -22.85 -18.69 -13.81
N GLN E 104 -22.69 -17.37 -13.90
CA GLN E 104 -21.99 -16.71 -15.00
C GLN E 104 -20.87 -15.85 -14.43
N VAL E 105 -19.63 -16.16 -14.80
CA VAL E 105 -18.46 -15.46 -14.26
C VAL E 105 -18.13 -14.29 -15.18
N GLU E 106 -18.07 -13.08 -14.61
CA GLU E 106 -17.82 -11.88 -15.41
C GLU E 106 -16.33 -11.53 -15.51
N SER E 107 -15.58 -11.60 -14.42
CA SER E 107 -14.16 -11.26 -14.48
C SER E 107 -13.43 -11.81 -13.27
N LEU E 108 -12.11 -11.87 -13.40
CA LEU E 108 -11.20 -12.16 -12.30
C LEU E 108 -10.43 -10.87 -12.01
N ASP E 109 -10.58 -10.36 -10.79
CA ASP E 109 -10.18 -8.98 -10.51
C ASP E 109 -8.73 -8.84 -10.02
N SER E 110 -8.27 -9.74 -9.17
CA SER E 110 -6.91 -9.65 -8.65
C SER E 110 -6.55 -10.97 -7.97
N ILE E 111 -5.26 -11.12 -7.68
CA ILE E 111 -4.74 -12.27 -6.94
C ILE E 111 -3.59 -11.80 -6.07
N SER E 112 -3.51 -12.33 -4.85
CA SER E 112 -2.48 -11.96 -3.89
C SER E 112 -1.71 -13.22 -3.51
N GLU E 113 -0.42 -13.26 -3.83
CA GLU E 113 0.39 -14.43 -3.56
C GLU E 113 0.83 -14.50 -2.10
N VAL E 114 1.07 -13.35 -1.46
CA VAL E 114 1.50 -13.37 -0.08
C VAL E 114 0.37 -13.80 0.85
N ASP E 115 -0.83 -13.25 0.63
CA ASP E 115 -1.99 -13.54 1.47
C ASP E 115 -2.76 -14.77 0.99
N MET E 116 -2.48 -15.25 -0.22
CA MET E 116 -3.05 -16.49 -0.75
C MET E 116 -4.58 -16.39 -0.86
N ASP E 117 -5.03 -15.52 -1.78
CA ASP E 117 -6.45 -15.38 -2.08
C ASP E 117 -6.63 -14.79 -3.47
N PHE E 118 -7.88 -14.82 -3.95
CA PHE E 118 -8.25 -14.26 -5.25
C PHE E 118 -9.65 -13.65 -5.16
N THR E 119 -9.97 -12.78 -6.14
CA THR E 119 -11.22 -12.02 -6.16
C THR E 119 -11.92 -12.18 -7.51
N MET E 120 -13.25 -12.35 -7.48
CA MET E 120 -14.05 -12.64 -8.67
C MET E 120 -15.41 -11.96 -8.58
N THR E 121 -15.97 -11.60 -9.74
CA THR E 121 -17.28 -10.96 -9.87
C THR E 121 -18.17 -11.86 -10.73
N LEU E 122 -19.41 -12.11 -10.30
CA LEU E 122 -20.22 -13.10 -11.03
C LEU E 122 -21.71 -12.80 -10.89
N TYR E 123 -22.53 -13.51 -11.68
CA TYR E 123 -23.99 -13.49 -11.54
C TYR E 123 -24.44 -14.83 -10.97
N LEU E 124 -25.33 -14.79 -9.97
CA LEU E 124 -25.85 -15.98 -9.32
C LEU E 124 -27.37 -16.05 -9.52
N ARG E 125 -27.85 -17.18 -10.02
CA ARG E 125 -29.26 -17.37 -10.37
C ARG E 125 -29.83 -18.59 -9.63
N HIS E 126 -31.06 -18.47 -9.11
CA HIS E 126 -31.75 -19.55 -8.42
C HIS E 126 -33.09 -19.87 -9.10
N TYR E 127 -33.51 -21.13 -8.97
CA TYR E 127 -34.77 -21.57 -9.57
C TYR E 127 -35.53 -22.55 -8.65
N TRP E 128 -36.78 -22.24 -8.29
CA TRP E 128 -37.60 -23.10 -7.45
C TRP E 128 -39.06 -22.75 -7.66
N LYS E 129 -39.95 -23.55 -7.05
CA LYS E 129 -41.37 -23.39 -7.26
C LYS E 129 -42.07 -23.22 -5.92
N ASP E 130 -43.04 -22.31 -5.87
CA ASP E 130 -43.79 -22.05 -4.63
C ASP E 130 -45.24 -21.81 -5.02
N GLU E 131 -46.12 -22.73 -4.63
CA GLU E 131 -47.53 -22.62 -4.99
C GLU E 131 -48.23 -21.45 -4.32
N ARG E 132 -47.67 -20.92 -3.23
CA ARG E 132 -48.29 -19.79 -2.54
C ARG E 132 -48.20 -18.49 -3.35
N LEU E 133 -47.33 -18.42 -4.35
CA LEU E 133 -47.16 -17.23 -5.16
C LEU E 133 -47.96 -17.26 -6.45
N SER E 134 -48.79 -18.30 -6.65
CA SER E 134 -49.54 -18.40 -7.89
C SER E 134 -50.62 -17.33 -7.96
N PHE E 135 -50.86 -16.79 -9.15
CA PHE E 135 -51.87 -15.76 -9.34
C PHE E 135 -52.67 -16.03 -10.61
N PRO E 136 -53.93 -15.61 -10.63
CA PRO E 136 -54.72 -15.77 -11.86
C PRO E 136 -54.26 -14.83 -12.95
N SER E 137 -54.44 -15.29 -14.19
CA SER E 137 -54.08 -14.51 -15.37
C SER E 137 -54.92 -14.98 -16.55
N THR E 138 -55.28 -14.04 -17.41
CA THR E 138 -55.96 -14.31 -18.66
C THR E 138 -54.98 -14.52 -19.82
N ASN E 139 -53.68 -14.51 -19.52
CA ASN E 139 -52.62 -14.69 -20.49
C ASN E 139 -51.49 -15.45 -19.80
N ASN E 140 -50.33 -15.52 -20.44
CA ASN E 140 -49.19 -16.21 -19.87
C ASN E 140 -48.03 -15.26 -19.59
N LEU E 141 -48.34 -14.05 -19.14
CA LEU E 141 -47.32 -13.05 -18.86
C LEU E 141 -46.90 -13.12 -17.40
N SER E 142 -45.61 -12.92 -17.15
CA SER E 142 -45.07 -12.95 -15.80
C SER E 142 -44.89 -11.53 -15.25
N MET E 143 -44.72 -11.45 -13.93
CA MET E 143 -44.55 -10.19 -13.23
C MET E 143 -43.14 -10.10 -12.67
N THR E 144 -42.54 -8.90 -12.75
CA THR E 144 -41.15 -8.67 -12.39
C THR E 144 -41.06 -7.65 -11.27
N PHE E 145 -40.17 -7.90 -10.30
CA PHE E 145 -40.03 -7.06 -9.13
C PHE E 145 -38.54 -6.83 -8.85
N ASP E 146 -38.25 -5.78 -8.09
CA ASP E 146 -36.89 -5.50 -7.67
C ASP E 146 -36.66 -6.00 -6.24
N GLY E 147 -35.57 -5.57 -5.63
CA GLY E 147 -35.19 -6.19 -4.37
C GLY E 147 -36.09 -5.87 -3.19
N ARG E 148 -36.97 -4.89 -3.33
CA ARG E 148 -37.84 -4.51 -2.21
C ARG E 148 -38.82 -5.61 -1.80
N LEU E 149 -39.17 -6.52 -2.73
CA LEU E 149 -40.09 -7.63 -2.44
C LEU E 149 -39.40 -8.77 -1.72
N VAL E 150 -38.07 -8.77 -1.66
CA VAL E 150 -37.36 -9.93 -1.12
C VAL E 150 -37.66 -10.09 0.36
N LYS E 151 -37.84 -8.97 1.05
CA LYS E 151 -38.07 -9.00 2.49
C LYS E 151 -39.48 -9.45 2.86
N LYS E 152 -40.38 -9.58 1.88
CA LYS E 152 -41.75 -10.04 2.12
C LYS E 152 -42.00 -11.51 1.84
N ILE E 153 -41.10 -12.23 1.18
CA ILE E 153 -41.33 -13.63 0.87
C ILE E 153 -40.13 -14.46 1.32
N TRP E 154 -40.25 -15.78 1.17
CA TRP E 154 -39.17 -16.69 1.50
C TRP E 154 -38.22 -16.84 0.32
N VAL E 155 -36.91 -16.81 0.60
CA VAL E 155 -35.90 -17.05 -0.43
C VAL E 155 -34.76 -17.87 0.18
N PRO E 156 -33.99 -18.56 -0.67
CA PRO E 156 -32.92 -19.41 -0.13
C PRO E 156 -31.74 -18.60 0.38
N ASP E 157 -31.05 -19.15 1.38
CA ASP E 157 -29.98 -18.43 2.07
C ASP E 157 -28.59 -18.99 1.71
N MET E 158 -28.12 -18.67 0.52
CA MET E 158 -26.82 -19.18 0.10
C MET E 158 -25.73 -18.24 0.63
N PHE E 159 -24.60 -18.87 1.02
CA PHE E 159 -23.36 -18.18 1.39
C PHE E 159 -22.14 -18.88 0.80
N PHE E 160 -21.00 -18.15 0.77
CA PHE E 160 -19.78 -18.65 0.17
C PHE E 160 -18.83 -19.15 1.26
N VAL E 161 -18.44 -20.43 1.17
CA VAL E 161 -17.61 -21.06 2.18
C VAL E 161 -16.15 -20.69 1.95
N HIS E 162 -15.44 -20.45 3.05
CA HIS E 162 -14.01 -20.10 3.03
C HIS E 162 -13.74 -18.75 2.37
N SER E 163 -14.64 -17.80 2.52
CA SER E 163 -14.43 -16.47 1.95
C SER E 163 -13.98 -15.50 3.04
N LYS E 164 -13.33 -14.42 2.59
CA LYS E 164 -12.82 -13.41 3.50
C LYS E 164 -13.65 -12.12 3.52
N ARG E 165 -14.17 -11.67 2.37
CA ARG E 165 -15.14 -10.59 2.31
C ARG E 165 -15.96 -10.70 1.03
N SER E 166 -17.13 -10.06 1.04
CA SER E 166 -18.00 -10.02 -0.14
C SER E 166 -19.05 -8.92 0.01
N PHE E 167 -19.65 -8.52 -1.12
CA PHE E 167 -20.71 -7.51 -1.12
C PHE E 167 -21.55 -7.62 -2.38
N ILE E 168 -22.75 -7.03 -2.32
CA ILE E 168 -23.69 -6.99 -3.44
C ILE E 168 -23.71 -5.57 -4.01
N HIS E 169 -23.60 -5.45 -5.33
CA HIS E 169 -23.52 -4.15 -5.98
C HIS E 169 -24.85 -3.40 -5.87
N ASP E 170 -24.77 -2.05 -5.74
CA ASP E 170 -25.97 -1.28 -5.45
C ASP E 170 -26.04 0.06 -6.20
N THR E 171 -25.45 0.15 -7.38
CA THR E 171 -25.53 1.36 -8.19
C THR E 171 -26.14 1.02 -9.54
N THR E 172 -27.16 1.78 -9.97
CA THR E 172 -27.71 2.95 -9.26
C THR E 172 -28.73 2.56 -8.21
N THR E 173 -29.14 1.30 -8.23
CA THR E 173 -29.94 0.72 -7.16
C THR E 173 -29.47 -0.72 -6.97
N ASP E 174 -30.11 -1.43 -6.03
CA ASP E 174 -29.69 -2.79 -5.72
C ASP E 174 -29.84 -3.68 -6.95
N ASN E 175 -28.76 -4.41 -7.27
CA ASN E 175 -28.68 -5.24 -8.47
C ASN E 175 -29.33 -6.61 -8.23
N VAL E 176 -30.64 -6.58 -7.98
CA VAL E 176 -31.44 -7.76 -7.65
C VAL E 176 -32.72 -7.79 -8.47
N MET E 177 -33.15 -8.98 -8.89
CA MET E 177 -34.35 -9.15 -9.71
C MET E 177 -35.12 -10.41 -9.31
N LEU E 178 -36.45 -10.33 -9.36
CA LEU E 178 -37.33 -11.47 -9.15
C LEU E 178 -38.37 -11.51 -10.25
N ARG E 179 -38.59 -12.70 -10.80
CA ARG E 179 -39.58 -12.93 -11.85
C ARG E 179 -40.47 -14.09 -11.44
N VAL E 180 -41.77 -13.87 -11.47
CA VAL E 180 -42.73 -14.86 -10.97
C VAL E 180 -43.66 -15.30 -12.09
N GLN E 181 -43.73 -16.62 -12.34
CA GLN E 181 -44.63 -17.13 -13.36
C GLN E 181 -46.06 -17.28 -12.80
N PRO E 182 -47.07 -17.36 -13.66
CA PRO E 182 -48.44 -17.55 -13.15
C PRO E 182 -48.63 -18.79 -12.29
N ASP E 183 -47.83 -19.83 -12.51
CA ASP E 183 -48.01 -21.09 -11.79
C ASP E 183 -47.14 -21.18 -10.55
N GLY E 184 -46.35 -20.15 -10.26
CA GLY E 184 -45.56 -20.10 -9.05
C GLY E 184 -44.08 -20.40 -9.21
N LYS E 185 -43.56 -20.51 -10.44
CA LYS E 185 -42.14 -20.68 -10.65
C LYS E 185 -41.42 -19.34 -10.49
N VAL E 186 -40.23 -19.38 -9.87
CA VAL E 186 -39.51 -18.18 -9.47
C VAL E 186 -38.08 -18.22 -9.99
N LEU E 187 -37.60 -17.08 -10.50
CA LEU E 187 -36.19 -16.87 -10.82
C LEU E 187 -35.66 -15.70 -9.98
N TYR E 188 -34.50 -15.91 -9.38
CA TYR E 188 -33.89 -15.01 -8.41
C TYR E 188 -32.44 -14.78 -8.81
N SER E 189 -32.10 -13.54 -9.16
CA SER E 189 -30.83 -13.19 -9.79
C SER E 189 -30.18 -12.01 -9.08
N LEU E 190 -28.87 -12.12 -8.80
CA LEU E 190 -28.14 -10.99 -8.24
C LEU E 190 -26.67 -10.99 -8.65
N ARG E 191 -26.04 -9.81 -8.55
CA ARG E 191 -24.65 -9.59 -8.96
C ARG E 191 -23.76 -9.33 -7.75
N VAL E 192 -22.66 -10.08 -7.62
CA VAL E 192 -21.87 -10.12 -6.38
C VAL E 192 -20.36 -10.21 -6.68
N THR E 193 -19.56 -9.70 -5.75
CA THR E 193 -18.09 -9.76 -5.79
C THR E 193 -17.60 -10.41 -4.50
N VAL E 194 -16.66 -11.36 -4.62
CA VAL E 194 -16.23 -12.19 -3.50
C VAL E 194 -14.71 -12.39 -3.53
N THR E 195 -14.10 -12.41 -2.34
CA THR E 195 -12.69 -12.74 -2.15
C THR E 195 -12.58 -14.05 -1.37
N ALA E 196 -11.84 -15.02 -1.92
CA ALA E 196 -11.79 -16.37 -1.35
C ALA E 196 -10.34 -16.84 -1.18
N MET E 197 -10.12 -17.70 -0.19
CA MET E 197 -8.79 -18.21 0.10
C MET E 197 -8.37 -19.31 -0.86
N CYS E 198 -7.06 -19.44 -1.04
CA CYS E 198 -6.49 -20.45 -1.91
C CYS E 198 -5.09 -20.80 -1.43
N ASN E 199 -4.93 -21.97 -0.82
CA ASN E 199 -3.61 -22.39 -0.37
C ASN E 199 -2.70 -22.69 -1.56
N MET E 200 -1.50 -22.15 -1.54
CA MET E 200 -0.54 -22.29 -2.62
C MET E 200 0.76 -22.88 -2.12
N ASP E 201 1.49 -23.54 -3.02
CA ASP E 201 2.77 -24.18 -2.72
C ASP E 201 3.79 -23.70 -3.73
N PHE E 202 4.85 -23.06 -3.24
CA PHE E 202 5.85 -22.43 -4.10
C PHE E 202 7.16 -23.22 -4.15
N SER E 203 7.12 -24.51 -3.87
CA SER E 203 8.36 -25.28 -3.80
C SER E 203 9.05 -25.37 -5.17
N ARG E 204 8.27 -25.45 -6.23
CA ARG E 204 8.77 -25.66 -7.58
C ARG E 204 8.85 -24.38 -8.39
N PHE E 205 8.75 -23.22 -7.73
CA PHE E 205 8.74 -21.94 -8.44
C PHE E 205 10.03 -21.78 -9.23
N PRO E 206 9.98 -21.26 -10.48
CA PRO E 206 8.82 -20.77 -11.22
C PRO E 206 8.08 -21.83 -12.04
N LEU E 207 8.24 -23.12 -11.74
CA LEU E 207 7.59 -24.12 -12.57
C LEU E 207 6.40 -24.75 -11.85
N ASP E 208 5.78 -24.02 -10.93
CA ASP E 208 4.70 -24.53 -10.11
C ASP E 208 3.36 -24.41 -10.84
N THR E 209 2.41 -25.22 -10.38
CA THR E 209 1.03 -25.20 -10.86
C THR E 209 0.10 -25.13 -9.65
N GLN E 210 -0.94 -24.31 -9.74
CA GLN E 210 -1.87 -24.10 -8.64
C GLN E 210 -3.30 -24.41 -9.07
N THR E 211 -4.09 -24.91 -8.12
CA THR E 211 -5.51 -25.19 -8.32
C THR E 211 -6.33 -24.46 -7.28
N CYS E 212 -7.43 -23.83 -7.71
CA CYS E 212 -8.26 -22.99 -6.86
C CYS E 212 -9.72 -23.41 -7.00
N SER E 213 -10.56 -23.00 -6.04
CA SER E 213 -11.98 -23.31 -6.09
C SER E 213 -12.80 -22.27 -5.32
N LEU E 214 -14.06 -22.16 -5.71
CA LEU E 214 -15.07 -21.35 -5.01
C LEU E 214 -16.24 -22.26 -4.65
N GLU E 215 -16.74 -22.14 -3.43
CA GLU E 215 -17.68 -23.09 -2.85
C GLU E 215 -18.95 -22.38 -2.37
N ILE E 216 -20.10 -23.03 -2.59
CA ILE E 216 -21.42 -22.46 -2.33
C ILE E 216 -22.22 -23.46 -1.47
N GLU E 217 -22.90 -22.96 -0.45
CA GLU E 217 -23.56 -23.81 0.53
C GLU E 217 -24.69 -23.05 1.20
N SER E 218 -25.68 -23.79 1.71
CA SER E 218 -26.78 -23.21 2.48
C SER E 218 -26.40 -23.08 3.95
N TYR E 219 -26.75 -21.94 4.55
CA TYR E 219 -26.30 -21.63 5.90
C TYR E 219 -27.07 -22.44 6.95
N ALA E 220 -28.40 -22.54 6.81
CA ALA E 220 -29.25 -23.05 7.89
C ALA E 220 -30.09 -24.27 7.55
N TYR E 221 -30.11 -24.76 6.32
CA TYR E 221 -31.00 -25.87 5.95
C TYR E 221 -30.17 -27.09 5.59
N THR E 222 -30.43 -28.21 6.27
CA THR E 222 -29.78 -29.47 5.94
C THR E 222 -30.42 -30.10 4.70
N GLU E 223 -29.79 -31.17 4.21
CA GLU E 223 -30.28 -31.85 3.02
C GLU E 223 -31.66 -32.46 3.20
N ASP E 224 -32.15 -32.60 4.44
CA ASP E 224 -33.50 -33.09 4.65
C ASP E 224 -34.56 -32.04 4.36
N ASP E 225 -34.18 -30.77 4.37
CA ASP E 225 -35.13 -29.68 4.11
C ASP E 225 -34.92 -28.98 2.78
N LEU E 226 -33.68 -28.93 2.28
CA LEU E 226 -33.36 -28.22 1.04
C LEU E 226 -32.35 -29.04 0.26
N MET E 227 -32.65 -29.30 -1.01
CA MET E 227 -31.79 -30.10 -1.89
C MET E 227 -31.20 -29.20 -2.96
N LEU E 228 -29.89 -28.95 -2.88
CA LEU E 228 -29.20 -28.01 -3.75
C LEU E 228 -28.40 -28.76 -4.81
N TYR E 229 -28.56 -28.34 -6.08
CA TYR E 229 -27.93 -29.06 -7.19
C TYR E 229 -27.69 -28.11 -8.36
N TRP E 230 -26.78 -28.52 -9.25
CA TRP E 230 -26.53 -27.77 -10.48
C TRP E 230 -27.68 -28.01 -11.45
N LYS E 231 -28.26 -26.92 -11.96
CA LYS E 231 -29.51 -27.04 -12.72
C LYS E 231 -29.32 -27.82 -14.02
N LYS E 232 -28.22 -27.60 -14.73
CA LYS E 232 -28.00 -28.27 -16.01
C LYS E 232 -26.66 -28.98 -16.06
N GLY E 233 -26.20 -29.50 -14.93
CA GLY E 233 -24.94 -30.23 -14.92
C GLY E 233 -23.77 -29.33 -15.24
N ASN E 234 -22.92 -29.78 -16.16
CA ASN E 234 -21.75 -29.01 -16.54
C ASN E 234 -22.07 -27.84 -17.46
N ASP E 235 -23.29 -27.79 -18.01
CA ASP E 235 -23.70 -26.66 -18.82
C ASP E 235 -24.14 -25.47 -17.98
N SER E 236 -24.08 -25.56 -16.65
CA SER E 236 -24.59 -24.50 -15.79
C SER E 236 -23.56 -23.40 -15.55
N LEU E 237 -22.35 -23.55 -16.06
CA LEU E 237 -21.25 -22.63 -15.81
C LEU E 237 -20.83 -21.99 -17.13
N LYS E 238 -20.86 -20.67 -17.18
CA LYS E 238 -20.40 -19.91 -18.34
C LYS E 238 -19.34 -18.91 -17.89
N THR E 239 -18.36 -18.66 -18.76
CA THR E 239 -17.27 -17.74 -18.46
C THR E 239 -17.12 -16.75 -19.59
N ASP E 240 -16.66 -15.55 -19.23
CA ASP E 240 -16.51 -14.48 -20.20
C ASP E 240 -15.36 -14.77 -21.16
N GLU E 241 -15.53 -14.36 -22.42
CA GLU E 241 -14.57 -14.66 -23.48
C GLU E 241 -13.22 -13.97 -23.28
N ARG E 242 -13.16 -12.87 -22.53
CA ARG E 242 -11.91 -12.13 -22.35
C ARG E 242 -11.45 -12.13 -20.90
N ILE E 243 -11.67 -13.23 -20.19
CA ILE E 243 -11.20 -13.32 -18.81
C ILE E 243 -9.70 -13.55 -18.81
N SER E 244 -8.98 -12.78 -18.00
CA SER E 244 -7.53 -12.88 -18.01
C SER E 244 -6.95 -12.32 -16.70
N LEU E 245 -5.73 -12.77 -16.38
CA LEU E 245 -4.90 -12.21 -15.33
C LEU E 245 -3.57 -11.77 -15.90
N SER E 246 -2.94 -10.82 -15.24
CA SER E 246 -1.74 -10.21 -15.80
C SER E 246 -0.58 -11.19 -15.81
N GLN E 247 -0.39 -11.93 -14.71
CA GLN E 247 0.80 -12.76 -14.55
C GLN E 247 0.53 -14.25 -14.63
N PHE E 248 -0.70 -14.67 -14.94
CA PHE E 248 -1.03 -16.08 -15.00
C PHE E 248 -1.79 -16.42 -16.27
N LEU E 249 -1.72 -17.71 -16.63
CA LEU E 249 -2.61 -18.31 -17.63
C LEU E 249 -3.68 -19.14 -16.92
N ILE E 250 -4.90 -19.09 -17.43
CA ILE E 250 -6.05 -19.70 -16.78
C ILE E 250 -6.62 -20.78 -17.70
N GLN E 251 -6.86 -21.97 -17.15
CA GLN E 251 -7.41 -23.07 -17.94
C GLN E 251 -8.31 -23.96 -17.09
N GLU E 252 -9.15 -24.74 -17.79
CA GLU E 252 -9.85 -25.90 -17.26
C GLU E 252 -10.86 -25.55 -16.17
N PHE E 253 -11.92 -24.82 -16.54
CA PHE E 253 -13.06 -24.59 -15.68
C PHE E 253 -13.99 -25.81 -15.71
N HIS E 254 -14.44 -26.24 -14.52
CA HIS E 254 -15.46 -27.28 -14.42
C HIS E 254 -16.09 -27.24 -13.03
N THR E 255 -17.19 -27.99 -12.88
CA THR E 255 -17.94 -28.03 -11.63
C THR E 255 -17.95 -29.44 -11.02
N THR E 256 -18.11 -29.50 -9.70
CA THR E 256 -18.30 -30.74 -8.94
C THR E 256 -19.24 -30.49 -7.76
N THR E 257 -19.64 -31.59 -7.09
CA THR E 257 -20.47 -31.53 -5.89
C THR E 257 -19.98 -32.55 -4.87
N LYS E 258 -20.24 -32.28 -3.59
CA LYS E 258 -19.84 -33.17 -2.50
C LYS E 258 -20.63 -32.84 -1.24
N LEU E 259 -20.87 -33.86 -0.42
CA LEU E 259 -21.59 -33.73 0.85
C LEU E 259 -20.62 -33.42 1.98
N ALA E 260 -21.04 -32.51 2.86
CA ALA E 260 -20.24 -32.10 4.02
C ALA E 260 -21.01 -32.34 5.30
N PHE E 261 -20.27 -32.65 6.37
CA PHE E 261 -20.84 -33.00 7.67
C PHE E 261 -20.43 -31.98 8.72
N TYR E 262 -21.40 -31.50 9.50
CA TYR E 262 -21.19 -30.65 10.67
C TYR E 262 -21.73 -31.38 11.90
N SER E 263 -20.88 -31.58 12.92
CA SER E 263 -21.37 -32.23 14.13
C SER E 263 -22.46 -31.42 14.83
N SER E 264 -22.51 -30.10 14.62
CA SER E 264 -23.49 -29.29 15.32
C SER E 264 -24.90 -29.49 14.75
N THR E 265 -25.02 -29.69 13.44
CA THR E 265 -26.36 -29.72 12.84
C THR E 265 -26.62 -30.83 11.82
N GLY E 266 -25.61 -31.38 11.14
CA GLY E 266 -25.89 -32.45 10.19
C GLY E 266 -25.22 -32.33 8.83
N TRP E 267 -25.83 -32.94 7.81
CA TRP E 267 -25.25 -33.05 6.47
C TRP E 267 -25.79 -31.95 5.56
N TYR E 268 -24.90 -31.41 4.72
CA TYR E 268 -25.20 -30.32 3.78
C TYR E 268 -24.57 -30.63 2.44
N ASN E 269 -25.22 -30.24 1.34
CA ASN E 269 -24.61 -30.41 0.03
C ASN E 269 -23.91 -29.14 -0.40
N ARG E 270 -22.72 -29.31 -0.99
CA ARG E 270 -21.81 -28.22 -1.32
C ARG E 270 -21.44 -28.29 -2.81
N LEU E 271 -21.38 -27.14 -3.47
CA LEU E 271 -21.04 -27.04 -4.89
C LEU E 271 -19.69 -26.34 -5.08
N TYR E 272 -18.93 -26.78 -6.10
CA TYR E 272 -17.58 -26.27 -6.35
C TYR E 272 -17.44 -25.77 -7.78
N ILE E 273 -16.58 -24.76 -7.94
CA ILE E 273 -16.13 -24.27 -9.25
C ILE E 273 -14.60 -24.31 -9.23
N ASN E 274 -14.01 -25.04 -10.17
CA ASN E 274 -12.57 -25.34 -10.15
C ASN E 274 -11.87 -24.79 -11.38
N PHE E 275 -10.61 -24.36 -11.21
CA PHE E 275 -9.77 -23.90 -12.31
C PHE E 275 -8.30 -23.97 -11.92
N THR E 276 -7.42 -23.80 -12.93
CA THR E 276 -5.98 -24.01 -12.80
C THR E 276 -5.19 -22.84 -13.35
N LEU E 277 -4.04 -22.53 -12.72
CA LEU E 277 -3.16 -21.42 -13.10
C LEU E 277 -1.75 -21.87 -13.45
N ARG E 278 -1.14 -21.18 -14.42
CA ARG E 278 0.25 -21.44 -14.84
C ARG E 278 0.96 -20.13 -15.16
N ARG E 279 2.28 -20.16 -15.08
CA ARG E 279 3.13 -19.00 -15.36
C ARG E 279 3.73 -19.09 -16.77
N HIS E 280 4.39 -17.99 -17.19
CA HIS E 280 5.12 -17.94 -18.46
C HIS E 280 6.58 -18.28 -18.15
N ILE E 281 6.98 -19.51 -18.48
CA ILE E 281 8.29 -20.00 -18.05
C ILE E 281 9.42 -19.22 -18.74
N PHE E 282 9.27 -19.00 -20.06
CA PHE E 282 10.36 -18.48 -20.89
C PHE E 282 10.84 -17.11 -20.41
N PHE E 283 9.91 -16.31 -19.84
CA PHE E 283 10.28 -15.03 -19.22
C PHE E 283 11.24 -15.24 -18.07
N PHE E 284 10.89 -16.14 -17.15
CA PHE E 284 11.74 -16.39 -16.00
C PHE E 284 13.07 -16.99 -16.41
N LEU E 285 13.07 -17.86 -17.44
CA LEU E 285 14.32 -18.41 -17.93
C LEU E 285 15.28 -17.30 -18.36
N LEU E 286 14.81 -16.41 -19.25
CA LEU E 286 15.66 -15.31 -19.70
C LEU E 286 16.05 -14.40 -18.55
N GLN E 287 15.14 -14.20 -17.60
CA GLN E 287 15.33 -13.20 -16.55
C GLN E 287 16.30 -13.66 -15.47
N THR E 288 16.36 -14.97 -15.20
CA THR E 288 17.14 -15.48 -14.09
C THR E 288 18.21 -16.48 -14.50
N TYR E 289 17.86 -17.53 -15.26
CA TYR E 289 18.81 -18.63 -15.45
C TYR E 289 19.92 -18.24 -16.43
N PHE E 290 19.60 -17.40 -17.41
CA PHE E 290 20.57 -16.95 -18.41
C PHE E 290 21.77 -16.23 -17.80
N PRO E 291 21.61 -15.14 -17.03
CA PRO E 291 22.81 -14.41 -16.56
C PRO E 291 23.71 -15.22 -15.64
N ALA E 292 23.14 -16.08 -14.79
CA ALA E 292 23.96 -16.88 -13.89
C ALA E 292 24.84 -17.85 -14.66
N THR E 293 24.26 -18.51 -15.67
CA THR E 293 25.06 -19.40 -16.52
C THR E 293 26.14 -18.63 -17.24
N LEU E 294 25.82 -17.42 -17.72
CA LEU E 294 26.84 -16.62 -18.40
C LEU E 294 27.99 -16.25 -17.48
N MET E 295 27.70 -15.92 -16.21
CA MET E 295 28.79 -15.54 -15.32
C MET E 295 29.61 -16.76 -14.91
N VAL E 296 28.97 -17.92 -14.80
CA VAL E 296 29.74 -19.13 -14.53
C VAL E 296 30.68 -19.43 -15.68
N MET E 297 30.21 -19.29 -16.92
CA MET E 297 31.10 -19.50 -18.05
C MET E 297 32.20 -18.46 -18.10
N LEU E 298 31.91 -17.22 -17.70
CA LEU E 298 32.90 -16.16 -17.69
C LEU E 298 34.01 -16.46 -16.69
N SER E 299 33.69 -17.12 -15.57
CA SER E 299 34.74 -17.38 -14.60
C SER E 299 35.76 -18.41 -15.09
N TRP E 300 35.44 -19.17 -16.13
CA TRP E 300 36.38 -20.16 -16.64
C TRP E 300 37.46 -19.56 -17.52
N VAL E 301 37.32 -18.29 -17.92
CA VAL E 301 38.30 -17.67 -18.80
C VAL E 301 39.67 -17.62 -18.15
N SER E 302 39.73 -17.45 -16.83
CA SER E 302 41.03 -17.29 -16.17
C SER E 302 41.91 -18.52 -16.29
N PHE E 303 41.33 -19.68 -16.64
CA PHE E 303 42.14 -20.89 -16.75
C PHE E 303 43.06 -20.85 -17.97
N TRP E 304 42.78 -19.97 -18.93
CA TRP E 304 43.58 -19.85 -20.14
C TRP E 304 44.52 -18.65 -20.12
N ILE E 305 44.63 -17.92 -18.99
CA ILE E 305 45.44 -16.72 -18.87
C ILE E 305 46.79 -17.06 -18.27
N ASP E 306 47.85 -16.37 -18.72
CA ASP E 306 49.19 -16.61 -18.17
C ASP E 306 49.21 -16.46 -16.65
N ARG E 307 49.72 -17.50 -15.98
CA ARG E 307 49.79 -17.56 -14.53
C ARG E 307 50.76 -16.55 -13.94
N ARG E 308 51.63 -15.97 -14.77
CA ARG E 308 52.55 -14.94 -14.29
C ARG E 308 51.89 -13.57 -14.18
N ALA E 309 50.70 -13.39 -14.77
CA ALA E 309 50.00 -12.11 -14.72
C ALA E 309 49.05 -12.08 -13.53
N VAL E 310 49.67 -11.97 -12.35
CA VAL E 310 48.89 -11.89 -11.10
C VAL E 310 47.96 -10.68 -11.09
N PRO E 311 48.41 -9.45 -11.40
CA PRO E 311 47.50 -8.29 -11.34
C PRO E 311 46.36 -8.36 -12.36
N ALA E 312 46.34 -9.34 -13.24
CA ALA E 312 45.20 -9.59 -14.11
C ALA E 312 44.32 -10.72 -13.61
N ARG E 313 44.92 -11.73 -12.97
CA ARG E 313 44.18 -12.92 -12.58
C ARG E 313 43.34 -12.62 -11.34
N VAL E 314 43.87 -11.87 -10.40
CA VAL E 314 43.21 -11.68 -9.10
C VAL E 314 41.95 -10.79 -9.23
N PRO E 315 42.08 -9.58 -9.77
CA PRO E 315 40.90 -8.70 -9.86
C PRO E 315 39.76 -9.30 -10.67
N LEU E 316 40.07 -10.13 -11.65
CA LEU E 316 39.04 -10.79 -12.46
C LEU E 316 38.14 -11.65 -11.60
N GLY E 317 38.75 -12.51 -10.79
CA GLY E 317 37.97 -13.38 -9.93
C GLY E 317 37.15 -12.61 -8.92
N ILE E 318 37.77 -11.63 -8.25
CA ILE E 318 37.00 -10.94 -7.21
C ILE E 318 35.85 -10.14 -7.82
N THR E 319 36.07 -9.56 -9.01
CA THR E 319 35.00 -8.81 -9.66
C THR E 319 33.89 -9.72 -10.15
N THR E 320 34.22 -10.93 -10.61
CA THR E 320 33.18 -11.89 -10.96
C THR E 320 32.32 -12.24 -9.75
N VAL E 321 32.95 -12.42 -8.58
CA VAL E 321 32.18 -12.70 -7.37
C VAL E 321 31.22 -11.54 -7.05
N LEU E 322 31.72 -10.30 -7.12
CA LEU E 322 30.87 -9.14 -6.87
C LEU E 322 29.68 -9.11 -7.84
N THR E 323 29.93 -9.42 -9.11
CA THR E 323 28.85 -9.35 -10.10
C THR E 323 27.78 -10.38 -9.82
N MET E 324 28.19 -11.62 -9.53
CA MET E 324 27.21 -12.64 -9.17
C MET E 324 26.40 -12.23 -7.95
N SER E 325 27.04 -11.57 -6.98
CA SER E 325 26.30 -11.13 -5.79
C SER E 325 25.25 -10.07 -6.15
N THR E 326 25.59 -9.09 -7.00
CA THR E 326 24.59 -8.09 -7.38
C THR E 326 23.45 -8.71 -8.17
N ILE E 327 23.74 -9.75 -8.95
CA ILE E 327 22.68 -10.44 -9.67
C ILE E 327 21.71 -11.12 -8.70
N ILE E 328 22.25 -11.84 -7.72
CA ILE E 328 21.38 -12.57 -6.80
C ILE E 328 20.53 -11.61 -5.97
N THR E 329 21.14 -10.53 -5.48
CA THR E 329 20.37 -9.54 -4.71
C THR E 329 19.23 -8.97 -5.57
N GLY E 330 19.52 -8.65 -6.82
CA GLY E 330 18.51 -8.04 -7.67
C GLY E 330 17.38 -8.99 -7.98
N VAL E 331 17.70 -10.29 -8.14
CA VAL E 331 16.69 -11.32 -8.38
C VAL E 331 15.80 -11.50 -7.15
N ASN E 332 16.38 -11.49 -5.96
CA ASN E 332 15.56 -11.54 -4.76
C ASN E 332 14.57 -10.39 -4.69
N ALA E 333 15.04 -9.18 -4.95
CA ALA E 333 14.18 -8.02 -4.79
C ALA E 333 12.90 -8.08 -5.63
N SER E 334 12.80 -8.99 -6.60
CA SER E 334 11.72 -8.94 -7.57
C SER E 334 10.75 -10.11 -7.50
N MET E 335 10.96 -11.04 -6.59
CA MET E 335 10.10 -12.20 -6.41
C MET E 335 9.16 -11.95 -5.24
N PRO E 336 8.01 -12.64 -5.20
CA PRO E 336 7.12 -12.49 -4.04
C PRO E 336 7.81 -12.93 -2.76
N ARG E 337 7.53 -12.19 -1.69
CA ARG E 337 8.23 -12.37 -0.41
C ARG E 337 7.68 -13.63 0.28
N VAL E 338 8.22 -14.77 -0.13
CA VAL E 338 7.87 -16.07 0.44
C VAL E 338 9.15 -16.66 1.04
N SER E 339 9.16 -16.84 2.36
CA SER E 339 10.37 -17.13 3.11
C SER E 339 10.54 -18.63 3.31
N TYR E 340 10.79 -19.33 2.20
CA TYR E 340 11.26 -20.71 2.26
C TYR E 340 11.88 -21.07 0.91
N ILE E 341 12.55 -22.22 0.89
CA ILE E 341 13.50 -22.50 -0.19
C ILE E 341 12.76 -22.94 -1.44
N LYS E 342 13.09 -22.32 -2.57
CA LYS E 342 12.49 -22.65 -3.86
C LYS E 342 13.58 -23.05 -4.85
N ALA E 343 13.15 -23.59 -6.00
CA ALA E 343 14.10 -24.29 -6.88
C ALA E 343 15.14 -23.34 -7.43
N VAL E 344 14.75 -22.08 -7.64
CA VAL E 344 15.55 -21.12 -8.37
C VAL E 344 16.63 -20.60 -7.44
N ASP E 345 16.37 -20.66 -6.14
CA ASP E 345 17.41 -20.40 -5.14
C ASP E 345 18.48 -21.46 -5.18
N ILE E 346 18.10 -22.72 -5.36
CA ILE E 346 19.09 -23.79 -5.39
C ILE E 346 20.04 -23.61 -6.57
N TYR E 347 19.49 -23.26 -7.74
CA TYR E 347 20.31 -23.04 -8.93
C TYR E 347 21.27 -21.86 -8.72
N LEU E 348 20.76 -20.76 -8.17
CA LEU E 348 21.56 -19.56 -7.99
C LEU E 348 22.71 -19.80 -7.00
N TRP E 349 22.41 -20.45 -5.88
CA TRP E 349 23.41 -20.65 -4.84
C TRP E 349 24.49 -21.62 -5.31
N VAL E 350 24.13 -22.65 -6.08
CA VAL E 350 25.12 -23.58 -6.61
C VAL E 350 26.06 -22.88 -7.57
N SER E 351 25.52 -21.99 -8.38
CA SER E 351 26.32 -21.20 -9.32
C SER E 351 27.33 -20.33 -8.59
N PHE E 352 26.94 -19.81 -7.43
CA PHE E 352 27.79 -18.93 -6.64
C PHE E 352 28.95 -19.72 -6.05
N VAL E 353 28.67 -20.96 -5.66
CA VAL E 353 29.73 -21.82 -5.14
C VAL E 353 30.76 -22.12 -6.22
N PHE E 354 30.30 -22.34 -7.45
CA PHE E 354 31.22 -22.58 -8.57
C PHE E 354 32.18 -21.40 -8.76
N VAL E 355 31.65 -20.18 -8.70
CA VAL E 355 32.46 -18.97 -8.90
C VAL E 355 33.49 -18.83 -7.78
N PHE E 356 33.10 -19.23 -6.57
CA PHE E 356 33.96 -19.15 -5.39
C PHE E 356 35.13 -20.11 -5.52
N LEU E 357 34.86 -21.33 -6.00
CA LEU E 357 35.93 -22.31 -6.13
C LEU E 357 36.94 -21.92 -7.20
N SER E 358 36.51 -21.18 -8.23
CA SER E 358 37.45 -20.77 -9.26
C SER E 358 38.49 -19.78 -8.73
N VAL E 359 38.17 -19.08 -7.65
CA VAL E 359 39.16 -18.16 -7.09
C VAL E 359 40.14 -18.92 -6.21
N LEU E 360 39.65 -19.92 -5.46
CA LEU E 360 40.56 -20.73 -4.66
C LEU E 360 41.57 -21.46 -5.52
N GLU E 361 41.21 -21.74 -6.78
CA GLU E 361 42.08 -22.52 -7.64
C GLU E 361 43.36 -21.75 -7.95
N TYR E 362 43.20 -20.47 -8.29
CA TYR E 362 44.35 -19.64 -8.63
C TYR E 362 45.18 -19.30 -7.41
N ALA E 363 44.55 -19.18 -6.23
CA ALA E 363 45.31 -18.97 -5.01
C ALA E 363 46.31 -20.11 -4.79
N ALA E 364 45.87 -21.35 -5.01
CA ALA E 364 46.75 -22.50 -4.85
C ALA E 364 47.85 -22.50 -5.90
N VAL E 365 47.52 -22.13 -7.14
CA VAL E 365 48.52 -22.11 -8.21
C VAL E 365 49.61 -21.10 -7.88
N ASN E 366 49.23 -19.95 -7.36
CA ASN E 366 50.21 -18.88 -7.19
C ASN E 366 51.15 -19.21 -6.04
N TYR E 367 50.61 -19.82 -4.98
CA TYR E 367 51.45 -20.22 -3.86
C TYR E 367 52.45 -21.28 -4.26
N LEU E 368 52.02 -22.29 -5.02
CA LEU E 368 52.93 -23.37 -5.42
C LEU E 368 54.04 -22.85 -6.33
N THR E 369 53.71 -21.93 -7.23
CA THR E 369 54.72 -21.39 -8.14
C THR E 369 55.78 -20.61 -7.38
N THR E 370 55.35 -19.77 -6.43
CA THR E 370 56.29 -19.01 -5.60
C THR E 370 57.19 -19.93 -4.80
N VAL E 371 56.64 -21.02 -4.27
CA VAL E 371 57.45 -21.97 -3.51
C VAL E 371 58.54 -22.57 -4.38
N GLN E 372 58.18 -22.97 -5.61
CA GLN E 372 59.13 -23.61 -6.51
C GLN E 372 60.27 -22.65 -6.85
N GLU E 373 59.93 -21.40 -7.14
CA GLU E 373 60.92 -20.41 -7.54
C GLU E 373 61.88 -20.13 -6.41
N ARG E 374 61.38 -20.08 -5.18
CA ARG E 374 62.24 -19.74 -4.05
C ARG E 374 63.20 -20.88 -3.76
N LYS E 375 62.71 -22.10 -3.93
CA LYS E 375 63.46 -23.33 -3.70
C LYS E 375 64.59 -23.42 -4.72
N GLU E 376 64.30 -23.03 -5.97
CA GLU E 376 65.30 -23.13 -7.02
C GLU E 376 66.42 -22.14 -6.83
N GLN E 377 66.07 -20.90 -6.47
CA GLN E 377 67.08 -19.89 -6.22
C GLN E 377 67.92 -20.24 -5.00
N LYS E 378 67.30 -20.82 -3.97
CA LYS E 378 68.02 -21.20 -2.76
C LYS E 378 69.02 -22.31 -3.07
N ASP E 451 55.56 -22.62 -19.29
CA ASP E 451 54.72 -23.81 -19.35
C ASP E 451 53.45 -23.65 -18.51
N THR E 452 52.49 -24.53 -18.74
CA THR E 452 51.23 -24.51 -18.02
C THR E 452 51.29 -25.43 -16.80
N HIS E 453 50.83 -24.92 -15.65
CA HIS E 453 50.75 -25.71 -14.44
C HIS E 453 49.69 -26.80 -14.57
N ALA E 454 49.92 -27.92 -13.89
CA ALA E 454 49.03 -29.07 -14.03
C ALA E 454 47.62 -28.76 -13.54
N ILE E 455 47.50 -27.90 -12.53
CA ILE E 455 46.18 -27.59 -11.97
C ILE E 455 45.29 -26.91 -13.00
N ASP E 456 45.85 -25.94 -13.73
CA ASP E 456 45.09 -25.30 -14.80
C ASP E 456 44.65 -26.31 -15.85
N LYS E 457 45.57 -27.21 -16.24
CA LYS E 457 45.26 -28.21 -17.26
C LYS E 457 44.11 -29.11 -16.81
N TYR E 458 44.09 -29.48 -15.53
CA TYR E 458 42.97 -30.33 -15.15
C TYR E 458 41.68 -29.54 -14.98
N SER E 459 41.77 -28.31 -14.47
CA SER E 459 40.58 -27.51 -14.22
C SER E 459 39.84 -27.22 -15.51
N ARG E 460 40.58 -26.95 -16.59
CA ARG E 460 40.01 -26.63 -17.90
C ARG E 460 39.03 -27.71 -18.35
N ILE E 461 39.23 -28.96 -17.91
CA ILE E 461 38.34 -30.05 -18.24
C ILE E 461 37.31 -30.29 -17.14
N ILE E 462 37.75 -30.22 -15.88
CA ILE E 462 36.92 -30.72 -14.78
C ILE E 462 35.75 -29.77 -14.49
N PHE E 463 35.99 -28.46 -14.54
CA PHE E 463 34.90 -27.54 -14.18
C PHE E 463 33.68 -27.65 -15.10
N PRO E 464 33.80 -27.53 -16.43
CA PRO E 464 32.60 -27.67 -17.28
C PRO E 464 31.87 -29.00 -17.17
N ALA E 465 32.60 -30.12 -17.03
CA ALA E 465 31.93 -31.41 -16.93
C ALA E 465 31.06 -31.46 -15.67
N ALA E 466 31.59 -31.01 -14.54
CA ALA E 466 30.80 -31.00 -13.31
C ALA E 466 29.57 -30.11 -13.46
N TYR E 467 29.71 -28.95 -14.10
CA TYR E 467 28.54 -28.09 -14.26
C TYR E 467 27.48 -28.73 -15.15
N ILE E 468 27.92 -29.41 -16.22
CA ILE E 468 26.97 -30.08 -17.10
C ILE E 468 26.25 -31.20 -16.36
N LEU E 469 26.97 -31.95 -15.52
CA LEU E 469 26.34 -33.03 -14.76
C LEU E 469 25.31 -32.47 -13.78
N PHE E 470 25.65 -31.37 -13.10
CA PHE E 470 24.68 -30.74 -12.21
C PHE E 470 23.44 -30.32 -12.97
N ASN E 471 23.61 -29.76 -14.17
CA ASN E 471 22.45 -29.33 -14.94
C ASN E 471 21.57 -30.52 -15.34
N LEU E 472 22.20 -31.62 -15.75
CA LEU E 472 21.42 -32.81 -16.10
C LEU E 472 20.59 -33.29 -14.92
N ILE E 473 21.20 -33.38 -13.74
CA ILE E 473 20.47 -33.87 -12.57
C ILE E 473 19.34 -32.90 -12.20
N TYR E 474 19.64 -31.59 -12.19
CA TYR E 474 18.66 -30.59 -11.81
C TYR E 474 17.45 -30.64 -12.73
N TRP E 475 17.67 -30.65 -14.05
CA TRP E 475 16.55 -30.60 -14.97
C TRP E 475 15.84 -31.94 -15.10
N SER E 476 16.48 -33.06 -14.73
CA SER E 476 15.73 -34.31 -14.63
C SER E 476 14.85 -34.32 -13.38
N ILE E 477 15.23 -33.59 -12.34
CA ILE E 477 14.43 -33.60 -11.13
C ILE E 477 13.24 -32.64 -11.25
N PHE E 478 13.50 -31.41 -11.71
CA PHE E 478 12.48 -30.38 -11.72
C PHE E 478 11.78 -30.23 -13.06
N SER E 479 12.00 -31.15 -13.99
CA SER E 479 11.32 -31.16 -15.30
C SER E 479 11.75 -29.99 -16.17
#